data_3O4F
#
_entry.id   3O4F
#
_cell.length_a   123.110
_cell.length_b   123.110
_cell.length_c   210.010
_cell.angle_alpha   90.00
_cell.angle_beta   90.00
_cell.angle_gamma   90.00
#
_symmetry.space_group_name_H-M   'P 43'
#
loop_
_entity.id
_entity.type
_entity.pdbx_description
1 polymer 'Spermidine synthase'
2 non-polymer 'SULFATE ION'
3 water water
#
_entity_poly.entity_id   1
_entity_poly.type   'polypeptide(L)'
_entity_poly.pdbx_seq_one_letter_code
;HHHHHHMAEKKQWHETLHDQFGQYFAVDNVLYHEKTDHQDLIIFENAAFGRVMALDGVVQTTERDEFIYHEMMTHVPLLA
HGHAKHVLIIGGGDGAMLREVTRHKNVESITMVEIDAGVVSFCRQYLPNHNAGSYDDPRFKLVIDDGVNFVNQTSQTFDV
IISDCTDPIGPGESLFTSAFYEGCKRCLNPGGIFVAQNGVCFLQQEEAIDSHRKLSHYFSDVGFYQAAIPTYYGGIMTFA
WATDNDALRHLSTEIIQARFLASGLKCRYYNPAIHTAAFALPQYLQDALASQPS
;
_entity_poly.pdbx_strand_id   A,B,C,D,E,F,G,H
#
loop_
_chem_comp.id
_chem_comp.type
_chem_comp.name
_chem_comp.formula
SO4 non-polymer 'SULFATE ION' 'O4 S -2'
#
# COMPACT_ATOMS: atom_id res chain seq x y z
N LYS A 10 15.22 -3.02 -18.20
CA LYS A 10 15.33 -4.30 -19.00
C LYS A 10 13.96 -5.02 -19.14
N LYS A 11 13.96 -6.31 -19.46
CA LYS A 11 12.82 -7.19 -19.21
C LYS A 11 13.21 -8.15 -18.09
N GLN A 12 12.25 -8.60 -17.27
CA GLN A 12 12.56 -9.56 -16.22
C GLN A 12 12.27 -10.98 -16.66
N TRP A 13 12.99 -11.92 -16.06
CA TRP A 13 12.77 -13.33 -16.28
C TRP A 13 12.69 -13.99 -14.92
N HIS A 14 11.62 -14.75 -14.68
CA HIS A 14 11.37 -15.35 -13.37
C HIS A 14 11.59 -16.86 -13.42
N GLU A 15 12.23 -17.40 -12.40
CA GLU A 15 12.31 -18.84 -12.27
C GLU A 15 10.94 -19.30 -11.84
N THR A 16 10.52 -20.48 -12.29
CA THR A 16 9.22 -21.05 -11.94
C THR A 16 9.31 -22.36 -11.13
N LEU A 17 10.50 -22.70 -10.66
CA LEU A 17 10.70 -23.99 -10.08
C LEU A 17 9.69 -24.20 -8.97
N HIS A 18 9.48 -23.17 -8.13
CA HIS A 18 8.43 -23.21 -7.09
C HIS A 18 7.32 -22.17 -7.38
N ASP A 19 6.10 -22.52 -7.01
CA ASP A 19 4.96 -21.64 -7.21
C ASP A 19 4.94 -20.46 -6.25
N GLN A 20 5.46 -20.65 -5.05
CA GLN A 20 5.29 -19.71 -3.97
C GLN A 20 6.35 -18.63 -3.89
N PHE A 21 7.49 -18.84 -4.51
CA PHE A 21 8.59 -17.90 -4.43
C PHE A 21 9.63 -18.25 -5.48
N GLY A 22 10.53 -17.32 -5.79
CA GLY A 22 11.58 -17.65 -6.75
C GLY A 22 12.66 -16.62 -6.79
N GLN A 23 13.55 -16.78 -7.76
CA GLN A 23 14.55 -15.77 -8.10
C GLN A 23 14.20 -15.24 -9.47
N TYR A 24 14.56 -13.97 -9.72
CA TYR A 24 14.37 -13.40 -11.03
C TYR A 24 15.62 -12.61 -11.47
N PHE A 25 15.72 -12.37 -12.78
CA PHE A 25 16.87 -11.69 -13.37
C PHE A 25 16.44 -10.70 -14.41
N ALA A 26 17.14 -9.57 -14.44
CA ALA A 26 17.06 -8.63 -15.56
C ALA A 26 17.63 -9.31 -16.81
N VAL A 27 16.98 -9.10 -17.94
CA VAL A 27 17.51 -9.57 -19.21
C VAL A 27 18.09 -8.39 -19.95
N ASP A 28 19.37 -8.49 -20.29
CA ASP A 28 20.06 -7.49 -21.10
C ASP A 28 19.93 -7.87 -22.57
N ASN A 29 19.82 -9.18 -22.85
CA ASN A 29 19.81 -9.67 -24.23
C ASN A 29 19.56 -11.18 -24.27
N VAL A 30 18.59 -11.62 -25.08
CA VAL A 30 18.33 -13.08 -25.21
C VAL A 30 19.19 -13.64 -26.33
N LEU A 31 20.04 -14.59 -26.02
CA LEU A 31 20.90 -15.22 -27.02
C LEU A 31 20.18 -16.37 -27.74
N TYR A 32 19.22 -16.99 -27.09
CA TYR A 32 18.51 -18.14 -27.66
C TYR A 32 17.21 -18.37 -26.92
N HIS A 33 16.16 -18.72 -27.65
CA HIS A 33 14.87 -19.09 -27.04
C HIS A 33 14.10 -20.07 -27.92
N GLU A 34 13.68 -21.19 -27.35
CA GLU A 34 12.86 -22.18 -28.05
C GLU A 34 11.67 -22.60 -27.18
N LYS A 35 10.44 -22.40 -27.66
CA LYS A 35 9.24 -22.76 -26.88
C LYS A 35 8.25 -23.58 -27.72
N GLN A 39 9.42 -28.57 -24.59
CA GLN A 39 10.63 -28.16 -23.91
C GLN A 39 10.90 -26.67 -24.15
N ASP A 40 10.78 -25.86 -23.09
CA ASP A 40 11.01 -24.41 -23.21
C ASP A 40 12.42 -24.15 -22.72
N LEU A 41 13.32 -23.84 -23.66
CA LEU A 41 14.73 -23.65 -23.37
C LEU A 41 15.18 -22.23 -23.71
N ILE A 42 15.98 -21.65 -22.84
CA ILE A 42 16.39 -20.25 -23.02
C ILE A 42 17.81 -20.00 -22.56
N ILE A 43 18.49 -19.09 -23.26
CA ILE A 43 19.78 -18.58 -22.80
C ILE A 43 19.80 -17.08 -22.97
N PHE A 44 20.01 -16.34 -21.86
CA PHE A 44 20.09 -14.88 -21.92
C PHE A 44 21.21 -14.34 -21.08
N GLU A 45 21.63 -13.11 -21.35
CA GLU A 45 22.71 -12.50 -20.61
C GLU A 45 22.09 -11.63 -19.56
N ASN A 46 22.66 -11.68 -18.36
CA ASN A 46 22.25 -10.85 -17.24
C ASN A 46 23.52 -10.16 -16.73
N ALA A 47 23.42 -8.88 -16.35
CA ALA A 47 24.58 -8.15 -15.83
C ALA A 47 25.33 -8.85 -14.70
N ALA A 48 24.61 -9.45 -13.75
CA ALA A 48 25.24 -9.99 -12.55
C ALA A 48 25.85 -11.35 -12.80
N PHE A 49 25.06 -12.26 -13.39
CA PHE A 49 25.42 -13.67 -13.48
C PHE A 49 25.81 -14.14 -14.87
N GLY A 50 26.05 -13.20 -15.78
CA GLY A 50 26.40 -13.54 -17.13
C GLY A 50 25.30 -14.31 -17.87
N ARG A 51 25.72 -15.29 -18.66
CA ARG A 51 24.80 -16.13 -19.41
C ARG A 51 24.06 -17.07 -18.48
N VAL A 52 22.75 -17.18 -18.68
CA VAL A 52 21.91 -17.96 -17.79
C VAL A 52 21.13 -18.95 -18.64
N MET A 53 21.27 -20.25 -18.37
CA MET A 53 20.49 -21.27 -19.11
C MET A 53 19.34 -21.67 -18.24
N ALA A 54 18.16 -21.80 -18.84
CA ALA A 54 16.97 -22.21 -18.08
C ALA A 54 16.10 -23.09 -18.92
N LEU A 55 15.58 -24.15 -18.30
CA LEU A 55 14.78 -25.16 -19.01
C LEU A 55 13.47 -25.37 -18.26
N ASP A 56 12.37 -25.13 -18.99
CA ASP A 56 11.05 -25.24 -18.44
C ASP A 56 10.95 -24.41 -17.14
N GLY A 57 11.50 -23.21 -17.21
CA GLY A 57 11.37 -22.23 -16.14
C GLY A 57 12.29 -22.44 -14.96
N VAL A 58 13.21 -23.41 -15.05
CA VAL A 58 14.09 -23.75 -13.93
C VAL A 58 15.56 -23.51 -14.33
N VAL A 59 16.27 -22.69 -13.54
CA VAL A 59 17.66 -22.31 -13.89
C VAL A 59 18.57 -23.52 -13.80
N GLN A 60 19.26 -23.84 -14.89
CA GLN A 60 20.13 -24.99 -14.95
C GLN A 60 21.54 -24.59 -14.56
N THR A 61 22.01 -23.47 -15.08
CA THR A 61 23.37 -23.02 -14.83
C THR A 61 23.52 -21.54 -15.18
N THR A 62 24.63 -21.00 -14.73
CA THR A 62 24.89 -19.59 -14.82
C THR A 62 26.37 -19.46 -15.05
N GLU A 63 26.75 -18.56 -15.94
CA GLU A 63 28.14 -18.39 -16.31
C GLU A 63 28.98 -18.06 -15.09
N ARG A 64 28.49 -17.12 -14.28
CA ARG A 64 29.29 -16.50 -13.25
C ARG A 64 29.48 -17.35 -11.98
N ASP A 65 28.57 -18.27 -11.68
CA ASP A 65 28.64 -19.02 -10.42
C ASP A 65 28.76 -20.55 -10.57
N GLU A 66 28.73 -21.05 -11.80
CA GLU A 66 28.85 -22.47 -12.03
C GLU A 66 30.13 -23.04 -11.42
N PHE A 67 31.20 -22.24 -11.31
CA PHE A 67 32.42 -22.76 -10.69
C PHE A 67 32.20 -23.39 -9.30
N ILE A 68 31.34 -22.81 -8.49
CA ILE A 68 31.18 -23.27 -7.13
C ILE A 68 30.64 -24.65 -7.23
N TYR A 69 29.58 -24.79 -8.04
CA TYR A 69 28.91 -26.11 -8.22
C TYR A 69 29.90 -27.14 -8.73
N HIS A 70 30.59 -26.81 -9.82
CA HIS A 70 31.43 -27.80 -10.48
C HIS A 70 32.70 -28.08 -9.74
N GLU A 71 33.29 -27.07 -9.13
CA GLU A 71 34.44 -27.36 -8.26
C GLU A 71 34.04 -28.34 -7.18
N MET A 72 32.99 -28.05 -6.43
CA MET A 72 32.69 -28.86 -5.24
C MET A 72 32.25 -30.24 -5.67
N MET A 73 31.71 -30.34 -6.86
CA MET A 73 31.19 -31.62 -7.25
C MET A 73 32.33 -32.53 -7.75
N THR A 74 33.43 -31.94 -8.15
CA THR A 74 34.45 -32.71 -8.82
C THR A 74 35.66 -32.97 -7.89
N HIS A 75 36.11 -31.95 -7.18
CA HIS A 75 37.37 -32.04 -6.43
C HIS A 75 37.21 -32.74 -5.09
N VAL A 76 36.07 -32.53 -4.43
CA VAL A 76 35.87 -33.16 -3.13
C VAL A 76 36.14 -34.66 -3.27
N PRO A 77 35.41 -35.34 -4.18
CA PRO A 77 35.68 -36.77 -4.32
C PRO A 77 37.04 -37.07 -4.94
N LEU A 78 37.39 -36.38 -6.00
CA LEU A 78 38.64 -36.76 -6.65
C LEU A 78 39.80 -36.74 -5.71
N LEU A 79 39.89 -35.71 -4.85
CA LEU A 79 41.00 -35.59 -3.92
C LEU A 79 40.73 -36.37 -2.66
N ALA A 80 39.51 -36.75 -2.38
CA ALA A 80 39.26 -37.59 -1.20
C ALA A 80 39.69 -39.00 -1.56
N HIS A 81 39.21 -39.49 -2.69
CA HIS A 81 39.82 -40.67 -3.30
C HIS A 81 41.23 -40.22 -3.54
N GLY A 82 42.19 -41.07 -3.33
CA GLY A 82 43.54 -40.55 -3.59
C GLY A 82 43.93 -40.53 -5.07
N HIS A 83 43.51 -41.59 -5.76
CA HIS A 83 44.15 -42.03 -6.98
C HIS A 83 43.10 -42.41 -8.02
N ALA A 84 42.25 -41.45 -8.37
CA ALA A 84 41.21 -41.65 -9.35
C ALA A 84 41.80 -41.60 -10.75
N LYS A 85 41.81 -42.74 -11.45
CA LYS A 85 42.36 -42.81 -12.80
C LYS A 85 41.29 -42.76 -13.88
N HIS A 86 40.08 -43.24 -13.56
CA HIS A 86 38.95 -43.22 -14.49
C HIS A 86 37.68 -42.65 -13.84
N VAL A 87 37.11 -41.67 -14.52
CA VAL A 87 35.93 -40.97 -14.03
C VAL A 87 34.79 -41.05 -15.01
N LEU A 88 33.58 -41.24 -14.48
CA LEU A 88 32.39 -41.24 -15.28
C LEU A 88 31.54 -40.06 -14.89
N ILE A 89 31.16 -39.23 -15.85
CA ILE A 89 30.24 -38.16 -15.60
C ILE A 89 28.90 -38.51 -16.21
N ILE A 90 27.84 -38.41 -15.41
CA ILE A 90 26.48 -38.65 -15.87
C ILE A 90 25.73 -37.34 -15.86
N GLY A 91 25.15 -36.98 -16.98
CA GLY A 91 24.65 -35.63 -17.14
C GLY A 91 25.84 -34.76 -17.44
N GLY A 92 25.76 -33.50 -17.08
CA GLY A 92 26.85 -32.56 -17.37
C GLY A 92 27.06 -32.26 -18.84
N GLY A 93 25.98 -31.96 -19.56
CA GLY A 93 26.07 -31.59 -20.97
C GLY A 93 26.81 -30.29 -21.23
N ASP A 94 26.79 -29.38 -20.24
CA ASP A 94 27.50 -28.10 -20.37
C ASP A 94 29.02 -28.25 -20.47
N GLY A 95 29.56 -29.29 -19.83
CA GLY A 95 30.97 -29.60 -19.92
C GLY A 95 31.81 -28.92 -18.88
N ALA A 96 31.18 -28.21 -17.96
CA ALA A 96 31.91 -27.58 -16.85
C ALA A 96 32.56 -28.66 -16.00
N MET A 97 31.81 -29.70 -15.71
CA MET A 97 32.32 -30.85 -14.95
C MET A 97 33.51 -31.45 -15.68
N LEU A 98 33.38 -31.66 -16.99
CA LEU A 98 34.51 -32.19 -17.76
C LEU A 98 35.73 -31.29 -17.60
N ARG A 99 35.52 -29.98 -17.66
CA ARG A 99 36.61 -29.05 -17.49
C ARG A 99 37.36 -29.29 -16.21
N GLU A 100 36.65 -29.42 -15.13
CA GLU A 100 37.30 -29.52 -13.83
C GLU A 100 37.98 -30.86 -13.70
N VAL A 101 37.31 -31.94 -14.07
CA VAL A 101 37.93 -33.26 -13.98
C VAL A 101 39.24 -33.27 -14.79
N THR A 102 39.20 -32.63 -15.95
CA THR A 102 40.35 -32.43 -16.80
C THR A 102 41.56 -31.88 -16.06
N ARG A 103 41.34 -31.04 -15.05
CA ARG A 103 42.48 -30.37 -14.39
C ARG A 103 43.33 -31.27 -13.51
N HIS A 104 42.90 -32.51 -13.36
CA HIS A 104 43.67 -33.51 -12.62
C HIS A 104 44.57 -34.31 -13.56
N LYS A 105 45.85 -34.01 -13.50
CA LYS A 105 46.78 -34.63 -14.44
C LYS A 105 46.79 -36.15 -14.32
N ASN A 106 46.60 -36.64 -13.11
CA ASN A 106 46.64 -38.08 -12.86
C ASN A 106 45.48 -38.89 -13.48
N VAL A 107 44.37 -38.24 -13.75
CA VAL A 107 43.24 -38.92 -14.37
C VAL A 107 43.68 -39.34 -15.76
N GLU A 108 43.38 -40.57 -16.14
CA GLU A 108 43.77 -41.04 -17.46
C GLU A 108 42.61 -41.36 -18.41
N SER A 109 41.37 -41.47 -17.91
CA SER A 109 40.21 -41.58 -18.82
C SER A 109 38.95 -40.99 -18.24
N ILE A 110 38.19 -40.30 -19.09
CA ILE A 110 36.96 -39.60 -18.67
C ILE A 110 35.81 -39.97 -19.59
N THR A 111 34.67 -40.38 -19.05
CA THR A 111 33.54 -40.69 -19.89
C THR A 111 32.29 -39.90 -19.50
N MET A 112 31.70 -39.23 -20.47
CA MET A 112 30.46 -38.49 -20.26
C MET A 112 29.36 -39.26 -20.96
N VAL A 113 28.39 -39.72 -20.18
CA VAL A 113 27.16 -40.30 -20.72
C VAL A 113 26.11 -39.21 -20.69
N GLU A 114 25.41 -39.02 -21.81
CA GLU A 114 24.41 -37.95 -21.92
C GLU A 114 23.20 -38.40 -22.75
N ILE A 115 22.05 -37.82 -22.43
CA ILE A 115 20.78 -38.24 -23.02
C ILE A 115 20.74 -38.08 -24.53
N ASP A 116 21.30 -36.99 -25.06
CA ASP A 116 21.49 -36.85 -26.52
C ASP A 116 22.65 -35.93 -26.89
N ALA A 117 23.22 -36.16 -28.08
CA ALA A 117 24.37 -35.42 -28.59
C ALA A 117 24.03 -33.97 -28.92
N GLY A 118 22.74 -33.66 -29.01
CA GLY A 118 22.27 -32.31 -29.27
C GLY A 118 22.57 -31.38 -28.12
N VAL A 119 22.19 -31.80 -26.91
CA VAL A 119 22.36 -30.95 -25.73
C VAL A 119 23.81 -30.56 -25.45
N VAL A 120 24.77 -31.35 -25.96
CA VAL A 120 26.18 -31.04 -25.70
C VAL A 120 26.71 -30.01 -26.69
N SER A 121 26.52 -30.24 -27.99
CA SER A 121 27.04 -29.30 -29.00
C SER A 121 26.27 -27.97 -28.90
N PHE A 122 25.04 -28.03 -28.42
CA PHE A 122 24.29 -26.82 -28.14
C PHE A 122 24.99 -25.96 -27.08
N CYS A 123 25.21 -26.56 -25.91
CA CYS A 123 25.94 -25.89 -24.83
C CYS A 123 27.34 -25.49 -25.27
N ARG A 124 27.93 -26.29 -26.15
CA ARG A 124 29.27 -26.01 -26.67
C ARG A 124 29.26 -24.69 -27.40
N GLN A 125 28.17 -24.39 -28.08
CA GLN A 125 28.04 -23.15 -28.87
C GLN A 125 27.71 -21.94 -28.00
N TYR A 126 26.73 -22.11 -27.12
CA TYR A 126 26.17 -20.99 -26.39
C TYR A 126 26.80 -20.76 -25.01
N LEU A 127 27.34 -21.82 -24.40
CA LEU A 127 28.04 -21.74 -23.11
C LEU A 127 29.48 -22.24 -23.27
N PRO A 128 30.28 -21.49 -24.05
CA PRO A 128 31.63 -21.95 -24.36
C PRO A 128 32.55 -21.93 -23.14
N ASN A 129 32.28 -21.06 -22.18
CA ASN A 129 33.16 -20.99 -21.02
C ASN A 129 32.92 -22.08 -19.98
N HIS A 130 31.84 -22.83 -20.16
CA HIS A 130 31.62 -23.98 -19.35
C HIS A 130 32.64 -25.03 -19.70
N ASN A 131 32.63 -25.49 -20.96
CA ASN A 131 33.58 -26.53 -21.32
C ASN A 131 35.01 -25.94 -21.32
N ALA A 132 35.16 -24.70 -21.80
CA ALA A 132 36.47 -24.03 -21.88
C ALA A 132 37.50 -24.83 -22.64
N GLY A 133 37.13 -25.36 -23.79
CA GLY A 133 38.07 -26.13 -24.63
C GLY A 133 38.33 -27.55 -24.18
N SER A 134 37.70 -27.92 -23.06
CA SER A 134 37.84 -29.21 -22.39
C SER A 134 37.49 -30.43 -23.27
N TYR A 135 36.59 -30.26 -24.23
CA TYR A 135 36.18 -31.37 -25.11
C TYR A 135 37.29 -31.86 -26.06
N ASP A 136 38.27 -30.99 -26.31
CA ASP A 136 39.43 -31.34 -27.10
C ASP A 136 40.41 -32.25 -26.35
N ASP A 137 40.19 -32.46 -25.05
CA ASP A 137 41.11 -33.27 -24.25
C ASP A 137 41.22 -34.72 -24.80
N PRO A 138 42.45 -35.22 -24.96
CA PRO A 138 42.72 -36.60 -25.43
C PRO A 138 42.08 -37.75 -24.63
N ARG A 139 41.87 -37.55 -23.34
CA ARG A 139 41.35 -38.62 -22.49
C ARG A 139 39.83 -38.72 -22.47
N PHE A 140 39.16 -37.82 -23.16
CA PHE A 140 37.71 -37.73 -23.09
C PHE A 140 36.97 -38.66 -24.05
N LYS A 141 35.88 -39.26 -23.60
CA LYS A 141 34.96 -40.01 -24.45
C LYS A 141 33.49 -39.62 -24.12
N LEU A 142 32.74 -39.29 -25.17
CA LEU A 142 31.30 -39.00 -25.04
C LEU A 142 30.49 -40.22 -25.48
N VAL A 143 29.51 -40.56 -24.64
CA VAL A 143 28.54 -41.60 -24.96
C VAL A 143 27.16 -40.97 -24.96
N ILE A 144 26.32 -41.36 -25.90
CA ILE A 144 24.93 -40.94 -25.93
C ILE A 144 24.09 -42.13 -25.54
N ASP A 145 23.44 -42.02 -24.40
CA ASP A 145 22.64 -43.12 -23.87
C ASP A 145 21.92 -42.68 -22.60
N ASP A 146 20.91 -43.46 -22.23
CA ASP A 146 20.31 -43.37 -20.92
C ASP A 146 21.36 -43.79 -19.86
N GLY A 147 21.45 -43.01 -18.79
CA GLY A 147 22.42 -43.26 -17.70
C GLY A 147 22.15 -44.53 -16.91
N VAL A 148 20.87 -44.87 -16.79
CA VAL A 148 20.47 -46.07 -16.08
C VAL A 148 20.77 -47.29 -16.93
N ASN A 149 20.69 -47.12 -18.24
CA ASN A 149 21.00 -48.18 -19.19
C ASN A 149 22.50 -48.51 -19.26
N PHE A 150 23.32 -47.61 -18.74
CA PHE A 150 24.70 -47.90 -18.40
C PHE A 150 24.80 -48.69 -17.05
N VAL A 151 23.82 -49.57 -16.96
CA VAL A 151 23.74 -50.68 -16.05
C VAL A 151 24.33 -51.82 -16.87
N ASN A 152 24.37 -51.61 -18.19
CA ASN A 152 24.99 -52.54 -19.18
C ASN A 152 26.53 -52.47 -19.18
N GLN A 153 27.09 -51.28 -18.97
CA GLN A 153 28.56 -51.07 -18.92
C GLN A 153 28.97 -51.29 -20.34
N THR A 154 30.22 -51.05 -20.73
CA THR A 154 30.80 -51.86 -21.87
C THR A 154 31.76 -52.85 -21.22
N SER A 155 31.31 -53.39 -20.08
CA SER A 155 32.16 -53.96 -19.03
C SER A 155 33.11 -52.89 -18.48
N GLN A 156 32.73 -51.62 -18.66
CA GLN A 156 33.58 -50.52 -18.24
C GLN A 156 33.47 -50.35 -16.75
N THR A 157 34.43 -49.62 -16.20
CA THR A 157 34.72 -49.69 -14.76
C THR A 157 35.41 -48.38 -14.31
N PHE A 158 34.89 -47.73 -13.26
CA PHE A 158 35.39 -46.38 -12.84
C PHE A 158 35.75 -46.24 -11.37
N ASP A 159 36.49 -45.17 -11.08
CA ASP A 159 36.94 -44.86 -9.71
C ASP A 159 36.12 -43.75 -9.08
N VAL A 160 35.56 -42.85 -9.89
CA VAL A 160 34.58 -41.87 -9.42
C VAL A 160 33.43 -41.73 -10.42
N ILE A 161 32.21 -41.66 -9.93
CA ILE A 161 31.06 -41.40 -10.80
C ILE A 161 30.45 -40.14 -10.31
N ILE A 162 30.25 -39.18 -11.19
CA ILE A 162 29.62 -37.90 -10.80
C ILE A 162 28.30 -37.71 -11.54
N SER A 163 27.20 -37.62 -10.80
CA SER A 163 25.88 -37.58 -11.42
C SER A 163 25.18 -36.24 -11.26
N ASP A 164 24.63 -35.74 -12.36
CA ASP A 164 23.56 -34.72 -12.33
C ASP A 164 22.27 -35.20 -11.69
N CYS A 165 22.11 -36.52 -11.64
CA CYS A 165 20.79 -37.18 -11.60
C CYS A 165 20.70 -38.00 -10.30
N THR A 166 19.52 -38.56 -10.00
CA THR A 166 19.31 -39.17 -8.70
C THR A 166 17.99 -39.95 -8.70
N ASP A 167 18.00 -41.24 -8.35
CA ASP A 167 16.78 -42.08 -8.34
C ASP A 167 15.69 -41.40 -7.52
N PRO A 168 14.72 -40.84 -8.20
CA PRO A 168 13.72 -39.93 -7.63
C PRO A 168 12.77 -40.50 -6.61
N ILE A 169 12.42 -39.67 -5.64
CA ILE A 169 11.47 -40.06 -4.63
C ILE A 169 10.17 -40.18 -5.34
N GLY A 170 9.44 -41.24 -5.07
CA GLY A 170 8.21 -41.45 -5.77
C GLY A 170 7.18 -42.12 -4.91
N PRO A 171 5.94 -41.89 -5.24
CA PRO A 171 4.82 -42.34 -4.44
C PRO A 171 4.66 -43.84 -4.29
N GLY A 172 4.75 -44.58 -5.37
CA GLY A 172 4.53 -46.00 -5.26
C GLY A 172 5.80 -46.74 -5.42
N GLU A 173 6.89 -46.01 -5.32
CA GLU A 173 8.21 -46.56 -5.68
C GLU A 173 8.73 -47.51 -4.57
N SER A 174 9.96 -47.94 -4.79
CA SER A 174 10.65 -48.72 -3.83
C SER A 174 11.38 -47.79 -2.90
N LEU A 175 11.78 -48.39 -1.79
CA LEU A 175 12.40 -47.66 -0.71
C LEU A 175 13.86 -48.00 -0.61
N PHE A 176 14.25 -49.19 -1.05
CA PHE A 176 15.64 -49.66 -0.99
C PHE A 176 16.25 -49.97 -2.36
N THR A 177 15.42 -50.35 -3.34
CA THR A 177 15.93 -50.87 -4.60
C THR A 177 15.98 -49.82 -5.65
N SER A 178 17.13 -49.65 -6.30
CA SER A 178 17.18 -48.89 -7.54
C SER A 178 18.03 -49.57 -8.57
N ALA A 179 17.51 -49.64 -9.79
CA ALA A 179 18.30 -50.02 -10.95
C ALA A 179 19.55 -49.14 -11.10
N PHE A 180 19.38 -47.82 -10.98
CA PHE A 180 20.50 -46.87 -11.16
C PHE A 180 21.63 -47.09 -10.15
N TYR A 181 21.32 -47.02 -8.87
CA TYR A 181 22.40 -47.11 -7.88
C TYR A 181 23.09 -48.46 -7.96
N GLU A 182 22.36 -49.51 -8.33
CA GLU A 182 22.95 -50.84 -8.50
C GLU A 182 23.94 -50.91 -9.67
N GLY A 183 23.51 -50.34 -10.78
CA GLY A 183 24.36 -50.19 -11.95
C GLY A 183 25.61 -49.44 -11.58
N CYS A 184 25.44 -48.29 -10.93
CA CYS A 184 26.59 -47.52 -10.48
C CYS A 184 27.54 -48.41 -9.69
N LYS A 185 27.02 -49.24 -8.80
CA LYS A 185 27.94 -50.07 -8.04
C LYS A 185 28.57 -51.15 -8.85
N ARG A 186 27.79 -51.82 -9.70
CA ARG A 186 28.36 -52.90 -10.55
C ARG A 186 29.65 -52.42 -11.20
N CYS A 187 29.63 -51.18 -11.66
CA CYS A 187 30.73 -50.67 -12.46
C CYS A 187 31.63 -49.65 -11.78
N LEU A 188 31.76 -49.79 -10.48
CA LEU A 188 32.66 -48.97 -9.74
C LEU A 188 33.79 -49.85 -9.25
N ASN A 189 35.01 -49.48 -9.57
CA ASN A 189 36.14 -50.20 -9.01
C ASN A 189 35.96 -50.34 -7.51
N PRO A 190 36.80 -51.12 -6.84
CA PRO A 190 36.59 -51.37 -5.42
C PRO A 190 36.69 -50.18 -4.51
N GLY A 191 37.64 -49.29 -4.73
CA GLY A 191 37.74 -48.18 -3.78
C GLY A 191 36.79 -47.00 -3.98
N GLY A 192 35.83 -47.14 -4.91
CA GLY A 192 35.25 -46.03 -5.66
C GLY A 192 34.24 -45.17 -4.95
N ILE A 193 33.98 -43.99 -5.50
CA ILE A 193 33.01 -43.07 -4.92
C ILE A 193 31.99 -42.67 -5.94
N PHE A 194 30.77 -42.49 -5.44
CA PHE A 194 29.66 -41.98 -6.23
C PHE A 194 29.24 -40.71 -5.57
N VAL A 195 29.18 -39.63 -6.32
CA VAL A 195 28.58 -38.40 -5.76
C VAL A 195 27.45 -38.00 -6.70
N ALA A 196 26.43 -37.36 -6.14
CA ALA A 196 25.34 -36.83 -6.95
C ALA A 196 24.73 -35.60 -6.28
N GLN A 197 24.17 -34.74 -7.11
CA GLN A 197 23.56 -33.53 -6.71
C GLN A 197 22.19 -33.90 -6.18
N ASN A 198 21.91 -33.40 -4.97
CA ASN A 198 20.75 -33.87 -4.25
C ASN A 198 19.82 -32.77 -3.78
N GLY A 199 19.94 -31.57 -4.38
CA GLY A 199 18.94 -30.51 -4.24
C GLY A 199 19.22 -29.63 -3.06
N VAL A 200 18.49 -28.51 -2.95
CA VAL A 200 18.72 -27.60 -1.83
C VAL A 200 17.92 -28.12 -0.65
N CYS A 201 18.49 -28.05 0.55
CA CYS A 201 17.99 -28.80 1.69
C CYS A 201 17.09 -28.02 2.67
N PHE A 202 16.94 -26.70 2.46
CA PHE A 202 16.17 -25.90 3.43
C PHE A 202 14.67 -26.23 3.51
N LEU A 203 13.99 -26.20 2.38
CA LEU A 203 12.56 -26.45 2.27
C LEU A 203 12.08 -27.84 2.55
N GLN A 204 12.84 -28.82 2.16
CA GLN A 204 12.48 -30.22 2.33
C GLN A 204 13.71 -31.10 2.40
N GLN A 205 13.65 -32.15 3.21
CA GLN A 205 14.73 -33.10 3.30
C GLN A 205 14.33 -34.54 2.90
N GLU A 206 13.11 -34.72 2.40
CA GLU A 206 12.68 -36.05 2.03
C GLU A 206 13.58 -36.64 0.91
N GLU A 207 13.96 -35.80 -0.05
CA GLU A 207 14.84 -36.25 -1.10
C GLU A 207 16.17 -36.76 -0.54
N ALA A 208 16.74 -36.07 0.45
CA ALA A 208 17.95 -36.58 1.12
C ALA A 208 17.68 -37.88 1.86
N ILE A 209 16.56 -37.99 2.55
CA ILE A 209 16.27 -39.19 3.35
C ILE A 209 16.16 -40.38 2.40
N ASP A 210 15.42 -40.19 1.31
CA ASP A 210 15.19 -41.26 0.36
C ASP A 210 16.52 -41.70 -0.28
N SER A 211 17.31 -40.72 -0.77
CA SER A 211 18.64 -40.99 -1.33
C SER A 211 19.49 -41.81 -0.38
N HIS A 212 19.53 -41.35 0.87
CA HIS A 212 20.29 -42.09 1.84
C HIS A 212 19.80 -43.54 1.91
N ARG A 213 18.49 -43.72 2.03
CA ARG A 213 17.96 -45.07 2.20
C ARG A 213 18.32 -45.98 1.06
N LYS A 214 18.12 -45.51 -0.18
CA LYS A 214 18.43 -46.29 -1.40
C LYS A 214 19.92 -46.59 -1.50
N LEU A 215 20.73 -45.53 -1.45
CA LEU A 215 22.19 -45.69 -1.57
C LEU A 215 22.75 -46.59 -0.49
N SER A 216 22.12 -46.67 0.65
CA SER A 216 22.64 -47.52 1.69
C SER A 216 22.47 -48.99 1.37
N HIS A 217 21.55 -49.33 0.46
CA HIS A 217 21.35 -50.71 0.04
C HIS A 217 22.53 -51.22 -0.76
N TYR A 218 23.19 -50.33 -1.49
CA TYR A 218 24.28 -50.72 -2.39
C TYR A 218 25.67 -50.28 -1.90
N PHE A 219 25.72 -49.35 -0.96
CA PHE A 219 27.00 -48.88 -0.43
C PHE A 219 27.02 -48.94 1.09
N SER A 220 28.20 -49.20 1.63
CA SER A 220 28.38 -49.33 3.08
C SER A 220 28.62 -48.00 3.76
N ASP A 221 28.92 -46.95 3.01
CA ASP A 221 29.10 -45.65 3.63
C ASP A 221 28.40 -44.63 2.75
N VAL A 222 27.38 -43.98 3.31
CA VAL A 222 26.51 -43.08 2.57
C VAL A 222 26.27 -41.82 3.41
N GLY A 223 26.54 -40.68 2.85
CA GLY A 223 26.32 -39.41 3.55
C GLY A 223 26.18 -38.28 2.56
N PHE A 224 26.30 -37.05 3.05
CA PHE A 224 26.21 -35.85 2.23
C PHE A 224 27.24 -34.83 2.58
N TYR A 225 27.65 -34.05 1.57
CA TYR A 225 28.33 -32.80 1.83
C TYR A 225 27.59 -31.65 1.22
N GLN A 226 28.06 -30.43 1.42
CA GLN A 226 27.27 -29.29 0.99
C GLN A 226 28.06 -28.08 0.57
N ALA A 227 27.36 -27.24 -0.17
CA ALA A 227 27.90 -26.00 -0.67
C ALA A 227 26.69 -25.13 -1.00
N ALA A 228 26.88 -23.82 -0.94
CA ALA A 228 25.78 -22.91 -1.21
C ALA A 228 26.04 -22.20 -2.54
N ILE A 229 25.24 -22.58 -3.56
CA ILE A 229 25.34 -22.03 -4.91
C ILE A 229 24.31 -20.95 -5.13
N PRO A 230 24.75 -19.69 -5.31
CA PRO A 230 23.86 -18.53 -5.27
C PRO A 230 22.58 -18.73 -6.06
N THR A 231 22.77 -19.34 -7.21
CA THR A 231 21.75 -19.40 -8.25
C THR A 231 20.81 -20.62 -8.15
N TYR A 232 21.13 -21.54 -7.23
CA TYR A 232 20.16 -22.53 -6.76
C TYR A 232 19.59 -22.05 -5.43
N TYR A 233 18.41 -21.45 -5.54
CA TYR A 233 17.86 -20.62 -4.48
C TYR A 233 17.53 -21.43 -3.26
N GLY A 234 17.79 -20.87 -2.08
CA GLY A 234 17.34 -21.50 -0.82
C GLY A 234 18.42 -22.06 0.08
N GLY A 235 19.58 -21.40 0.10
CA GLY A 235 20.64 -21.82 1.00
C GLY A 235 21.45 -22.98 0.43
N ILE A 236 21.87 -23.89 1.31
CA ILE A 236 22.84 -24.90 0.94
C ILE A 236 22.19 -25.97 0.12
N MET A 237 23.01 -26.60 -0.73
CA MET A 237 22.65 -27.70 -1.58
C MET A 237 23.39 -28.88 -1.03
N THR A 238 22.90 -30.06 -1.31
CA THR A 238 23.43 -31.24 -0.73
C THR A 238 23.91 -32.22 -1.77
N PHE A 239 25.08 -32.77 -1.56
CA PHE A 239 25.66 -33.69 -2.50
C PHE A 239 25.77 -35.06 -1.87
N ALA A 240 25.17 -36.04 -2.52
CA ALA A 240 25.18 -37.39 -1.97
C ALA A 240 26.57 -37.93 -2.11
N TRP A 241 26.93 -38.75 -1.14
CA TRP A 241 28.25 -39.36 -1.08
C TRP A 241 28.08 -40.82 -0.76
N ALA A 242 28.52 -41.69 -1.66
CA ALA A 242 28.33 -43.13 -1.51
C ALA A 242 29.57 -43.89 -1.94
N THR A 243 29.98 -44.79 -1.06
CA THR A 243 31.21 -45.53 -1.20
C THR A 243 31.26 -46.72 -0.25
N ASP A 244 32.01 -47.75 -0.63
CA ASP A 244 32.29 -48.85 0.27
C ASP A 244 33.53 -48.57 1.12
N ASN A 245 34.32 -47.57 0.75
CA ASN A 245 35.48 -47.26 1.54
C ASN A 245 35.04 -46.26 2.57
N ASP A 246 34.97 -46.67 3.81
CA ASP A 246 34.35 -45.83 4.79
C ASP A 246 35.23 -44.78 5.43
N ALA A 247 36.48 -44.73 5.04
CA ALA A 247 37.38 -43.74 5.59
C ALA A 247 37.50 -42.52 4.71
N LEU A 248 36.94 -42.59 3.54
CA LEU A 248 37.13 -41.56 2.59
C LEU A 248 36.66 -40.22 3.04
N ARG A 249 35.59 -40.18 3.80
CA ARG A 249 35.09 -38.89 4.25
C ARG A 249 35.59 -38.47 5.61
N HIS A 250 36.53 -39.20 6.19
CA HIS A 250 37.11 -38.82 7.46
C HIS A 250 38.61 -38.56 7.36
N LEU A 251 39.06 -38.18 6.18
CA LEU A 251 40.45 -37.85 6.01
C LEU A 251 40.76 -36.54 6.71
N SER A 252 41.96 -36.42 7.26
CA SER A 252 42.46 -35.22 7.89
C SER A 252 42.59 -34.14 6.89
N THR A 253 42.41 -32.90 7.29
CA THR A 253 42.48 -31.82 6.31
C THR A 253 43.92 -31.73 5.81
N GLU A 254 44.85 -32.08 6.70
CA GLU A 254 46.27 -32.15 6.33
C GLU A 254 46.54 -32.95 5.05
N ILE A 255 46.00 -34.17 4.96
CA ILE A 255 46.24 -35.03 3.81
C ILE A 255 45.61 -34.48 2.55
N ILE A 256 44.42 -33.90 2.69
CA ILE A 256 43.76 -33.26 1.56
C ILE A 256 44.64 -32.14 1.05
N GLN A 257 45.18 -31.38 2.00
CA GLN A 257 46.05 -30.25 1.67
C GLN A 257 47.28 -30.78 0.91
N ALA A 258 47.84 -31.89 1.36
CA ALA A 258 48.98 -32.45 0.67
C ALA A 258 48.63 -32.78 -0.79
N ARG A 259 47.52 -33.45 -0.96
CA ARG A 259 47.10 -33.89 -2.25
C ARG A 259 46.79 -32.71 -3.13
N PHE A 260 46.26 -31.69 -2.51
CA PHE A 260 45.94 -30.44 -3.19
C PHE A 260 47.22 -29.67 -3.62
N LEU A 261 48.30 -29.66 -2.80
CA LEU A 261 49.50 -28.84 -3.14
C LEU A 261 49.96 -29.21 -4.51
N ALA A 262 49.86 -30.48 -4.86
CA ALA A 262 49.85 -30.83 -6.26
C ALA A 262 49.46 -32.25 -6.21
N SER A 263 48.66 -32.68 -7.17
CA SER A 263 48.41 -31.86 -8.33
C SER A 263 47.83 -30.53 -7.97
N GLY A 264 48.42 -29.49 -8.57
CA GLY A 264 48.19 -28.11 -8.21
C GLY A 264 47.09 -27.32 -8.85
N LEU A 265 45.86 -27.60 -8.49
CA LEU A 265 44.79 -26.80 -8.98
C LEU A 265 44.88 -25.49 -8.27
N LYS A 266 44.34 -24.49 -8.93
CA LYS A 266 44.13 -23.20 -8.31
C LYS A 266 42.68 -23.15 -8.52
N CYS A 267 41.94 -22.96 -7.46
CA CYS A 267 40.53 -23.11 -7.50
C CYS A 267 39.98 -21.80 -7.07
N ARG A 268 38.71 -21.58 -7.31
CA ARG A 268 38.14 -20.27 -6.95
C ARG A 268 37.14 -20.33 -5.82
N TYR A 269 36.65 -21.53 -5.52
CA TYR A 269 35.86 -21.75 -4.33
C TYR A 269 36.54 -22.78 -3.49
N TYR A 270 36.82 -23.93 -4.08
CA TYR A 270 37.39 -25.08 -3.35
C TYR A 270 38.73 -24.76 -2.72
N ASN A 271 38.92 -25.34 -1.52
CA ASN A 271 40.22 -25.46 -0.88
C ASN A 271 40.11 -26.53 0.24
N PRO A 272 41.22 -26.98 0.81
CA PRO A 272 41.11 -28.09 1.74
C PRO A 272 40.32 -27.80 3.03
N ALA A 273 40.33 -26.55 3.49
CA ALA A 273 39.45 -26.19 4.61
C ALA A 273 38.02 -26.36 4.19
N ILE A 274 37.70 -25.92 2.98
CA ILE A 274 36.33 -25.97 2.50
C ILE A 274 35.92 -27.39 2.39
N HIS A 275 36.85 -28.20 1.89
CA HIS A 275 36.58 -29.61 1.63
C HIS A 275 36.14 -30.28 2.89
N THR A 276 36.98 -30.20 3.90
CA THR A 276 36.66 -30.80 5.15
C THR A 276 35.35 -30.27 5.67
N ALA A 277 35.17 -28.97 5.67
CA ALA A 277 34.02 -28.36 6.33
C ALA A 277 32.72 -28.74 5.58
N ALA A 278 32.85 -28.98 4.28
CA ALA A 278 31.71 -29.33 3.44
C ALA A 278 30.90 -30.44 4.08
N PHE A 279 31.53 -31.31 4.85
CA PHE A 279 30.82 -32.45 5.42
C PHE A 279 30.08 -32.15 6.73
N ALA A 280 30.30 -30.97 7.31
CA ALA A 280 29.48 -30.52 8.46
C ALA A 280 28.06 -30.16 7.96
N LEU A 281 27.05 -30.78 8.53
CA LEU A 281 25.73 -30.50 8.08
C LEU A 281 24.94 -29.79 9.16
N PRO A 282 24.11 -28.87 8.75
CA PRO A 282 23.27 -28.22 9.71
C PRO A 282 22.36 -29.18 10.43
N GLN A 283 21.99 -28.78 11.63
CA GLN A 283 21.35 -29.66 12.56
C GLN A 283 20.07 -30.23 12.01
N TYR A 284 19.24 -29.39 11.38
CA TYR A 284 17.95 -29.87 10.86
C TYR A 284 18.20 -31.01 9.88
N LEU A 285 19.25 -30.91 9.09
CA LEU A 285 19.46 -31.96 8.11
C LEU A 285 19.82 -33.27 8.78
N GLN A 286 20.54 -33.18 9.90
CA GLN A 286 20.99 -34.38 10.54
C GLN A 286 19.83 -35.04 11.19
N ASP A 287 18.97 -34.24 11.81
CA ASP A 287 17.82 -34.82 12.50
C ASP A 287 16.86 -35.48 11.46
N ALA A 288 16.75 -34.89 10.29
CA ALA A 288 15.96 -35.51 9.25
C ALA A 288 16.58 -36.84 8.91
N LEU A 289 17.88 -36.91 8.90
CA LEU A 289 18.54 -38.14 8.58
C LEU A 289 18.76 -39.07 9.74
N ALA A 290 18.33 -38.69 10.93
CA ALA A 290 18.65 -39.43 12.15
C ALA A 290 17.94 -40.79 12.23
N SER A 291 16.67 -40.85 11.83
CA SER A 291 15.98 -42.15 11.61
C SER A 291 16.86 -43.22 10.91
N GLN A 292 17.45 -42.89 9.74
CA GLN A 292 18.29 -43.82 8.96
C GLN A 292 19.41 -44.40 9.87
N PRO A 293 19.78 -45.70 9.72
CA PRO A 293 20.41 -46.43 10.87
C PRO A 293 21.94 -46.38 11.11
N SER A 294 22.29 -46.41 12.41
CA SER A 294 23.65 -46.64 12.91
C SER A 294 23.99 -48.15 12.89
N LYS B 11 -1.01 -12.18 -6.50
CA LYS B 11 -0.18 -11.07 -5.96
C LYS B 11 1.22 -11.59 -5.58
N GLN B 12 2.27 -10.87 -5.98
CA GLN B 12 3.65 -11.22 -5.64
C GLN B 12 4.39 -10.01 -5.10
N TRP B 13 5.59 -10.25 -4.59
CA TRP B 13 6.37 -9.20 -3.94
C TRP B 13 7.84 -9.43 -4.24
N HIS B 14 8.47 -8.41 -4.81
CA HIS B 14 9.86 -8.53 -5.26
C HIS B 14 10.78 -7.77 -4.34
N GLU B 15 11.93 -8.36 -4.04
CA GLU B 15 12.99 -7.64 -3.32
C GLU B 15 13.71 -6.74 -4.29
N THR B 16 14.05 -5.54 -3.85
CA THR B 16 14.60 -4.50 -4.71
C THR B 16 16.04 -4.19 -4.38
N LEU B 17 16.65 -5.00 -3.51
CA LEU B 17 17.98 -4.72 -2.96
C LEU B 17 19.00 -4.53 -4.03
N HIS B 18 18.92 -5.32 -5.09
CA HIS B 18 19.72 -5.09 -6.30
C HIS B 18 18.86 -4.83 -7.54
N ASP B 19 19.33 -3.94 -8.41
CA ASP B 19 18.57 -3.59 -9.62
C ASP B 19 18.55 -4.72 -10.64
N GLN B 20 19.58 -5.54 -10.64
CA GLN B 20 19.78 -6.51 -11.72
C GLN B 20 19.16 -7.88 -11.53
N PHE B 21 18.77 -8.19 -10.29
CA PHE B 21 18.24 -9.49 -9.98
C PHE B 21 17.66 -9.46 -8.54
N GLY B 22 16.81 -10.42 -8.22
CA GLY B 22 16.35 -10.51 -6.86
C GLY B 22 15.70 -11.83 -6.52
N GLN B 23 15.13 -11.88 -5.31
CA GLN B 23 14.22 -12.94 -4.91
C GLN B 23 12.81 -12.35 -4.88
N TYR B 24 11.79 -13.17 -5.14
CA TYR B 24 10.41 -12.74 -4.98
C TYR B 24 9.60 -13.79 -4.24
N PHE B 25 8.43 -13.38 -3.74
CA PHE B 25 7.56 -14.25 -2.96
C PHE B 25 6.12 -14.07 -3.33
N ALA B 26 5.34 -15.17 -3.31
CA ALA B 26 3.88 -15.10 -3.38
C ALA B 26 3.42 -14.47 -2.07
N VAL B 27 2.39 -13.65 -2.14
CA VAL B 27 1.76 -13.12 -0.95
C VAL B 27 0.43 -13.82 -0.74
N ASP B 28 0.29 -14.49 0.40
CA ASP B 28 -0.98 -15.09 0.76
C ASP B 28 -1.88 -14.04 1.43
N ASN B 29 -1.26 -13.10 2.15
CA ASN B 29 -1.99 -12.16 3.00
C ASN B 29 -1.03 -11.09 3.52
N VAL B 30 -1.43 -9.84 3.45
CA VAL B 30 -0.59 -8.84 4.05
C VAL B 30 -1.09 -8.59 5.43
N LEU B 31 -0.18 -8.58 6.38
CA LEU B 31 -0.52 -8.33 7.77
C LEU B 31 -0.41 -6.83 8.09
N TYR B 32 0.56 -6.18 7.45
CA TYR B 32 0.86 -4.77 7.74
C TYR B 32 1.55 -4.10 6.55
N HIS B 33 1.20 -2.86 6.25
CA HIS B 33 1.89 -2.13 5.21
C HIS B 33 1.86 -0.66 5.52
N GLU B 34 3.02 0.00 5.52
CA GLU B 34 3.08 1.46 5.69
C GLU B 34 4.01 2.14 4.72
N LYS B 35 3.57 3.25 4.14
CA LYS B 35 4.41 3.99 3.24
C LYS B 35 4.41 5.51 3.46
N THR B 36 5.61 6.06 3.68
CA THR B 36 5.90 7.48 3.78
C THR B 36 6.61 7.82 2.48
N ASP B 37 6.77 9.10 2.18
CA ASP B 37 7.57 9.53 1.03
C ASP B 37 9.03 9.06 1.18
N HIS B 38 9.51 8.85 2.42
CA HIS B 38 10.92 8.46 2.65
C HIS B 38 11.11 6.95 2.82
N GLN B 39 10.15 6.29 3.47
CA GLN B 39 10.34 4.90 3.85
C GLN B 39 9.11 4.01 3.52
N ASP B 40 9.26 2.68 3.53
CA ASP B 40 8.19 1.72 3.19
C ASP B 40 8.40 0.38 3.92
N LEU B 41 7.48 0.01 4.82
CA LEU B 41 7.64 -1.11 5.73
C LEU B 41 6.48 -2.09 5.57
N ILE B 42 6.78 -3.37 5.48
CA ILE B 42 5.75 -4.36 5.17
C ILE B 42 5.94 -5.70 5.89
N ILE B 43 4.82 -6.33 6.22
CA ILE B 43 4.84 -7.68 6.75
C ILE B 43 3.73 -8.46 6.08
N PHE B 44 4.09 -9.55 5.40
CA PHE B 44 3.12 -10.41 4.77
C PHE B 44 3.47 -11.87 4.94
N GLU B 45 2.45 -12.72 4.78
CA GLU B 45 2.63 -14.17 4.97
C GLU B 45 2.88 -14.76 3.61
N ASN B 46 3.84 -15.67 3.56
CA ASN B 46 4.16 -16.45 2.38
C ASN B 46 4.19 -17.92 2.78
N ALA B 47 3.65 -18.79 1.92
CA ALA B 47 3.56 -20.23 2.22
C ALA B 47 4.88 -20.89 2.67
N ALA B 48 5.96 -20.47 2.04
CA ALA B 48 7.25 -21.12 2.20
C ALA B 48 7.97 -20.61 3.41
N PHE B 49 8.06 -19.29 3.52
CA PHE B 49 8.90 -18.67 4.55
C PHE B 49 8.13 -17.98 5.70
N GLY B 50 6.82 -18.21 5.75
CA GLY B 50 5.99 -17.64 6.79
C GLY B 50 5.97 -16.14 6.71
N ARG B 51 5.99 -15.49 7.87
CA ARG B 51 5.94 -14.03 7.90
C ARG B 51 7.25 -13.41 7.41
N VAL B 52 7.15 -12.42 6.54
CA VAL B 52 8.32 -11.81 5.92
C VAL B 52 8.28 -10.31 6.19
N MET B 53 9.35 -9.78 6.81
CA MET B 53 9.41 -8.32 7.06
C MET B 53 10.34 -7.76 6.04
N ALA B 54 9.97 -6.62 5.44
CA ALA B 54 10.78 -5.97 4.39
C ALA B 54 10.69 -4.47 4.52
N LEU B 55 11.85 -3.82 4.41
CA LEU B 55 11.92 -2.37 4.61
C LEU B 55 12.58 -1.73 3.42
N ASP B 56 11.87 -0.78 2.83
CA ASP B 56 12.34 -0.11 1.62
C ASP B 56 12.79 -1.13 0.53
N GLY B 57 12.02 -2.24 0.44
CA GLY B 57 12.18 -3.21 -0.62
C GLY B 57 13.26 -4.21 -0.36
N VAL B 58 13.81 -4.20 0.84
CA VAL B 58 14.90 -5.10 1.18
C VAL B 58 14.47 -6.05 2.36
N VAL B 59 14.52 -7.37 2.14
CA VAL B 59 14.01 -8.35 3.16
C VAL B 59 14.85 -8.29 4.41
N GLN B 60 14.23 -8.02 5.56
CA GLN B 60 14.95 -7.90 6.84
C GLN B 60 15.02 -9.23 7.55
N THR B 61 13.92 -9.94 7.59
CA THR B 61 13.86 -11.22 8.27
C THR B 61 12.65 -12.03 7.81
N THR B 62 12.70 -13.32 8.11
CA THR B 62 11.68 -14.25 7.67
C THR B 62 11.42 -15.21 8.82
N GLU B 63 10.16 -15.52 9.08
CA GLU B 63 9.79 -16.36 10.17
C GLU B 63 10.51 -17.69 10.06
N ARG B 64 10.53 -18.29 8.89
CA ARG B 64 10.94 -19.67 8.74
C ARG B 64 12.45 -19.94 8.74
N ASP B 65 13.26 -18.93 8.39
CA ASP B 65 14.72 -19.12 8.29
C ASP B 65 15.59 -18.23 9.21
N GLU B 66 14.96 -17.37 9.99
CA GLU B 66 15.71 -16.51 10.90
C GLU B 66 16.58 -17.31 11.88
N PHE B 67 16.14 -18.52 12.24
CA PHE B 67 16.97 -19.33 13.11
C PHE B 67 18.42 -19.52 12.66
N ILE B 68 18.64 -19.64 11.36
CA ILE B 68 19.98 -19.87 10.88
C ILE B 68 20.78 -18.61 11.22
N TYR B 69 20.22 -17.47 10.85
CA TYR B 69 20.91 -16.24 11.09
C TYR B 69 21.20 -16.02 12.55
N HIS B 70 20.19 -16.16 13.36
CA HIS B 70 20.37 -15.83 14.75
C HIS B 70 21.17 -16.88 15.50
N GLU B 71 21.01 -18.15 15.17
CA GLU B 71 21.79 -19.13 15.85
C GLU B 71 23.25 -18.92 15.57
N MET B 72 23.61 -18.74 14.33
CA MET B 72 24.99 -18.59 13.97
C MET B 72 25.62 -17.30 14.38
N MET B 73 24.80 -16.31 14.46
CA MET B 73 25.22 -15.05 14.94
C MET B 73 25.46 -15.06 16.42
N THR B 74 24.77 -15.90 17.16
CA THR B 74 24.90 -15.90 18.59
C THR B 74 25.79 -16.92 19.21
N HIS B 75 25.56 -18.17 18.91
CA HIS B 75 26.32 -19.19 19.56
C HIS B 75 27.76 -19.27 19.22
N VAL B 76 28.10 -19.06 17.97
CA VAL B 76 29.49 -19.20 17.57
C VAL B 76 30.40 -18.40 18.53
N PRO B 77 30.11 -17.10 18.76
CA PRO B 77 30.93 -16.36 19.75
C PRO B 77 30.68 -16.78 21.20
N LEU B 78 29.43 -16.90 21.58
CA LEU B 78 29.18 -17.22 22.99
C LEU B 78 29.92 -18.49 23.40
N LEU B 79 29.88 -19.54 22.60
CA LEU B 79 30.53 -20.76 22.98
C LEU B 79 32.01 -20.72 22.68
N ALA B 80 32.48 -19.84 21.81
CA ALA B 80 33.92 -19.76 21.53
C ALA B 80 34.57 -19.06 22.66
N HIS B 81 34.00 -17.92 23.05
CA HIS B 81 34.30 -17.33 24.35
C HIS B 81 33.85 -18.41 25.28
N GLY B 82 34.48 -18.59 26.38
CA GLY B 82 33.99 -19.69 27.22
C GLY B 82 32.88 -19.25 28.14
N HIS B 83 33.04 -18.03 28.65
CA HIS B 83 32.41 -17.61 29.89
C HIS B 83 31.83 -16.21 29.77
N ALA B 84 30.93 -16.03 28.80
CA ALA B 84 30.33 -14.73 28.54
C ALA B 84 29.22 -14.44 29.53
N LYS B 85 29.43 -13.50 30.44
CA LYS B 85 28.43 -13.22 31.48
C LYS B 85 27.55 -12.02 31.11
N HIS B 86 28.09 -11.09 30.31
CA HIS B 86 27.34 -9.93 29.85
C HIS B 86 27.42 -9.72 28.35
N VAL B 87 26.26 -9.57 27.72
CA VAL B 87 26.20 -9.47 26.29
C VAL B 87 25.50 -8.20 25.91
N LEU B 88 25.98 -7.54 24.84
CA LEU B 88 25.32 -6.35 24.30
C LEU B 88 24.87 -6.71 22.90
N ILE B 89 23.59 -6.42 22.61
CA ILE B 89 23.07 -6.58 21.27
C ILE B 89 22.80 -5.18 20.72
N ILE B 90 23.35 -4.92 19.52
CA ILE B 90 23.12 -3.64 18.83
C ILE B 90 22.30 -3.93 17.61
N GLY B 91 21.21 -3.23 17.46
CA GLY B 91 20.23 -3.63 16.47
C GLY B 91 19.44 -4.77 17.09
N GLY B 92 18.93 -5.67 16.24
CA GLY B 92 18.11 -6.79 16.72
C GLY B 92 16.81 -6.38 17.43
N GLY B 93 16.02 -5.53 16.77
CA GLY B 93 14.72 -5.12 17.28
C GLY B 93 13.72 -6.25 17.33
N ASP B 94 13.84 -7.19 16.37
CA ASP B 94 12.94 -8.35 16.29
C ASP B 94 12.98 -9.20 17.59
N GLY B 95 14.15 -9.26 18.20
CA GLY B 95 14.34 -9.99 19.45
C GLY B 95 14.74 -11.45 19.31
N ALA B 96 14.96 -11.88 18.08
CA ALA B 96 15.40 -13.25 17.83
C ALA B 96 16.75 -13.45 18.51
N MET B 97 17.64 -12.49 18.30
CA MET B 97 18.96 -12.55 18.92
C MET B 97 18.78 -12.64 20.42
N LEU B 98 17.93 -11.77 20.98
CA LEU B 98 17.69 -11.86 22.43
C LEU B 98 17.31 -13.29 22.81
N ARG B 99 16.36 -13.86 22.09
CA ARG B 99 15.89 -15.19 22.36
C ARG B 99 17.02 -16.19 22.49
N GLU B 100 17.95 -16.15 21.52
CA GLU B 100 19.04 -17.13 21.50
C GLU B 100 20.01 -16.84 22.64
N VAL B 101 20.41 -15.60 22.79
CA VAL B 101 21.34 -15.28 23.86
C VAL B 101 20.75 -15.76 25.22
N THR B 102 19.45 -15.56 25.37
CA THR B 102 18.68 -16.04 26.53
C THR B 102 18.92 -17.53 26.85
N ARG B 103 19.15 -18.34 25.83
CA ARG B 103 19.24 -19.78 26.02
C ARG B 103 20.50 -20.25 26.71
N HIS B 104 21.43 -19.34 26.95
CA HIS B 104 22.61 -19.64 27.75
C HIS B 104 22.41 -19.31 29.21
N LYS B 105 22.30 -20.33 30.02
CA LYS B 105 21.99 -20.11 31.43
C LYS B 105 23.07 -19.29 32.12
N ASN B 106 24.32 -19.42 31.68
CA ASN B 106 25.44 -18.73 32.30
C ASN B 106 25.47 -17.23 32.10
N VAL B 107 24.80 -16.74 31.09
CA VAL B 107 24.75 -15.30 30.86
C VAL B 107 24.00 -14.71 32.01
N GLU B 108 24.49 -13.60 32.57
CA GLU B 108 23.76 -12.94 33.66
C GLU B 108 23.18 -11.55 33.33
N SER B 109 23.62 -10.92 32.26
CA SER B 109 22.97 -9.68 31.86
C SER B 109 22.99 -9.52 30.35
N ILE B 110 21.91 -8.97 29.80
CA ILE B 110 21.79 -8.73 28.37
C ILE B 110 21.33 -7.29 28.11
N THR B 111 21.97 -6.60 27.20
CA THR B 111 21.52 -5.27 26.85
C THR B 111 21.29 -5.12 25.36
N MET B 112 20.10 -4.61 25.01
CA MET B 112 19.72 -4.30 23.63
C MET B 112 19.65 -2.77 23.48
N VAL B 113 20.55 -2.22 22.68
CA VAL B 113 20.49 -0.83 22.26
C VAL B 113 19.78 -0.81 20.91
N GLU B 114 18.81 0.07 20.78
CA GLU B 114 18.02 0.15 19.55
C GLU B 114 17.67 1.59 19.21
N ILE B 115 17.55 1.87 17.92
CA ILE B 115 17.34 3.24 17.42
C ILE B 115 16.09 3.88 18.03
N ASP B 116 14.98 3.13 18.11
CA ASP B 116 13.78 3.63 18.79
C ASP B 116 12.91 2.54 19.37
N ALA B 117 12.16 2.88 20.41
CA ALA B 117 11.30 1.92 21.15
C ALA B 117 10.10 1.46 20.32
N GLY B 118 9.83 2.16 19.22
CA GLY B 118 8.76 1.78 18.29
C GLY B 118 9.05 0.49 17.57
N VAL B 119 10.22 0.40 16.94
CA VAL B 119 10.60 -0.77 16.14
C VAL B 119 10.57 -2.08 16.97
N VAL B 120 10.68 -1.98 18.28
CA VAL B 120 10.71 -3.21 19.06
C VAL B 120 9.30 -3.69 19.38
N SER B 121 8.46 -2.83 19.92
CA SER B 121 7.12 -3.26 20.27
C SER B 121 6.31 -3.56 19.03
N PHE B 122 6.70 -2.96 17.89
CA PHE B 122 6.11 -3.31 16.59
C PHE B 122 6.38 -4.78 16.29
N CYS B 123 7.67 -5.13 16.23
CA CYS B 123 8.08 -6.50 15.95
C CYS B 123 7.48 -7.43 16.99
N ARG B 124 7.34 -6.91 18.19
CA ARG B 124 6.78 -7.71 19.26
C ARG B 124 5.35 -8.14 18.91
N GLN B 125 4.64 -7.28 18.21
CA GLN B 125 3.26 -7.56 17.89
C GLN B 125 3.12 -8.43 16.67
N TYR B 126 3.90 -8.13 15.62
CA TYR B 126 3.73 -8.75 14.30
C TYR B 126 4.66 -9.95 14.08
N LEU B 127 5.79 -9.98 14.77
CA LEU B 127 6.74 -11.11 14.71
C LEU B 127 6.97 -11.70 16.11
N PRO B 128 5.89 -12.28 16.68
CA PRO B 128 5.96 -12.76 18.06
C PRO B 128 6.91 -13.96 18.23
N ASN B 129 7.10 -14.74 17.17
CA ASN B 129 7.93 -15.92 17.29
C ASN B 129 9.41 -15.63 17.23
N HIS B 130 9.76 -14.39 16.89
CA HIS B 130 11.15 -13.97 16.89
C HIS B 130 11.59 -13.87 18.33
N ASN B 131 10.94 -13.00 19.08
CA ASN B 131 11.31 -12.84 20.47
C ASN B 131 10.93 -14.08 21.28
N ALA B 132 9.79 -14.67 20.96
CA ALA B 132 9.35 -15.90 21.63
C ALA B 132 9.29 -15.74 23.14
N GLY B 133 8.71 -14.67 23.62
CA GLY B 133 8.60 -14.44 25.08
C GLY B 133 9.90 -14.05 25.80
N SER B 134 10.97 -13.93 25.03
CA SER B 134 12.29 -13.60 25.49
C SER B 134 12.37 -12.23 26.20
N TYR B 135 11.51 -11.28 25.84
CA TYR B 135 11.56 -9.93 26.46
C TYR B 135 11.20 -9.93 27.97
N ASP B 136 10.46 -10.93 28.39
CA ASP B 136 10.11 -11.13 29.80
C ASP B 136 11.28 -11.66 30.64
N ASP B 137 12.40 -11.96 30.04
CA ASP B 137 13.53 -12.51 30.78
C ASP B 137 14.10 -11.51 31.75
N PRO B 138 14.32 -11.93 33.01
CA PRO B 138 14.82 -11.08 34.12
C PRO B 138 16.14 -10.35 33.87
N ARG B 139 17.00 -10.92 33.04
CA ARG B 139 18.33 -10.37 32.82
C ARG B 139 18.37 -9.31 31.73
N PHE B 140 17.23 -9.06 31.09
CA PHE B 140 17.19 -8.18 29.93
C PHE B 140 17.07 -6.69 30.25
N LYS B 141 17.76 -5.87 29.49
CA LYS B 141 17.58 -4.45 29.56
C LYS B 141 17.53 -3.83 28.15
N LEU B 142 16.50 -3.03 27.88
CA LEU B 142 16.39 -2.28 26.63
C LEU B 142 16.85 -0.84 26.83
N VAL B 143 17.71 -0.37 25.91
CA VAL B 143 18.11 1.02 25.84
C VAL B 143 17.73 1.57 24.47
N ILE B 144 17.22 2.81 24.47
CA ILE B 144 16.92 3.48 23.22
C ILE B 144 18.01 4.50 22.99
N ASP B 145 18.78 4.32 21.91
CA ASP B 145 19.89 5.21 21.62
C ASP B 145 20.56 4.82 20.29
N ASP B 146 21.38 5.72 19.81
CA ASP B 146 22.26 5.44 18.73
C ASP B 146 23.22 4.43 19.27
N GLY B 147 23.52 3.41 18.51
CA GLY B 147 24.49 2.45 18.96
C GLY B 147 25.81 3.13 19.09
N VAL B 148 26.08 3.99 18.14
CA VAL B 148 27.33 4.66 18.11
C VAL B 148 27.41 5.46 19.36
N ASN B 149 26.26 5.90 19.84
CA ASN B 149 26.18 6.72 21.03
C ASN B 149 26.77 5.95 22.17
N PHE B 150 26.66 4.64 22.13
CA PHE B 150 27.19 3.84 23.21
C PHE B 150 28.69 3.86 23.28
N VAL B 151 29.30 4.56 22.35
CA VAL B 151 30.70 4.87 22.51
C VAL B 151 30.70 5.74 23.76
N ASN B 152 29.54 6.32 24.08
CA ASN B 152 29.43 7.08 25.31
C ASN B 152 29.66 6.16 26.48
N GLN B 153 29.04 5.00 26.43
CA GLN B 153 29.22 3.98 27.43
C GLN B 153 28.35 4.45 28.53
N THR B 154 27.89 3.56 29.39
CA THR B 154 27.31 3.99 30.66
C THR B 154 28.48 3.66 31.54
N SER B 155 29.61 3.39 30.90
CA SER B 155 30.79 2.96 31.58
C SER B 155 30.56 1.47 31.75
N GLN B 156 29.51 1.04 31.11
CA GLN B 156 29.12 -0.36 31.03
C GLN B 156 30.15 -1.12 30.20
N THR B 157 30.12 -2.44 30.31
CA THR B 157 31.24 -3.25 29.93
C THR B 157 30.76 -4.69 29.62
N PHE B 158 31.14 -5.22 28.45
CA PHE B 158 30.62 -6.50 27.99
C PHE B 158 31.65 -7.53 27.55
N ASP B 159 31.20 -8.78 27.46
CA ASP B 159 32.05 -9.90 27.04
C ASP B 159 31.81 -10.27 25.57
N VAL B 160 30.60 -10.06 25.10
CA VAL B 160 30.31 -10.22 23.69
C VAL B 160 29.46 -9.02 23.27
N ILE B 161 29.74 -8.53 22.05
CA ILE B 161 28.87 -7.53 21.39
C ILE B 161 28.41 -8.10 20.04
N ILE B 162 27.11 -8.11 19.83
CA ILE B 162 26.57 -8.62 18.60
C ILE B 162 25.93 -7.45 17.93
N SER B 163 26.41 -7.11 16.73
CA SER B 163 25.89 -6.00 15.96
C SER B 163 25.04 -6.53 14.81
N ASP B 164 23.73 -6.37 15.01
CA ASP B 164 22.67 -7.01 14.25
C ASP B 164 22.02 -6.04 13.28
N CYS B 165 22.68 -5.79 12.14
CA CYS B 165 22.13 -4.91 11.10
C CYS B 165 22.26 -5.46 9.66
N PHE B 176 28.19 -0.02 11.11
CA PHE B 176 29.42 -0.54 10.50
C PHE B 176 30.38 0.63 10.17
N THR B 177 30.26 1.71 10.97
CA THR B 177 31.18 2.86 10.99
C THR B 177 32.46 2.48 11.75
N SER B 178 33.56 3.19 11.51
CA SER B 178 34.72 3.09 12.38
C SER B 178 34.47 3.65 13.78
N ALA B 179 33.60 4.64 13.89
CA ALA B 179 33.33 5.29 15.18
C ALA B 179 32.73 4.25 16.08
N PHE B 180 31.86 3.45 15.47
CA PHE B 180 31.15 2.39 16.17
C PHE B 180 32.14 1.42 16.85
N TYR B 181 33.27 1.15 16.19
CA TYR B 181 34.25 0.18 16.69
C TYR B 181 35.08 0.60 17.87
N GLU B 182 35.75 1.75 17.81
CA GLU B 182 36.55 2.18 18.95
C GLU B 182 35.75 2.13 20.23
N GLY B 183 34.49 2.58 20.09
CA GLY B 183 33.52 2.51 21.17
C GLY B 183 33.33 1.08 21.60
N CYS B 184 33.09 0.21 20.63
CA CYS B 184 32.96 -1.20 20.93
C CYS B 184 34.16 -1.68 21.74
N LYS B 185 35.39 -1.30 21.35
CA LYS B 185 36.53 -1.78 22.10
C LYS B 185 36.61 -1.18 23.49
N ARG B 186 36.39 0.12 23.59
CA ARG B 186 36.45 0.80 24.90
C ARG B 186 35.66 0.00 25.92
N CYS B 187 34.51 -0.53 25.49
CA CYS B 187 33.59 -1.16 26.42
C CYS B 187 33.47 -2.67 26.28
N LEU B 188 34.53 -3.31 25.85
CA LEU B 188 34.58 -4.74 25.84
C LEU B 188 35.54 -5.16 26.90
N ASN B 189 35.11 -6.03 27.80
CA ASN B 189 35.99 -6.60 28.79
C ASN B 189 37.21 -7.14 28.04
N PRO B 190 38.28 -7.49 28.78
CA PRO B 190 39.52 -7.94 28.12
C PRO B 190 39.43 -9.16 27.18
N GLY B 191 38.69 -10.19 27.57
CA GLY B 191 38.68 -11.37 26.72
C GLY B 191 37.74 -11.32 25.53
N GLY B 192 37.14 -10.18 25.28
CA GLY B 192 35.85 -10.13 24.60
C GLY B 192 35.84 -10.25 23.11
N ILE B 193 34.64 -10.48 22.56
CA ILE B 193 34.44 -10.67 21.12
C ILE B 193 33.39 -9.74 20.58
N PHE B 194 33.64 -9.27 19.38
CA PHE B 194 32.69 -8.46 18.65
C PHE B 194 32.41 -9.26 17.41
N VAL B 195 31.13 -9.48 17.13
CA VAL B 195 30.76 -10.06 15.85
C VAL B 195 29.74 -9.16 15.22
N ALA B 196 29.77 -9.08 13.89
CA ALA B 196 28.81 -8.28 13.13
C ALA B 196 28.48 -8.95 11.78
N GLN B 197 27.28 -8.70 11.31
CA GLN B 197 26.80 -9.23 10.06
C GLN B 197 27.47 -8.41 8.98
N ASN B 198 28.08 -9.04 8.01
CA ASN B 198 28.90 -8.31 7.05
C ASN B 198 28.55 -8.59 5.60
N GLY B 199 27.31 -9.01 5.37
CA GLY B 199 26.75 -9.07 4.01
C GLY B 199 27.13 -10.30 3.22
N VAL B 200 26.45 -10.54 2.10
CA VAL B 200 26.68 -11.76 1.31
C VAL B 200 27.92 -11.52 0.46
N CYS B 201 28.75 -12.53 0.31
CA CYS B 201 30.10 -12.30 -0.16
C CYS B 201 30.33 -12.62 -1.63
N PHE B 202 29.34 -13.20 -2.29
CA PHE B 202 29.54 -13.58 -3.68
C PHE B 202 29.77 -12.45 -4.62
N LEU B 203 28.87 -11.48 -4.63
CA LEU B 203 28.94 -10.34 -5.54
C LEU B 203 30.09 -9.40 -5.39
N GLN B 204 30.40 -9.07 -4.15
CA GLN B 204 31.43 -8.12 -3.82
C GLN B 204 32.06 -8.50 -2.51
N GLN B 205 33.34 -8.17 -2.36
CA GLN B 205 34.05 -8.37 -1.11
C GLN B 205 34.63 -7.09 -0.50
N GLU B 206 34.31 -5.94 -1.09
CA GLU B 206 34.93 -4.69 -0.63
C GLU B 206 34.49 -4.48 0.80
N GLU B 207 33.21 -4.73 1.07
CA GLU B 207 32.69 -4.56 2.43
C GLU B 207 33.45 -5.40 3.46
N ALA B 208 33.79 -6.63 3.08
CA ALA B 208 34.65 -7.44 3.91
C ALA B 208 36.04 -6.84 4.07
N ILE B 209 36.65 -6.37 2.97
CA ILE B 209 38.03 -5.86 3.02
C ILE B 209 38.09 -4.64 3.91
N ASP B 210 37.10 -3.77 3.77
CA ASP B 210 37.04 -2.54 4.54
C ASP B 210 36.84 -2.84 6.01
N SER B 211 35.85 -3.66 6.34
CA SER B 211 35.65 -4.15 7.71
C SER B 211 36.93 -4.66 8.32
N HIS B 212 37.62 -5.53 7.61
CA HIS B 212 38.83 -6.09 8.15
C HIS B 212 39.83 -4.98 8.47
N ARG B 213 40.05 -4.09 7.51
CA ARG B 213 41.01 -3.00 7.69
C ARG B 213 40.68 -2.14 8.91
N LYS B 214 39.43 -1.71 9.01
CA LYS B 214 38.96 -0.93 10.16
C LYS B 214 39.09 -1.69 11.50
N LEU B 215 38.44 -2.85 11.58
CA LEU B 215 38.50 -3.62 12.80
C LEU B 215 39.93 -3.88 13.25
N SER B 216 40.85 -4.05 12.30
CA SER B 216 42.23 -4.38 12.66
C SER B 216 42.93 -3.27 13.41
N HIS B 217 42.43 -2.04 13.27
CA HIS B 217 43.00 -0.91 13.99
C HIS B 217 42.72 -0.96 15.47
N TYR B 218 41.61 -1.59 15.84
CA TYR B 218 41.21 -1.67 17.23
C TYR B 218 41.34 -3.06 17.84
N PHE B 219 41.45 -4.10 17.01
CA PHE B 219 41.56 -5.48 17.49
C PHE B 219 42.75 -6.21 16.91
N SER B 220 43.35 -7.09 17.71
CA SER B 220 44.55 -7.78 17.29
C SER B 220 44.23 -9.05 16.51
N ASP B 221 42.98 -9.49 16.52
CA ASP B 221 42.60 -10.67 15.72
C ASP B 221 41.28 -10.37 15.10
N VAL B 222 41.28 -10.29 13.77
CA VAL B 222 40.13 -9.93 12.98
C VAL B 222 39.98 -10.91 11.81
N GLY B 223 38.80 -11.53 11.69
CA GLY B 223 38.55 -12.48 10.63
C GLY B 223 37.05 -12.60 10.42
N PHE B 224 36.64 -13.63 9.68
CA PHE B 224 35.24 -13.86 9.34
C PHE B 224 34.87 -15.32 9.41
N TYR B 225 33.61 -15.58 9.75
CA TYR B 225 33.03 -16.89 9.58
C TYR B 225 31.83 -16.76 8.66
N GLN B 226 31.16 -17.87 8.35
CA GLN B 226 30.08 -17.79 7.38
C GLN B 226 28.98 -18.80 7.52
N ALA B 227 27.84 -18.44 6.97
CA ALA B 227 26.65 -19.26 7.00
C ALA B 227 25.82 -18.84 5.80
N ALA B 228 24.99 -19.75 5.27
CA ALA B 228 24.19 -19.43 4.11
C ALA B 228 22.72 -19.36 4.53
N ILE B 229 22.18 -18.16 4.53
CA ILE B 229 20.81 -17.93 4.91
C ILE B 229 19.94 -17.74 3.66
N PRO B 230 18.99 -18.66 3.45
CA PRO B 230 18.25 -18.77 2.19
C PRO B 230 17.72 -17.48 1.70
N THR B 231 17.28 -16.66 2.62
CA THR B 231 16.52 -15.48 2.31
C THR B 231 17.36 -14.23 2.17
N TYR B 232 18.65 -14.32 2.48
CA TYR B 232 19.64 -13.34 2.07
C TYR B 232 20.34 -13.91 0.84
N TYR B 233 19.87 -13.44 -0.30
CA TYR B 233 20.12 -14.05 -1.58
C TYR B 233 21.59 -13.94 -1.92
N GLY B 234 22.14 -14.98 -2.57
CA GLY B 234 23.49 -14.91 -3.15
C GLY B 234 24.56 -15.77 -2.48
N GLY B 235 24.13 -16.89 -1.93
CA GLY B 235 25.10 -17.75 -1.27
C GLY B 235 25.39 -17.37 0.16
N ILE B 236 26.66 -17.54 0.56
CA ILE B 236 27.05 -17.42 1.97
C ILE B 236 27.14 -15.96 2.35
N MET B 237 26.87 -15.71 3.63
CA MET B 237 26.96 -14.42 4.28
C MET B 237 28.15 -14.46 5.22
N THR B 238 28.69 -13.31 5.50
CA THR B 238 29.93 -13.28 6.21
C THR B 238 29.75 -12.51 7.48
N PHE B 239 30.30 -13.05 8.56
CA PHE B 239 30.16 -12.44 9.86
C PHE B 239 31.55 -12.01 10.32
N ALA B 240 31.69 -10.73 10.69
CA ALA B 240 32.96 -10.23 11.14
C ALA B 240 33.22 -10.77 12.52
N TRP B 241 34.49 -11.01 12.79
CA TRP B 241 34.94 -11.55 14.06
C TRP B 241 36.14 -10.73 14.52
N ALA B 242 36.02 -10.11 15.68
CA ALA B 242 37.07 -9.24 16.14
C ALA B 242 37.26 -9.41 17.62
N THR B 243 38.53 -9.53 18.00
CA THR B 243 38.88 -9.82 19.38
C THR B 243 40.39 -9.60 19.57
N ASP B 244 40.78 -9.34 20.82
CA ASP B 244 42.17 -9.31 21.19
C ASP B 244 42.65 -10.70 21.60
N ASN B 245 41.73 -11.63 21.78
CA ASN B 245 42.07 -13.00 22.15
C ASN B 245 42.24 -13.82 20.88
N ASP B 246 43.48 -14.02 20.45
CA ASP B 246 43.71 -14.63 19.12
C ASP B 246 43.56 -16.14 19.10
N ALA B 247 43.30 -16.76 20.26
CA ALA B 247 43.02 -18.20 20.35
C ALA B 247 41.58 -18.60 20.01
N LEU B 248 40.65 -17.69 20.26
CA LEU B 248 39.23 -18.05 20.28
C LEU B 248 38.69 -18.64 19.02
N ARG B 249 39.27 -18.32 17.88
CA ARG B 249 38.77 -18.96 16.66
C ARG B 249 39.66 -20.07 16.18
N HIS B 250 40.58 -20.54 17.00
CA HIS B 250 41.29 -21.75 16.68
C HIS B 250 41.01 -22.85 17.69
N LEU B 251 39.90 -22.80 18.39
CA LEU B 251 39.57 -23.81 19.33
C LEU B 251 39.29 -25.12 18.66
N SER B 252 39.64 -26.23 19.30
CA SER B 252 39.36 -27.57 18.77
C SER B 252 37.88 -27.82 18.76
N THR B 253 37.40 -28.62 17.83
CA THR B 253 35.95 -28.83 17.78
C THR B 253 35.51 -29.62 19.04
N GLU B 254 36.41 -30.43 19.57
CA GLU B 254 36.19 -31.15 20.80
C GLU B 254 35.73 -30.20 21.95
N ILE B 255 36.46 -29.10 22.18
CA ILE B 255 36.17 -28.24 23.31
C ILE B 255 34.83 -27.52 23.11
N ILE B 256 34.54 -27.08 21.90
CA ILE B 256 33.24 -26.52 21.58
C ILE B 256 32.17 -27.52 21.86
N GLN B 257 32.42 -28.76 21.43
CA GLN B 257 31.47 -29.85 21.70
C GLN B 257 31.26 -29.97 23.19
N ALA B 258 32.32 -29.90 24.01
CA ALA B 258 32.15 -30.03 25.50
C ALA B 258 31.26 -28.94 26.03
N ARG B 259 31.54 -27.74 25.62
CA ARG B 259 30.76 -26.58 25.98
C ARG B 259 29.37 -26.68 25.45
N PHE B 260 29.20 -27.21 24.26
CA PHE B 260 27.87 -27.36 23.73
C PHE B 260 27.02 -28.33 24.54
N LEU B 261 27.61 -29.42 25.00
CA LEU B 261 26.85 -30.46 25.65
C LEU B 261 26.18 -29.91 26.85
N ALA B 262 26.83 -29.04 27.56
CA ALA B 262 26.09 -28.30 28.53
C ALA B 262 26.93 -27.14 28.70
N SER B 263 26.38 -25.95 28.79
CA SER B 263 24.95 -25.72 28.78
C SER B 263 24.41 -26.23 27.52
N GLY B 264 23.30 -26.92 27.62
CA GLY B 264 22.80 -27.67 26.50
C GLY B 264 21.71 -27.09 25.69
N LEU B 265 22.08 -26.48 24.58
CA LEU B 265 21.16 -25.96 23.65
C LEU B 265 20.74 -27.08 22.81
N LYS B 266 19.58 -26.94 22.20
CA LYS B 266 19.21 -27.82 21.15
C LYS B 266 18.95 -26.81 20.10
N CYS B 267 19.83 -26.72 19.13
CA CYS B 267 19.69 -25.80 18.04
C CYS B 267 19.14 -26.51 16.85
N ARG B 268 18.89 -25.74 15.79
CA ARG B 268 18.32 -26.28 14.56
C ARG B 268 19.18 -26.11 13.29
N TYR B 269 20.19 -25.27 13.39
CA TYR B 269 21.22 -25.21 12.40
C TYR B 269 22.54 -25.51 13.10
N TYR B 270 22.88 -24.72 14.13
CA TYR B 270 24.16 -24.79 14.77
C TYR B 270 24.47 -26.12 15.34
N ASN B 271 25.75 -26.49 15.26
CA ASN B 271 26.32 -27.60 16.07
C ASN B 271 27.87 -27.44 16.03
N PRO B 272 28.59 -28.20 16.86
CA PRO B 272 30.02 -27.91 16.91
C PRO B 272 30.80 -28.15 15.61
N ALA B 273 30.37 -29.13 14.80
CA ALA B 273 30.94 -29.28 13.44
C ALA B 273 30.70 -28.01 12.66
N ILE B 274 29.49 -27.48 12.75
CA ILE B 274 29.17 -26.35 11.92
C ILE B 274 30.02 -25.19 12.35
N HIS B 275 30.21 -25.07 13.65
CA HIS B 275 30.90 -23.93 14.27
C HIS B 275 32.28 -23.89 13.76
N THR B 276 32.99 -24.99 13.89
CA THR B 276 34.34 -25.04 13.39
C THR B 276 34.39 -24.76 11.91
N ALA B 277 33.49 -25.36 11.14
CA ALA B 277 33.59 -25.27 9.70
C ALA B 277 33.28 -23.86 9.27
N ALA B 278 32.44 -23.18 10.06
CA ALA B 278 32.00 -21.83 9.72
C ALA B 278 33.21 -20.96 9.32
N PHE B 279 34.37 -21.25 9.89
CA PHE B 279 35.54 -20.43 9.71
C PHE B 279 36.33 -20.77 8.48
N ALA B 280 35.96 -21.82 7.76
CA ALA B 280 36.59 -22.06 6.42
C ALA B 280 35.94 -21.13 5.43
N LEU B 281 36.76 -20.34 4.75
CA LEU B 281 36.24 -19.40 3.78
C LEU B 281 36.57 -19.90 2.36
N PRO B 282 35.68 -19.64 1.41
CA PRO B 282 35.93 -19.99 0.03
C PRO B 282 37.06 -19.17 -0.52
N GLN B 283 37.75 -19.73 -1.49
CA GLN B 283 39.01 -19.21 -1.93
C GLN B 283 38.93 -17.78 -2.41
N TYR B 284 37.90 -17.43 -3.16
CA TYR B 284 37.79 -16.05 -3.64
C TYR B 284 37.81 -15.04 -2.50
N LEU B 285 37.13 -15.35 -1.39
CA LEU B 285 37.07 -14.42 -0.28
C LEU B 285 38.46 -14.23 0.33
N GLN B 286 39.25 -15.29 0.39
CA GLN B 286 40.53 -15.22 1.06
C GLN B 286 41.50 -14.42 0.27
N ASP B 287 41.64 -14.78 -0.99
CA ASP B 287 42.38 -14.00 -1.99
C ASP B 287 42.12 -12.48 -1.82
N ALA B 288 40.84 -12.10 -1.99
CA ALA B 288 40.37 -10.72 -1.79
C ALA B 288 40.95 -10.05 -0.52
N LEU B 289 41.15 -10.80 0.55
CA LEU B 289 41.73 -10.23 1.76
C LEU B 289 43.29 -10.30 1.83
N ALA B 290 43.95 -10.48 0.68
CA ALA B 290 45.44 -10.41 0.61
C ALA B 290 45.91 -9.94 -0.75
N LYS C 10 -21.89 -4.81 -7.36
CA LYS C 10 -22.78 -4.30 -8.48
C LYS C 10 -21.94 -3.76 -9.70
N LYS C 11 -22.11 -2.50 -10.12
CA LYS C 11 -21.17 -1.89 -11.06
C LYS C 11 -21.20 -0.36 -10.96
N GLN C 12 -20.02 0.27 -10.81
CA GLN C 12 -19.92 1.71 -10.53
C GLN C 12 -19.97 2.59 -11.78
N TRP C 13 -20.55 3.77 -11.61
CA TRP C 13 -20.62 4.76 -12.67
C TRP C 13 -20.06 6.03 -12.13
N HIS C 14 -19.07 6.59 -12.81
CA HIS C 14 -18.33 7.75 -12.30
C HIS C 14 -18.72 9.00 -13.08
N GLU C 15 -18.90 10.11 -12.37
CA GLU C 15 -19.07 11.39 -13.02
C GLU C 15 -17.71 11.81 -13.54
N THR C 16 -17.70 12.48 -14.69
CA THR C 16 -16.43 12.89 -15.33
C THR C 16 -16.33 14.41 -15.48
N LEU C 17 -17.20 15.14 -14.81
CA LEU C 17 -17.24 16.57 -15.01
C LEU C 17 -15.83 17.14 -14.76
N HIS C 18 -15.19 16.74 -13.65
CA HIS C 18 -13.83 17.17 -13.36
C HIS C 18 -12.86 16.00 -13.46
N ASP C 19 -11.66 16.26 -13.93
CA ASP C 19 -10.64 15.22 -14.05
C ASP C 19 -10.06 14.80 -12.71
N GLN C 20 -10.03 15.70 -11.71
CA GLN C 20 -9.29 15.49 -10.47
C GLN C 20 -10.07 14.82 -9.35
N PHE C 21 -11.39 14.82 -9.48
CA PHE C 21 -12.26 14.26 -8.45
C PHE C 21 -13.69 14.17 -8.98
N GLY C 22 -14.51 13.38 -8.33
CA GLY C 22 -15.90 13.28 -8.74
C GLY C 22 -16.77 12.57 -7.74
N GLN C 23 -18.02 12.33 -8.14
CA GLN C 23 -18.95 11.50 -7.37
C GLN C 23 -19.20 10.29 -8.20
N TYR C 24 -19.47 9.16 -7.56
CA TYR C 24 -19.80 7.92 -8.26
C TYR C 24 -21.00 7.25 -7.61
N PHE C 25 -21.64 6.36 -8.38
CA PHE C 25 -22.85 5.64 -7.93
C PHE C 25 -22.82 4.19 -8.32
N ALA C 26 -23.35 3.34 -7.43
CA ALA C 26 -23.64 1.95 -7.75
C ALA C 26 -24.75 1.95 -8.78
N VAL C 27 -24.65 1.04 -9.74
CA VAL C 27 -25.73 0.84 -10.70
C VAL C 27 -26.47 -0.43 -10.31
N ASP C 28 -27.77 -0.31 -10.06
CA ASP C 28 -28.61 -1.47 -9.82
C ASP C 28 -29.17 -1.98 -11.14
N ASN C 29 -29.34 -1.07 -12.11
CA ASN C 29 -29.98 -1.41 -13.39
C ASN C 29 -29.95 -0.24 -14.37
N VAL C 30 -29.44 -0.47 -15.58
CA VAL C 30 -29.44 0.58 -16.60
C VAL C 30 -30.77 0.57 -17.35
N LEU C 31 -31.49 1.68 -17.27
CA LEU C 31 -32.77 1.80 -18.01
C LEU C 31 -32.56 2.22 -19.46
N TYR C 32 -31.51 3.00 -19.72
CA TYR C 32 -31.25 3.51 -21.07
C TYR C 32 -29.76 3.86 -21.23
N HIS C 33 -29.19 3.58 -22.39
CA HIS C 33 -27.82 3.99 -22.69
C HIS C 33 -27.63 4.19 -24.20
N GLU C 34 -27.38 5.40 -24.60
CA GLU C 34 -27.31 5.68 -26.00
C GLU C 34 -26.00 6.40 -26.10
N LYS C 35 -25.04 5.87 -26.83
CA LYS C 35 -23.73 6.49 -26.85
C LYS C 35 -23.17 6.73 -28.23
N THR C 36 -23.78 7.65 -28.95
CA THR C 36 -23.32 7.98 -30.27
C THR C 36 -21.96 8.60 -30.09
N ASP C 37 -21.16 8.59 -31.13
CA ASP C 37 -19.83 9.15 -31.04
C ASP C 37 -20.03 10.60 -30.70
N HIS C 38 -21.09 11.17 -31.24
CA HIS C 38 -21.40 12.56 -31.00
C HIS C 38 -21.65 12.83 -29.52
N GLN C 39 -22.41 11.98 -28.83
CA GLN C 39 -22.63 12.20 -27.41
C GLN C 39 -23.06 10.94 -26.67
N ASP C 40 -22.93 10.95 -25.36
CA ASP C 40 -23.31 9.81 -24.57
C ASP C 40 -24.35 10.21 -23.56
N LEU C 41 -25.43 9.45 -23.51
CA LEU C 41 -26.60 9.74 -22.68
C LEU C 41 -27.06 8.49 -21.95
N ILE C 42 -27.24 8.58 -20.63
CA ILE C 42 -27.53 7.40 -19.81
C ILE C 42 -28.59 7.67 -18.75
N ILE C 43 -29.40 6.65 -18.47
CA ILE C 43 -30.31 6.66 -17.32
C ILE C 43 -30.25 5.32 -16.59
N PHE C 44 -29.89 5.36 -15.31
CA PHE C 44 -29.82 4.15 -14.50
C PHE C 44 -30.41 4.36 -13.10
N GLU C 45 -30.76 3.28 -12.44
CA GLU C 45 -31.33 3.37 -11.12
C GLU C 45 -30.20 3.11 -10.15
N ASN C 46 -30.21 3.89 -9.08
CA ASN C 46 -29.28 3.72 -7.99
C ASN C 46 -30.12 3.62 -6.73
N ALA C 47 -29.71 2.80 -5.79
CA ALA C 47 -30.45 2.62 -4.54
C ALA C 47 -30.68 3.92 -3.77
N ALA C 48 -29.70 4.81 -3.77
CA ALA C 48 -29.81 5.99 -2.95
C ALA C 48 -30.64 7.05 -3.67
N PHE C 49 -30.27 7.37 -4.92
CA PHE C 49 -30.77 8.58 -5.58
C PHE C 49 -31.81 8.29 -6.64
N GLY C 50 -32.27 7.06 -6.67
CA GLY C 50 -33.23 6.66 -7.69
C GLY C 50 -32.69 6.72 -9.11
N ARG C 51 -33.49 7.21 -10.04
CA ARG C 51 -33.06 7.33 -11.43
C ARG C 51 -32.10 8.49 -11.60
N VAL C 52 -31.02 8.25 -12.34
CA VAL C 52 -29.97 9.25 -12.50
C VAL C 52 -29.75 9.47 -13.98
N MET C 53 -29.91 10.69 -14.47
CA MET C 53 -29.64 10.99 -15.88
C MET C 53 -28.28 11.64 -15.96
N ALA C 54 -27.50 11.24 -16.95
CA ALA C 54 -26.16 11.76 -17.12
C ALA C 54 -25.84 11.90 -18.60
N LEU C 55 -25.22 13.02 -18.96
CA LEU C 55 -24.92 13.33 -20.33
C LEU C 55 -23.45 13.67 -20.48
N ASP C 56 -22.75 12.91 -21.33
CA ASP C 56 -21.32 13.08 -21.55
C ASP C 56 -20.57 13.08 -20.23
N GLY C 57 -20.97 12.17 -19.35
CA GLY C 57 -20.28 11.91 -18.09
C GLY C 57 -20.61 12.88 -16.97
N VAL C 58 -21.58 13.77 -17.20
CA VAL C 58 -21.92 14.82 -16.24
C VAL C 58 -23.38 14.65 -15.76
N VAL C 59 -23.59 14.52 -14.44
CA VAL C 59 -24.94 14.23 -13.90
C VAL C 59 -25.81 15.42 -14.16
N GLN C 60 -26.95 15.21 -14.80
CA GLN C 60 -27.91 16.27 -15.12
C GLN C 60 -28.98 16.41 -14.01
N THR C 61 -29.52 15.28 -13.59
CA THR C 61 -30.56 15.28 -12.59
C THR C 61 -30.69 13.89 -11.96
N THR C 62 -31.39 13.84 -10.85
CA THR C 62 -31.52 12.66 -10.03
C THR C 62 -32.91 12.67 -9.46
N GLU C 63 -33.55 11.50 -9.48
CA GLU C 63 -34.95 11.40 -9.07
C GLU C 63 -35.14 11.89 -7.64
N ARG C 64 -34.25 11.49 -6.75
CA ARG C 64 -34.45 11.68 -5.30
C ARG C 64 -34.10 13.05 -4.75
N ASP C 65 -33.28 13.85 -5.44
CA ASP C 65 -32.88 15.19 -4.96
C ASP C 65 -33.21 16.40 -5.86
N GLU C 66 -33.77 16.16 -7.05
CA GLU C 66 -34.15 17.22 -7.97
C GLU C 66 -35.06 18.24 -7.30
N PHE C 67 -35.89 17.80 -6.36
CA PHE C 67 -36.77 18.74 -5.69
C PHE C 67 -36.06 19.95 -5.12
N ILE C 68 -34.87 19.75 -4.55
CA ILE C 68 -34.13 20.90 -3.94
C ILE C 68 -33.82 21.94 -5.00
N TYR C 69 -33.26 21.48 -6.10
CA TYR C 69 -32.93 22.30 -7.23
C TYR C 69 -34.16 22.98 -7.79
N HIS C 70 -35.22 22.20 -8.06
CA HIS C 70 -36.35 22.81 -8.74
C HIS C 70 -37.22 23.66 -7.86
N GLU C 71 -37.34 23.30 -6.59
CA GLU C 71 -38.06 24.18 -5.65
C GLU C 71 -37.37 25.50 -5.57
N MET C 72 -36.06 25.50 -5.35
CA MET C 72 -35.34 26.74 -5.07
C MET C 72 -35.25 27.57 -6.34
N MET C 73 -35.25 26.92 -7.47
CA MET C 73 -35.11 27.70 -8.67
C MET C 73 -36.46 28.37 -9.04
N THR C 74 -37.57 27.84 -8.54
CA THR C 74 -38.86 28.26 -9.00
C THR C 74 -39.51 29.15 -7.98
N HIS C 75 -39.49 28.76 -6.70
CA HIS C 75 -40.30 29.45 -5.70
C HIS C 75 -39.71 30.75 -5.22
N VAL C 76 -38.40 30.81 -5.11
CA VAL C 76 -37.75 32.00 -4.58
C VAL C 76 -38.16 33.18 -5.40
N PRO C 77 -38.01 33.12 -6.74
CA PRO C 77 -38.47 34.28 -7.55
C PRO C 77 -39.98 34.44 -7.63
N LEU C 78 -40.68 33.34 -7.86
CA LEU C 78 -42.13 33.47 -7.99
C LEU C 78 -42.74 34.13 -6.75
N LEU C 79 -42.34 33.77 -5.55
CA LEU C 79 -42.93 34.38 -4.37
C LEU C 79 -42.28 35.71 -4.05
N ALA C 80 -41.10 35.97 -4.56
CA ALA C 80 -40.44 37.27 -4.29
C ALA C 80 -41.10 38.31 -5.15
N HIS C 81 -41.23 38.01 -6.43
CA HIS C 81 -42.16 38.70 -7.28
C HIS C 81 -43.47 38.43 -6.60
N GLY C 82 -44.37 39.38 -6.58
CA GLY C 82 -45.61 39.05 -5.89
C GLY C 82 -46.62 38.29 -6.75
N HIS C 83 -46.65 38.69 -8.01
CA HIS C 83 -47.78 38.53 -8.86
C HIS C 83 -47.34 38.10 -10.26
N ALA C 84 -46.60 37.01 -10.32
CA ALA C 84 -46.13 36.46 -11.58
C ALA C 84 -47.28 35.76 -12.32
N LYS C 85 -47.73 36.33 -13.45
CA LYS C 85 -48.81 35.74 -14.23
C LYS C 85 -48.28 34.92 -15.40
N HIS C 86 -47.13 35.32 -15.94
CA HIS C 86 -46.50 34.61 -17.07
C HIS C 86 -45.02 34.26 -16.83
N VAL C 87 -44.69 32.99 -17.01
CA VAL C 87 -43.36 32.50 -16.74
C VAL C 87 -42.79 31.84 -17.99
N LEU C 88 -41.51 32.07 -18.23
CA LEU C 88 -40.79 31.42 -19.33
C LEU C 88 -39.71 30.53 -18.75
N ILE C 89 -39.74 29.27 -19.11
CA ILE C 89 -38.67 28.35 -18.69
C ILE C 89 -37.73 28.06 -19.85
N ILE C 90 -36.44 28.31 -19.66
CA ILE C 90 -35.46 28.04 -20.71
C ILE C 90 -34.68 26.83 -20.31
N GLY C 91 -34.56 25.85 -21.17
CA GLY C 91 -34.05 24.56 -20.75
C GLY C 91 -35.18 23.86 -19.99
N GLY C 92 -34.83 23.02 -19.02
CA GLY C 92 -35.84 22.30 -18.25
C GLY C 92 -36.66 21.30 -19.04
N GLY C 93 -35.97 20.48 -19.85
CA GLY C 93 -36.62 19.42 -20.64
C GLY C 93 -37.25 18.33 -19.78
N ASP C 94 -36.68 18.09 -18.59
CA ASP C 94 -37.21 17.09 -17.67
C ASP C 94 -38.63 17.41 -17.20
N GLY C 95 -38.97 18.69 -17.13
CA GLY C 95 -40.30 19.13 -16.74
C GLY C 95 -40.51 19.28 -15.24
N ALA C 96 -39.46 19.09 -14.45
CA ALA C 96 -39.54 19.30 -13.02
C ALA C 96 -39.84 20.74 -12.71
N MET C 97 -39.17 21.64 -13.42
CA MET C 97 -39.45 23.08 -13.29
C MET C 97 -40.93 23.33 -13.64
N LEU C 98 -41.39 22.79 -14.76
CA LEU C 98 -42.78 22.99 -15.12
C LEU C 98 -43.69 22.50 -14.01
N ARG C 99 -43.37 21.39 -13.41
CA ARG C 99 -44.17 20.90 -12.32
C ARG C 99 -44.31 21.90 -11.21
N GLU C 100 -43.21 22.51 -10.81
CA GLU C 100 -43.24 23.39 -9.67
C GLU C 100 -43.92 24.67 -10.03
N VAL C 101 -43.58 25.25 -11.19
CA VAL C 101 -44.26 26.49 -11.61
C VAL C 101 -45.80 26.28 -11.64
N THR C 102 -46.20 25.11 -12.12
CA THR C 102 -47.59 24.66 -12.13
C THR C 102 -48.32 24.74 -10.80
N ARG C 103 -47.62 24.65 -9.70
CA ARG C 103 -48.29 24.64 -8.42
C ARG C 103 -48.75 26.00 -7.95
N HIS C 104 -48.39 27.02 -8.66
CA HIS C 104 -48.88 28.35 -8.36
C HIS C 104 -50.17 28.59 -9.10
N LYS C 105 -51.27 28.61 -8.36
CA LYS C 105 -52.57 28.79 -9.00
C LYS C 105 -52.68 30.13 -9.76
N ASN C 106 -52.04 31.16 -9.24
CA ASN C 106 -52.12 32.49 -9.83
C ASN C 106 -51.45 32.65 -11.20
N VAL C 107 -50.52 31.75 -11.51
CA VAL C 107 -49.86 31.78 -12.81
C VAL C 107 -50.88 31.43 -13.88
N GLU C 108 -50.93 32.20 -14.96
CA GLU C 108 -51.90 31.93 -16.00
C GLU C 108 -51.28 31.45 -17.33
N SER C 109 -50.00 31.66 -17.56
CA SER C 109 -49.37 31.07 -18.74
C SER C 109 -47.91 30.67 -18.49
N ILE C 110 -47.51 29.54 -19.05
CA ILE C 110 -46.14 28.99 -18.88
C ILE C 110 -45.57 28.61 -20.25
N THR C 111 -44.38 29.05 -20.57
CA THR C 111 -43.74 28.68 -21.83
C THR C 111 -42.36 28.03 -21.63
N MET C 112 -42.19 26.84 -22.19
CA MET C 112 -40.91 26.14 -22.12
C MET C 112 -40.27 26.20 -23.50
N VAL C 113 -39.14 26.89 -23.60
CA VAL C 113 -38.35 26.88 -24.82
C VAL C 113 -37.29 25.81 -24.65
N GLU C 114 -37.15 24.95 -25.66
CA GLU C 114 -36.22 23.82 -25.58
C GLU C 114 -35.55 23.54 -26.93
N ILE C 115 -34.32 23.06 -26.86
CA ILE C 115 -33.47 22.87 -28.04
C ILE C 115 -34.06 21.89 -29.04
N ASP C 116 -34.68 20.82 -28.57
CA ASP C 116 -35.46 19.95 -29.46
C ASP C 116 -36.56 19.15 -28.74
N ALA C 117 -37.60 18.80 -29.51
CA ALA C 117 -38.77 18.09 -28.99
C ALA C 117 -38.47 16.68 -28.57
N GLY C 118 -37.31 16.17 -28.98
CA GLY C 118 -36.85 14.84 -28.58
C GLY C 118 -36.53 14.76 -27.11
N VAL C 119 -35.69 15.69 -26.64
CA VAL C 119 -35.24 15.68 -25.24
C VAL C 119 -36.39 15.75 -24.23
N VAL C 120 -37.55 16.28 -24.64
CA VAL C 120 -38.65 16.39 -23.69
C VAL C 120 -39.46 15.08 -23.60
N SER C 121 -39.87 14.53 -24.74
CA SER C 121 -40.67 13.30 -24.73
C SER C 121 -39.82 12.11 -24.26
N PHE C 122 -38.50 12.24 -24.42
CA PHE C 122 -37.56 11.26 -23.87
C PHE C 122 -37.66 11.24 -22.34
N CYS C 123 -37.39 12.40 -21.72
CA CYS C 123 -37.50 12.56 -20.27
C CYS C 123 -38.91 12.21 -19.78
N ARG C 124 -39.89 12.51 -20.62
CA ARG C 124 -41.28 12.21 -20.30
C ARG C 124 -41.47 10.71 -20.09
N GLN C 125 -40.74 9.92 -20.86
CA GLN C 125 -40.83 8.46 -20.79
C GLN C 125 -40.02 7.87 -19.62
N TYR C 126 -38.77 8.33 -19.48
CA TYR C 126 -37.84 7.71 -18.56
C TYR C 126 -37.78 8.41 -17.19
N LEU C 127 -38.14 9.69 -17.13
CA LEU C 127 -38.20 10.44 -15.86
C LEU C 127 -39.60 10.99 -15.67
N PRO C 128 -40.55 10.09 -15.42
CA PRO C 128 -41.95 10.51 -15.38
C PRO C 128 -42.27 11.28 -14.13
N ASN C 129 -41.49 11.08 -13.07
CA ASN C 129 -41.75 11.79 -11.81
C ASN C 129 -41.21 13.20 -11.78
N HIS C 130 -40.41 13.55 -12.78
CA HIS C 130 -39.96 14.91 -12.90
C HIS C 130 -41.17 15.74 -13.31
N ASN C 131 -41.76 15.41 -14.45
CA ASN C 131 -42.90 16.22 -14.92
C ASN C 131 -44.11 16.00 -14.04
N ALA C 132 -44.29 14.76 -13.59
CA ALA C 132 -45.39 14.39 -12.71
C ALA C 132 -46.75 14.80 -13.26
N GLY C 133 -46.99 14.52 -14.55
CA GLY C 133 -48.25 14.86 -15.21
C GLY C 133 -48.42 16.33 -15.58
N SER C 134 -47.41 17.12 -15.26
CA SER C 134 -47.41 18.55 -15.43
C SER C 134 -47.63 19.03 -16.87
N TYR C 135 -47.25 18.21 -17.85
CA TYR C 135 -47.37 18.58 -19.26
C TYR C 135 -48.82 18.65 -19.75
N ASP C 136 -49.71 17.97 -19.03
CA ASP C 136 -51.14 18.03 -19.34
C ASP C 136 -51.79 19.34 -18.89
N ASP C 137 -51.06 20.20 -18.17
CA ASP C 137 -51.62 21.45 -17.66
C ASP C 137 -52.07 22.40 -18.77
N PRO C 138 -53.33 22.90 -18.69
CA PRO C 138 -53.94 23.79 -19.70
C PRO C 138 -53.13 25.06 -20.04
N ARG C 139 -52.34 25.57 -19.08
CA ARG C 139 -51.62 26.83 -19.25
C ARG C 139 -50.24 26.67 -19.91
N PHE C 140 -49.87 25.44 -20.19
CA PHE C 140 -48.55 25.18 -20.72
C PHE C 140 -48.42 25.31 -22.23
N LYS C 141 -47.30 25.85 -22.68
CA LYS C 141 -46.93 25.86 -24.10
C LYS C 141 -45.44 25.48 -24.29
N LEU C 142 -45.17 24.51 -25.16
CA LEU C 142 -43.81 24.13 -25.53
C LEU C 142 -43.41 24.75 -26.84
N VAL C 143 -42.23 25.35 -26.84
CA VAL C 143 -41.58 25.86 -28.04
C VAL C 143 -40.25 25.15 -28.25
N ILE C 144 -39.95 24.83 -29.51
CA ILE C 144 -38.69 24.22 -29.86
C ILE C 144 -37.91 25.27 -30.59
N ASP C 145 -36.82 25.69 -30.00
CA ASP C 145 -36.02 26.76 -30.56
C ASP C 145 -34.80 27.00 -29.67
N ASP C 146 -33.82 27.65 -30.28
CA ASP C 146 -32.70 28.21 -29.55
C ASP C 146 -33.23 29.27 -28.58
N GLY C 147 -32.74 29.23 -27.34
CA GLY C 147 -33.16 30.18 -26.30
C GLY C 147 -32.74 31.61 -26.59
N VAL C 148 -31.58 31.76 -27.22
CA VAL C 148 -31.03 33.07 -27.53
C VAL C 148 -31.80 33.67 -28.70
N ASN C 149 -32.28 32.80 -29.57
CA ASN C 149 -33.09 33.20 -30.73
C ASN C 149 -34.51 33.66 -30.35
N PHE C 150 -34.93 33.34 -29.14
CA PHE C 150 -36.05 34.03 -28.46
C PHE C 150 -35.58 35.44 -27.83
N VAL C 151 -34.70 36.09 -28.60
CA VAL C 151 -34.51 37.53 -28.63
C VAL C 151 -35.39 38.04 -29.79
N ASN C 152 -36.04 37.12 -30.52
CA ASN C 152 -37.13 37.44 -31.47
C ASN C 152 -38.49 37.64 -30.79
N GLN C 153 -38.77 36.87 -29.72
CA GLN C 153 -40.03 36.97 -28.96
C GLN C 153 -41.05 36.48 -29.92
N THR C 154 -42.30 36.23 -29.53
CA THR C 154 -43.41 36.36 -30.57
C THR C 154 -44.10 37.69 -30.23
N SER C 155 -43.25 38.68 -29.92
CA SER C 155 -43.60 39.85 -29.14
C SER C 155 -44.09 39.43 -27.75
N GLN C 156 -43.71 38.23 -27.33
CA GLN C 156 -44.19 37.70 -26.08
C GLN C 156 -43.42 38.37 -24.98
N THR C 157 -43.94 38.22 -23.77
CA THR C 157 -43.56 39.08 -22.65
C THR C 157 -43.82 38.38 -21.30
N PHE C 158 -42.82 38.30 -20.42
CA PHE C 158 -42.94 37.51 -19.17
C PHE C 158 -42.64 38.23 -17.88
N ASP C 159 -43.06 37.63 -16.76
CA ASP C 159 -42.83 38.18 -15.42
C ASP C 159 -41.69 37.50 -14.69
N VAL C 160 -41.46 36.23 -14.98
CA VAL C 160 -40.26 35.55 -14.51
C VAL C 160 -39.65 34.72 -15.65
N ILE C 161 -38.32 34.72 -15.75
CA ILE C 161 -37.64 33.83 -16.67
C ILE C 161 -36.73 32.93 -15.86
N ILE C 162 -36.76 31.65 -16.11
CA ILE C 162 -35.87 30.75 -15.43
C ILE C 162 -34.98 30.04 -16.40
N SER C 163 -33.67 30.09 -16.22
CA SER C 163 -32.79 29.55 -17.22
C SER C 163 -31.88 28.43 -16.81
N ASP C 164 -31.84 27.36 -17.60
CA ASP C 164 -30.88 26.29 -17.50
C ASP C 164 -29.54 26.83 -17.89
N CYS C 165 -29.57 27.57 -18.97
CA CYS C 165 -28.43 28.15 -19.64
C CYS C 165 -28.00 29.42 -18.95
N THR C 166 -26.75 29.79 -19.14
CA THR C 166 -26.21 31.01 -18.64
C THR C 166 -25.31 31.43 -19.75
N ASP C 167 -24.96 32.69 -19.85
CA ASP C 167 -24.13 33.08 -20.96
C ASP C 167 -22.67 32.95 -20.60
N PRO C 168 -21.99 32.05 -21.28
CA PRO C 168 -20.69 31.49 -20.94
C PRO C 168 -19.44 32.35 -20.99
N ILE C 169 -18.47 31.93 -20.19
CA ILE C 169 -17.22 32.61 -20.06
C ILE C 169 -16.22 32.08 -21.05
N GLY C 170 -15.48 32.96 -21.69
CA GLY C 170 -14.50 32.54 -22.66
C GLY C 170 -13.47 33.60 -22.93
N PRO C 171 -12.36 33.20 -23.53
CA PRO C 171 -11.28 34.10 -23.89
C PRO C 171 -11.69 35.13 -24.91
N GLY C 172 -12.43 34.66 -25.90
CA GLY C 172 -12.93 35.48 -26.98
C GLY C 172 -13.98 36.48 -26.58
N GLU C 173 -14.78 36.04 -25.63
CA GLU C 173 -16.02 36.62 -25.29
C GLU C 173 -15.92 38.03 -24.75
N SER C 174 -17.02 38.75 -24.89
CA SER C 174 -17.15 40.09 -24.41
C SER C 174 -17.52 40.03 -22.97
N LEU C 175 -16.99 40.95 -22.21
CA LEU C 175 -17.22 41.05 -20.80
C LEU C 175 -18.60 41.49 -20.36
N PHE C 176 -19.16 42.47 -21.03
CA PHE C 176 -20.47 42.94 -20.64
C PHE C 176 -21.58 42.62 -21.55
N THR C 177 -21.28 42.18 -22.75
CA THR C 177 -22.29 42.05 -23.75
C THR C 177 -22.85 40.65 -23.92
N SER C 178 -24.17 40.55 -23.94
CA SER C 178 -24.81 39.24 -24.23
C SER C 178 -26.14 39.37 -24.96
N ALA C 179 -26.28 38.59 -26.04
CA ALA C 179 -27.57 38.54 -26.74
C ALA C 179 -28.57 37.91 -25.78
N PHE C 180 -28.15 36.84 -25.09
CA PHE C 180 -29.08 36.11 -24.26
C PHE C 180 -29.79 37.02 -23.24
N TYR C 181 -29.01 37.68 -22.39
CA TYR C 181 -29.58 38.56 -21.38
C TYR C 181 -30.27 39.80 -22.00
N GLU C 182 -29.75 40.36 -23.08
CA GLU C 182 -30.46 41.47 -23.72
C GLU C 182 -31.85 41.09 -24.18
N GLY C 183 -31.90 39.91 -24.81
CA GLY C 183 -33.14 39.29 -25.21
C GLY C 183 -34.01 39.11 -24.00
N CYS C 184 -33.47 38.50 -22.96
CA CYS C 184 -34.23 38.30 -21.74
C CYS C 184 -34.84 39.61 -21.25
N LYS C 185 -34.07 40.68 -21.30
CA LYS C 185 -34.62 41.93 -20.82
C LYS C 185 -35.63 42.49 -21.76
N ARG C 186 -35.39 42.45 -23.07
CA ARG C 186 -36.38 42.99 -24.06
C ARG C 186 -37.75 42.44 -23.74
N CYS C 187 -37.80 41.16 -23.36
CA CYS C 187 -39.08 40.48 -23.18
C CYS C 187 -39.49 40.15 -21.74
N LEU C 188 -38.99 40.93 -20.82
CA LEU C 188 -39.44 40.82 -19.48
C LEU C 188 -40.36 41.98 -19.31
N ASN C 189 -41.37 41.78 -18.49
CA ASN C 189 -42.29 42.82 -18.16
C ASN C 189 -41.57 43.72 -17.22
N PRO C 190 -42.15 44.83 -16.85
CA PRO C 190 -41.49 45.81 -16.02
C PRO C 190 -41.01 45.35 -14.66
N GLY C 191 -41.73 44.50 -13.98
CA GLY C 191 -41.22 44.10 -12.69
C GLY C 191 -40.39 42.85 -12.70
N GLY C 192 -40.12 42.31 -13.88
CA GLY C 192 -39.62 40.97 -14.03
C GLY C 192 -38.30 40.53 -13.45
N ILE C 193 -38.23 39.26 -13.10
CA ILE C 193 -37.06 38.65 -12.55
C ILE C 193 -36.53 37.58 -13.43
N PHE C 194 -35.22 37.56 -13.57
CA PHE C 194 -34.50 36.55 -14.33
C PHE C 194 -33.68 35.79 -13.33
N VAL C 195 -33.83 34.48 -13.28
CA VAL C 195 -32.94 33.68 -12.46
C VAL C 195 -32.28 32.67 -13.36
N ALA C 196 -31.06 32.29 -13.02
CA ALA C 196 -30.36 31.27 -13.76
C ALA C 196 -29.35 30.50 -12.87
N GLN C 197 -29.17 29.23 -13.22
CA GLN C 197 -28.30 28.31 -12.53
C GLN C 197 -26.89 28.69 -12.88
N ASN C 198 -26.06 28.89 -11.87
CA ASN C 198 -24.76 29.48 -12.11
C ASN C 198 -23.66 28.68 -11.54
N GLY C 199 -23.90 27.40 -11.30
CA GLY C 199 -22.84 26.46 -10.95
C GLY C 199 -22.42 26.45 -9.49
N VAL C 200 -21.59 25.44 -9.11
CA VAL C 200 -21.20 25.28 -7.72
C VAL C 200 -20.06 26.22 -7.48
N CYS C 201 -20.00 26.87 -6.33
CA CYS C 201 -19.17 28.05 -6.19
C CYS C 201 -17.88 27.80 -5.43
N PHE C 202 -17.69 26.60 -4.90
CA PHE C 202 -16.50 26.36 -4.08
C PHE C 202 -15.19 26.46 -4.84
N LEU C 203 -15.00 25.70 -5.89
CA LEU C 203 -13.74 25.68 -6.64
C LEU C 203 -13.38 26.91 -7.40
N GLN C 204 -14.36 27.55 -7.98
CA GLN C 204 -14.13 28.73 -8.78
C GLN C 204 -15.30 29.69 -8.69
N GLN C 205 -15.00 30.99 -8.77
CA GLN C 205 -16.06 32.00 -8.77
C GLN C 205 -16.03 32.89 -10.00
N GLU C 206 -15.20 32.56 -10.97
CA GLU C 206 -15.09 33.39 -12.15
C GLU C 206 -16.47 33.43 -12.83
N GLU C 207 -17.11 32.28 -12.99
CA GLU C 207 -18.39 32.20 -13.63
C GLU C 207 -19.40 33.13 -12.96
N ALA C 208 -19.36 33.19 -11.63
CA ALA C 208 -20.21 34.16 -10.94
C ALA C 208 -19.82 35.62 -11.27
N ILE C 209 -18.53 35.90 -11.28
CA ILE C 209 -18.08 37.29 -11.51
C ILE C 209 -18.52 37.73 -12.89
N ASP C 210 -18.27 36.87 -13.86
CA ASP C 210 -18.62 37.18 -15.24
C ASP C 210 -20.13 37.37 -15.42
N SER C 211 -20.94 36.44 -14.89
CA SER C 211 -22.41 36.57 -14.89
C SER C 211 -22.83 37.93 -14.32
N HIS C 212 -22.26 38.29 -13.17
CA HIS C 212 -22.63 39.51 -12.52
C HIS C 212 -22.31 40.69 -13.41
N ARG C 213 -21.10 40.72 -13.96
CA ARG C 213 -20.69 41.79 -14.87
C ARG C 213 -21.64 41.94 -16.08
N LYS C 214 -21.95 40.84 -16.74
CA LYS C 214 -22.80 40.87 -17.91
C LYS C 214 -24.19 41.32 -17.47
N LEU C 215 -24.81 40.61 -16.53
CA LEU C 215 -26.19 40.91 -16.12
C LEU C 215 -26.33 42.34 -15.70
N SER C 216 -25.30 42.91 -15.16
CA SER C 216 -25.42 44.28 -14.66
C SER C 216 -25.60 45.27 -15.79
N HIS C 217 -25.18 44.89 -17.00
CA HIS C 217 -25.32 45.79 -18.16
C HIS C 217 -26.79 45.95 -18.53
N TYR C 218 -27.57 44.91 -18.28
CA TYR C 218 -28.97 44.92 -18.68
C TYR C 218 -29.93 45.04 -17.52
N PHE C 219 -29.47 44.80 -16.30
CA PHE C 219 -30.33 44.93 -15.13
C PHE C 219 -29.72 45.86 -14.05
N SER C 220 -30.58 46.51 -13.28
CA SER C 220 -30.13 47.44 -12.26
C SER C 220 -29.97 46.79 -10.93
N ASP C 221 -30.40 45.55 -10.75
CA ASP C 221 -30.10 44.84 -9.52
C ASP C 221 -29.74 43.42 -9.89
N VAL C 222 -28.50 43.06 -9.58
CA VAL C 222 -27.97 41.74 -9.94
C VAL C 222 -27.26 41.14 -8.73
N GLY C 223 -27.60 39.92 -8.38
CA GLY C 223 -26.96 39.22 -7.27
C GLY C 223 -27.10 37.71 -7.40
N PHE C 224 -26.86 36.99 -6.30
CA PHE C 224 -27.06 35.55 -6.27
C PHE C 224 -27.78 35.07 -5.01
N TYR C 225 -28.43 33.92 -5.13
CA TYR C 225 -28.81 33.19 -3.94
C TYR C 225 -28.28 31.80 -4.05
N GLN C 226 -28.48 30.97 -3.05
CA GLN C 226 -27.82 29.64 -3.05
C GLN C 226 -28.55 28.50 -2.36
N ALA C 227 -28.16 27.31 -2.76
CA ALA C 227 -28.73 26.12 -2.19
C ALA C 227 -27.71 25.07 -2.43
N ALA C 228 -27.70 24.04 -1.60
CA ALA C 228 -26.73 22.92 -1.73
C ALA C 228 -27.46 21.67 -2.19
N ILE C 229 -27.24 21.31 -3.44
CA ILE C 229 -27.86 20.14 -4.04
C ILE C 229 -26.91 18.95 -3.99
N PRO C 230 -27.24 17.91 -3.22
CA PRO C 230 -26.32 16.81 -2.97
C PRO C 230 -25.55 16.31 -4.19
N THR C 231 -26.29 16.19 -5.30
CA THR C 231 -25.85 15.56 -6.51
C THR C 231 -25.09 16.47 -7.48
N TYR C 232 -25.10 17.79 -7.22
CA TYR C 232 -24.13 18.69 -7.84
C TYR C 232 -22.99 18.90 -6.84
N TYR C 233 -21.91 18.16 -7.08
CA TYR C 233 -20.85 17.98 -6.11
C TYR C 233 -20.08 19.26 -5.85
N GLY C 234 -19.76 19.51 -4.57
CA GLY C 234 -18.91 20.63 -4.19
C GLY C 234 -19.56 21.75 -3.40
N GLY C 235 -20.50 21.40 -2.56
CA GLY C 235 -21.08 22.41 -1.70
C GLY C 235 -22.16 23.18 -2.39
N ILE C 236 -22.27 24.49 -2.06
CA ILE C 236 -23.42 25.28 -2.51
C ILE C 236 -23.30 25.62 -3.99
N MET C 237 -24.47 25.79 -4.58
CA MET C 237 -24.65 26.20 -5.95
C MET C 237 -25.22 27.60 -5.90
N THR C 238 -24.98 28.32 -6.96
CA THR C 238 -25.35 29.72 -6.99
C THR C 238 -26.31 30.02 -8.09
N PHE C 239 -27.33 30.78 -7.77
CA PHE C 239 -28.39 31.09 -8.71
C PHE C 239 -28.34 32.56 -8.94
N ALA C 240 -28.17 32.94 -10.20
CA ALA C 240 -28.10 34.35 -10.58
C ALA C 240 -29.46 34.93 -10.41
N TRP C 241 -29.49 36.20 -10.02
CA TRP C 241 -30.70 36.93 -9.76
C TRP C 241 -30.56 38.26 -10.43
N ALA C 242 -31.48 38.56 -11.35
CA ALA C 242 -31.42 39.82 -12.08
C ALA C 242 -32.78 40.44 -12.23
N THR C 243 -32.84 41.74 -11.99
CA THR C 243 -34.09 42.45 -12.04
C THR C 243 -33.82 43.96 -12.00
N ASP C 244 -34.77 44.73 -12.52
CA ASP C 244 -34.78 46.19 -12.39
C ASP C 244 -35.46 46.62 -11.10
N ASN C 245 -36.11 45.68 -10.41
CA ASN C 245 -36.84 45.96 -9.16
C ASN C 245 -35.95 45.68 -8.02
N ASP C 246 -35.28 46.69 -7.48
CA ASP C 246 -34.21 46.42 -6.52
C ASP C 246 -34.74 46.10 -5.11
N ALA C 247 -36.06 46.09 -4.92
CA ALA C 247 -36.67 45.73 -3.66
C ALA C 247 -36.84 44.24 -3.44
N LEU C 248 -37.06 43.52 -4.54
CA LEU C 248 -37.49 42.13 -4.50
C LEU C 248 -36.62 41.17 -3.75
N ARG C 249 -35.32 41.40 -3.64
CA ARG C 249 -34.54 40.51 -2.78
C ARG C 249 -34.24 41.07 -1.42
N HIS C 250 -34.94 42.13 -0.99
CA HIS C 250 -34.85 42.58 0.36
C HIS C 250 -36.17 42.56 1.05
N LEU C 251 -37.07 41.68 0.62
CA LEU C 251 -38.37 41.57 1.27
C LEU C 251 -38.23 40.89 2.61
N SER C 252 -39.06 41.33 3.57
CA SER C 252 -39.07 40.75 4.93
C SER C 252 -39.56 39.34 4.88
N THR C 253 -39.04 38.51 5.77
CA THR C 253 -39.39 37.08 5.71
C THR C 253 -40.89 36.95 6.02
N GLU C 254 -41.39 37.90 6.81
CA GLU C 254 -42.82 37.99 7.10
C GLU C 254 -43.67 37.98 5.83
N ILE C 255 -43.39 38.86 4.89
CA ILE C 255 -44.24 38.99 3.70
C ILE C 255 -44.17 37.73 2.86
N ILE C 256 -42.97 37.16 2.72
CA ILE C 256 -42.80 35.91 1.99
C ILE C 256 -43.68 34.84 2.64
N GLN C 257 -43.65 34.80 3.97
CA GLN C 257 -44.46 33.87 4.72
C GLN C 257 -45.92 34.09 4.34
N ALA C 258 -46.36 35.35 4.32
CA ALA C 258 -47.74 35.62 3.98
C ALA C 258 -48.09 35.03 2.64
N ARG C 259 -47.28 35.32 1.67
CA ARG C 259 -47.51 34.85 0.34
C ARG C 259 -47.46 33.37 0.32
N PHE C 260 -46.61 32.82 1.14
CA PHE C 260 -46.48 31.39 1.19
C PHE C 260 -47.72 30.71 1.70
N LEU C 261 -48.35 31.26 2.72
CA LEU C 261 -49.47 30.57 3.31
C LEU C 261 -50.46 30.33 2.20
N ALA C 262 -50.66 31.26 1.32
CA ALA C 262 -51.37 30.91 0.13
C ALA C 262 -50.95 31.88 -0.88
N SER C 263 -50.92 31.47 -2.14
CA SER C 263 -51.27 30.12 -2.49
C SER C 263 -50.36 29.15 -1.82
N GLY C 264 -50.97 28.14 -1.24
CA GLY C 264 -50.28 27.14 -0.46
C GLY C 264 -49.49 26.20 -1.27
N LEU C 265 -48.35 25.83 -0.72
CA LEU C 265 -47.53 24.85 -1.31
C LEU C 265 -47.13 24.14 -0.09
N LYS C 266 -46.86 22.86 -0.25
CA LYS C 266 -46.25 22.05 0.78
C LYS C 266 -44.97 21.75 0.06
N CYS C 267 -43.86 22.20 0.62
CA CYS C 267 -42.62 22.05 -0.09
C CYS C 267 -41.74 21.15 0.73
N ARG C 268 -40.78 20.50 0.09
CA ARG C 268 -39.94 19.62 0.83
C ARG C 268 -38.62 20.25 1.27
N TYR C 269 -38.15 21.23 0.52
CA TYR C 269 -36.96 21.94 0.93
C TYR C 269 -37.32 23.41 1.27
N TYR C 270 -37.95 24.08 0.31
CA TYR C 270 -38.27 25.48 0.41
C TYR C 270 -39.15 25.79 1.59
N ASN C 271 -38.90 26.93 2.19
CA ASN C 271 -39.83 27.56 3.10
C ASN C 271 -39.36 29.02 3.25
N PRO C 272 -40.16 29.89 3.87
CA PRO C 272 -39.75 31.30 3.89
C PRO C 272 -38.44 31.63 4.64
N ALA C 273 -38.14 30.89 5.70
CA ALA C 273 -36.83 31.01 6.33
C ALA C 273 -35.75 30.69 5.33
N ILE C 274 -35.94 29.60 4.57
CA ILE C 274 -34.92 29.21 3.66
C ILE C 274 -34.75 30.30 2.61
N HIS C 275 -35.85 30.85 2.18
CA HIS C 275 -35.88 31.81 1.09
C HIS C 275 -35.01 32.98 1.50
N THR C 276 -35.35 33.56 2.63
CA THR C 276 -34.57 34.68 3.05
C THR C 276 -33.08 34.32 3.20
N ALA C 277 -32.79 33.17 3.78
CA ALA C 277 -31.43 32.82 4.08
C ALA C 277 -30.65 32.51 2.80
N ALA C 278 -31.39 32.06 1.79
CA ALA C 278 -30.77 31.73 0.53
C ALA C 278 -29.85 32.85 0.06
N PHE C 279 -30.14 34.09 0.41
CA PHE C 279 -29.41 35.24 -0.13
C PHE C 279 -28.19 35.59 0.67
N ALA C 280 -27.99 34.95 1.82
CA ALA C 280 -26.71 35.08 2.55
C ALA C 280 -25.66 34.26 1.80
N LEU C 281 -24.58 34.92 1.40
CA LEU C 281 -23.52 34.26 0.68
C LEU C 281 -22.29 34.13 1.54
N PRO C 282 -21.58 33.01 1.44
CA PRO C 282 -20.34 32.84 2.14
C PRO C 282 -19.31 33.85 1.73
N GLN C 283 -18.40 34.12 2.65
CA GLN C 283 -17.55 35.28 2.57
C GLN C 283 -16.69 35.26 1.30
N TYR C 284 -16.16 34.09 0.98
CA TYR C 284 -15.29 33.97 -0.18
C TYR C 284 -16.04 34.39 -1.42
N LEU C 285 -17.30 34.06 -1.48
CA LEU C 285 -18.08 34.43 -2.62
C LEU C 285 -18.21 35.92 -2.74
N GLN C 286 -18.42 36.58 -1.64
CA GLN C 286 -18.66 37.99 -1.64
C GLN C 286 -17.44 38.72 -2.01
N ASP C 287 -16.36 38.26 -1.43
CA ASP C 287 -15.08 38.83 -1.70
C ASP C 287 -14.81 38.79 -3.22
N ALA C 288 -15.07 37.68 -3.91
CA ALA C 288 -14.77 37.58 -5.35
C ALA C 288 -15.49 38.64 -6.06
N LEU C 289 -16.74 38.76 -5.74
CA LEU C 289 -17.64 39.73 -6.26
C LEU C 289 -17.28 41.12 -5.87
N ALA C 290 -16.74 41.26 -4.70
CA ALA C 290 -16.64 42.55 -4.10
C ALA C 290 -16.15 43.54 -5.09
N SER C 291 -15.35 43.10 -6.04
CA SER C 291 -14.77 43.99 -7.05
C SER C 291 -15.80 44.79 -7.82
N GLN C 292 -16.89 44.13 -8.14
CA GLN C 292 -17.93 44.66 -8.99
C GLN C 292 -18.68 45.82 -8.40
N PRO C 293 -18.56 46.96 -9.06
CA PRO C 293 -19.12 48.21 -8.57
C PRO C 293 -20.61 48.14 -8.45
N LYS D 10 -2.33 8.85 -13.60
CA LYS D 10 -2.72 8.97 -12.16
C LYS D 10 -3.63 7.81 -11.65
N LYS D 11 -3.81 7.77 -10.34
CA LYS D 11 -4.57 6.74 -9.64
C LYS D 11 -5.80 7.39 -9.01
N GLN D 12 -6.67 6.61 -8.39
CA GLN D 12 -7.90 7.17 -7.76
C GLN D 12 -8.13 6.66 -6.35
N TRP D 13 -8.98 7.34 -5.60
CA TRP D 13 -9.32 6.91 -4.25
C TRP D 13 -10.80 7.16 -4.00
N HIS D 14 -11.52 6.14 -3.55
CA HIS D 14 -12.96 6.24 -3.39
C HIS D 14 -13.30 6.26 -1.93
N GLU D 15 -14.27 7.08 -1.55
CA GLU D 15 -14.82 7.02 -0.19
C GLU D 15 -15.81 5.86 -0.10
N THR D 16 -15.79 5.17 1.03
CA THR D 16 -16.57 3.95 1.25
C THR D 16 -17.64 4.15 2.31
N LEU D 17 -17.90 5.40 2.70
CA LEU D 17 -18.80 5.66 3.81
C LEU D 17 -20.16 5.08 3.54
N HIS D 18 -20.63 5.18 2.30
CA HIS D 18 -21.85 4.48 1.89
C HIS D 18 -21.62 3.43 0.77
N ASP D 19 -22.36 2.33 0.83
CA ASP D 19 -22.19 1.26 -0.15
C ASP D 19 -22.72 1.63 -1.52
N GLN D 20 -23.72 2.50 -1.54
CA GLN D 20 -24.47 2.76 -2.76
C GLN D 20 -23.92 3.87 -3.65
N PHE D 21 -23.10 4.74 -3.08
CA PHE D 21 -22.61 5.92 -3.80
C PHE D 21 -21.49 6.57 -3.00
N GLY D 22 -20.69 7.38 -3.66
CA GLY D 22 -19.65 8.07 -2.95
C GLY D 22 -19.03 9.23 -3.71
N GLN D 23 -18.04 9.86 -3.08
CA GLN D 23 -17.18 10.79 -3.76
C GLN D 23 -15.84 10.06 -3.99
N TYR D 24 -15.13 10.43 -5.06
CA TYR D 24 -13.77 9.95 -5.30
C TYR D 24 -12.79 11.07 -5.72
N PHE D 25 -11.49 10.82 -5.53
CA PHE D 25 -10.46 11.81 -5.84
C PHE D 25 -9.32 11.18 -6.60
N ALA D 26 -8.75 11.98 -7.51
CA ALA D 26 -7.48 11.66 -8.11
C ALA D 26 -6.41 11.75 -7.02
N VAL D 27 -5.43 10.85 -7.05
CA VAL D 27 -4.28 10.92 -6.17
C VAL D 27 -3.08 11.38 -6.97
N ASP D 28 -2.51 12.50 -6.58
CA ASP D 28 -1.27 12.96 -7.17
C ASP D 28 -0.07 12.39 -6.44
N ASN D 29 -0.22 12.07 -5.16
CA ASN D 29 0.87 11.60 -4.35
C ASN D 29 0.37 11.19 -2.99
N VAL D 30 0.77 9.99 -2.52
CA VAL D 30 0.41 9.53 -1.16
C VAL D 30 1.48 9.97 -0.20
N LEU D 31 1.13 10.73 0.81
CA LEU D 31 2.09 11.16 1.80
C LEU D 31 2.24 10.14 2.91
N TYR D 32 1.19 9.38 3.21
CA TYR D 32 1.20 8.43 4.31
C TYR D 32 0.11 7.37 4.09
N HIS D 33 0.43 6.11 4.39
CA HIS D 33 -0.57 5.03 4.34
C HIS D 33 -0.27 3.93 5.37
N GLU D 34 -1.22 3.57 6.18
CA GLU D 34 -1.00 2.47 7.08
C GLU D 34 -2.13 1.51 6.92
N LYS D 35 -1.88 0.34 6.38
CA LYS D 35 -2.95 -0.61 6.22
C LYS D 35 -2.71 -1.87 7.02
N THR D 36 -3.63 -2.18 7.91
CA THR D 36 -3.56 -3.36 8.71
C THR D 36 -4.94 -3.88 8.60
N ASP D 37 -5.13 -5.16 8.80
CA ASP D 37 -6.43 -5.71 8.56
C ASP D 37 -7.38 -4.91 9.40
N HIS D 38 -7.00 -4.65 10.62
CA HIS D 38 -7.87 -3.95 11.55
C HIS D 38 -8.21 -2.48 11.21
N GLN D 39 -7.26 -1.70 10.71
CA GLN D 39 -7.54 -0.31 10.43
C GLN D 39 -6.96 0.14 9.13
N ASP D 40 -7.38 1.28 8.64
CA ASP D 40 -6.69 1.87 7.51
C ASP D 40 -6.68 3.40 7.56
N LEU D 41 -5.50 3.99 7.50
CA LEU D 41 -5.30 5.41 7.60
C LEU D 41 -4.56 5.94 6.41
N ILE D 42 -4.97 7.07 5.90
CA ILE D 42 -4.28 7.56 4.71
C ILE D 42 -4.25 9.07 4.65
N ILE D 43 -3.18 9.60 4.06
CA ILE D 43 -3.11 11.01 3.69
C ILE D 43 -2.50 11.13 2.30
N PHE D 44 -3.24 11.71 1.38
CA PHE D 44 -2.70 11.94 0.03
C PHE D 44 -3.08 13.33 -0.51
N GLU D 45 -2.33 13.76 -1.52
CA GLU D 45 -2.55 15.09 -2.09
C GLU D 45 -3.43 14.89 -3.29
N ASN D 46 -4.39 15.79 -3.46
CA ASN D 46 -5.29 15.84 -4.59
C ASN D 46 -5.26 17.27 -5.10
N ALA D 47 -5.28 17.44 -6.42
CA ALA D 47 -5.18 18.78 -7.03
C ALA D 47 -6.24 19.75 -6.53
N ALA D 48 -7.44 19.26 -6.31
CA ALA D 48 -8.55 20.16 -5.99
C ALA D 48 -8.64 20.52 -4.54
N PHE D 49 -8.54 19.52 -3.68
CA PHE D 49 -8.80 19.70 -2.26
C PHE D 49 -7.55 19.68 -1.38
N GLY D 50 -6.36 19.65 -2.00
CA GLY D 50 -5.11 19.54 -1.28
C GLY D 50 -4.98 18.22 -0.54
N ARG D 51 -4.43 18.30 0.68
CA ARG D 51 -4.20 17.08 1.47
C ARG D 51 -5.50 16.52 1.99
N VAL D 52 -5.71 15.22 1.87
CA VAL D 52 -6.97 14.60 2.25
C VAL D 52 -6.68 13.48 3.24
N MET D 53 -7.26 13.57 4.43
CA MET D 53 -7.06 12.49 5.45
C MET D 53 -8.30 11.65 5.40
N ALA D 54 -8.12 10.33 5.42
CA ALA D 54 -9.24 9.37 5.34
C ALA D 54 -8.97 8.13 6.23
N LEU D 55 -9.95 7.74 7.02
CA LEU D 55 -9.79 6.67 8.00
C LEU D 55 -10.86 5.63 7.76
N ASP D 56 -10.40 4.42 7.52
CA ASP D 56 -11.29 3.30 7.23
C ASP D 56 -12.25 3.65 6.09
N GLY D 57 -11.72 4.35 5.09
CA GLY D 57 -12.46 4.62 3.87
C GLY D 57 -13.38 5.82 3.94
N VAL D 58 -13.35 6.55 5.07
CA VAL D 58 -14.25 7.67 5.27
C VAL D 58 -13.45 8.99 5.43
N VAL D 59 -13.73 9.98 4.57
CA VAL D 59 -12.95 11.25 4.56
C VAL D 59 -13.14 12.02 5.86
N GLN D 60 -12.05 12.35 6.53
CA GLN D 60 -12.10 13.02 7.84
C GLN D 60 -11.97 14.53 7.69
N THR D 61 -11.06 14.94 6.81
CA THR D 61 -10.83 16.32 6.57
C THR D 61 -10.02 16.49 5.29
N THR D 62 -9.98 17.72 4.81
CA THR D 62 -9.39 18.08 3.55
C THR D 62 -8.78 19.42 3.78
N GLU D 63 -7.61 19.63 3.23
CA GLU D 63 -6.86 20.87 3.42
C GLU D 63 -7.67 22.07 2.90
N ARG D 64 -8.26 21.95 1.72
CA ARG D 64 -8.85 23.13 1.06
C ARG D 64 -10.22 23.57 1.56
N ASP D 65 -10.98 22.69 2.22
CA ASP D 65 -12.37 23.05 2.62
C ASP D 65 -12.67 22.95 4.12
N GLU D 66 -11.68 22.54 4.90
CA GLU D 66 -11.84 22.44 6.35
C GLU D 66 -12.22 23.76 6.98
N PHE D 67 -11.79 24.87 6.39
CA PHE D 67 -12.24 26.17 6.91
C PHE D 67 -13.75 26.30 7.06
N ILE D 68 -14.55 25.77 6.13
CA ILE D 68 -16.00 25.95 6.23
C ILE D 68 -16.51 25.26 7.48
N TYR D 69 -16.08 24.00 7.62
CA TYR D 69 -16.43 23.20 8.80
C TYR D 69 -15.99 23.93 10.08
N HIS D 70 -14.74 24.29 10.16
CA HIS D 70 -14.24 24.75 11.43
C HIS D 70 -14.72 26.14 11.74
N GLU D 71 -14.83 27.02 10.75
CA GLU D 71 -15.40 28.35 11.00
C GLU D 71 -16.79 28.23 11.54
N MET D 72 -17.62 27.41 10.91
CA MET D 72 -19.03 27.34 11.30
C MET D 72 -19.16 26.60 12.63
N MET D 73 -18.21 25.77 12.95
CA MET D 73 -18.39 25.04 14.16
C MET D 73 -17.94 25.85 15.35
N THR D 74 -17.13 26.86 15.11
CA THR D 74 -16.48 27.58 16.20
C THR D 74 -17.11 28.96 16.41
N HIS D 75 -17.35 29.69 15.34
CA HIS D 75 -17.70 31.08 15.48
C HIS D 75 -19.16 31.30 15.75
N VAL D 76 -20.01 30.43 15.23
CA VAL D 76 -21.46 30.59 15.46
C VAL D 76 -21.74 30.62 16.96
N PRO D 77 -21.31 29.61 17.70
CA PRO D 77 -21.54 29.66 19.13
C PRO D 77 -20.73 30.72 19.81
N LEU D 78 -19.44 30.83 19.52
CA LEU D 78 -18.62 31.80 20.29
C LEU D 78 -19.17 33.23 20.20
N LEU D 79 -19.61 33.64 19.02
CA LEU D 79 -20.18 34.96 18.88
C LEU D 79 -21.65 35.00 19.25
N ALA D 80 -22.34 33.89 19.34
CA ALA D 80 -23.71 33.90 19.80
C ALA D 80 -23.70 34.05 21.31
N HIS D 81 -22.93 33.21 21.97
CA HIS D 81 -22.58 33.48 23.34
C HIS D 81 -21.86 34.80 23.22
N GLY D 82 -21.99 35.66 24.17
CA GLY D 82 -21.30 36.94 23.99
C GLY D 82 -19.86 36.90 24.42
N HIS D 83 -19.62 36.18 25.53
CA HIS D 83 -18.49 36.38 26.39
C HIS D 83 -17.93 35.03 26.83
N ALA D 84 -17.52 34.23 25.84
CA ALA D 84 -16.94 32.91 26.12
C ALA D 84 -15.49 33.03 26.54
N LYS D 85 -15.21 32.75 27.81
CA LYS D 85 -13.85 32.87 28.31
C LYS D 85 -13.10 31.53 28.31
N HIS D 86 -13.83 30.43 28.51
CA HIS D 86 -13.24 29.09 28.52
C HIS D 86 -13.97 28.15 27.57
N VAL D 87 -13.18 27.48 26.73
CA VAL D 87 -13.73 26.61 25.72
C VAL D 87 -13.15 25.20 25.85
N LEU D 88 -13.99 24.19 25.66
CA LEU D 88 -13.53 22.82 25.63
C LEU D 88 -13.76 22.29 24.25
N ILE D 89 -12.72 21.72 23.66
CA ILE D 89 -12.85 21.01 22.39
C ILE D 89 -12.76 19.48 22.64
N ILE D 90 -13.76 18.73 22.18
CA ILE D 90 -13.71 17.28 22.29
C ILE D 90 -13.55 16.71 20.91
N GLY D 91 -12.54 15.86 20.74
CA GLY D 91 -12.11 15.48 19.40
C GLY D 91 -11.26 16.62 18.89
N GLY D 92 -11.26 16.82 17.56
CA GLY D 92 -10.46 17.87 16.93
C GLY D 92 -8.96 17.65 17.11
N GLY D 93 -8.49 16.46 16.75
CA GLY D 93 -7.04 16.17 16.76
C GLY D 93 -6.23 16.95 15.72
N ASP D 94 -6.88 17.28 14.60
CA ASP D 94 -6.23 18.06 13.56
C ASP D 94 -5.75 19.43 14.05
N GLY D 95 -6.52 20.04 14.95
CA GLY D 95 -6.18 21.34 15.52
C GLY D 95 -6.80 22.51 14.78
N ALA D 96 -7.57 22.25 13.73
CA ALA D 96 -8.21 23.36 13.01
C ALA D 96 -9.13 24.12 13.95
N MET D 97 -9.94 23.37 14.67
CA MET D 97 -10.83 23.94 15.66
C MET D 97 -10.04 24.79 16.67
N LEU D 98 -8.95 24.25 17.20
CA LEU D 98 -8.11 25.06 18.09
C LEU D 98 -7.72 26.35 17.36
N ARG D 99 -7.25 26.26 16.14
CA ARG D 99 -6.83 27.44 15.41
C ARG D 99 -7.88 28.54 15.47
N GLU D 100 -9.12 28.17 15.18
CA GLU D 100 -10.18 29.15 15.03
C GLU D 100 -10.56 29.67 16.39
N VAL D 101 -10.71 28.80 17.39
CA VAL D 101 -11.03 29.28 18.72
C VAL D 101 -9.95 30.28 19.15
N THR D 102 -8.70 29.97 18.86
CA THR D 102 -7.56 30.86 19.11
C THR D 102 -7.73 32.28 18.57
N ARG D 103 -8.49 32.44 17.51
CA ARG D 103 -8.61 33.76 16.92
C ARG D 103 -9.44 34.73 17.76
N HIS D 104 -10.08 34.26 18.81
CA HIS D 104 -10.85 35.14 19.66
C HIS D 104 -10.03 35.62 20.84
N LYS D 105 -9.64 36.90 20.78
CA LYS D 105 -8.73 37.43 21.78
C LYS D 105 -9.33 37.30 23.20
N ASN D 106 -10.65 37.39 23.31
CA ASN D 106 -11.29 37.37 24.60
C ASN D 106 -11.27 36.03 25.31
N VAL D 107 -11.08 34.96 24.57
CA VAL D 107 -10.98 33.63 25.17
C VAL D 107 -9.75 33.60 26.05
N GLU D 108 -9.85 33.09 27.26
CA GLU D 108 -8.65 33.02 28.12
C GLU D 108 -8.14 31.59 28.44
N SER D 109 -8.94 30.56 28.20
CA SER D 109 -8.46 29.19 28.30
C SER D 109 -9.14 28.25 27.32
N ILE D 110 -8.35 27.35 26.73
CA ILE D 110 -8.83 26.36 25.78
C ILE D 110 -8.40 24.97 26.27
N THR D 111 -9.31 24.00 26.23
CA THR D 111 -8.92 22.62 26.49
C THR D 111 -9.38 21.66 25.40
N MET D 112 -8.43 20.83 24.93
CA MET D 112 -8.68 19.80 23.94
C MET D 112 -8.52 18.46 24.65
N VAL D 113 -9.60 17.72 24.77
CA VAL D 113 -9.58 16.34 25.20
C VAL D 113 -9.56 15.46 23.97
N GLU D 114 -8.65 14.51 23.93
CA GLU D 114 -8.49 13.64 22.76
C GLU D 114 -8.19 12.19 23.17
N ILE D 115 -8.64 11.26 22.34
CA ILE D 115 -8.54 9.84 22.64
C ILE D 115 -7.10 9.41 22.89
N ASP D 116 -6.15 9.86 22.08
CA ASP D 116 -4.72 9.61 22.34
C ASP D 116 -3.80 10.70 21.78
N ALA D 117 -2.63 10.83 22.40
CA ALA D 117 -1.63 11.85 22.05
C ALA D 117 -0.98 11.59 20.71
N GLY D 118 -1.13 10.38 20.20
CA GLY D 118 -0.62 10.03 18.88
C GLY D 118 -1.33 10.78 17.76
N VAL D 119 -2.67 10.71 17.76
CA VAL D 119 -3.45 11.29 16.69
C VAL D 119 -3.19 12.79 16.53
N VAL D 120 -2.71 13.46 17.58
CA VAL D 120 -2.50 14.91 17.47
C VAL D 120 -1.13 15.23 16.85
N SER D 121 -0.09 14.62 17.35
CA SER D 121 1.24 14.91 16.81
C SER D 121 1.37 14.34 15.41
N PHE D 122 0.55 13.35 15.09
CA PHE D 122 0.47 12.85 13.73
C PHE D 122 -0.03 13.92 12.79
N CYS D 123 -1.25 14.40 13.06
CA CYS D 123 -1.85 15.48 12.29
C CYS D 123 -0.95 16.70 12.30
N ARG D 124 -0.24 16.90 13.41
CA ARG D 124 0.66 18.03 13.53
C ARG D 124 1.71 17.98 12.42
N GLN D 125 2.15 16.77 12.11
CA GLN D 125 3.20 16.56 11.13
C GLN D 125 2.69 16.61 9.71
N TYR D 126 1.60 15.90 9.47
CA TYR D 126 1.11 15.73 8.11
C TYR D 126 0.07 16.78 7.66
N LEU D 127 -0.69 17.37 8.61
CA LEU D 127 -1.64 18.43 8.31
C LEU D 127 -1.25 19.69 9.13
N PRO D 128 -0.08 20.26 8.80
CA PRO D 128 0.38 21.42 9.54
C PRO D 128 -0.50 22.66 9.40
N ASN D 129 -1.23 22.79 8.29
CA ASN D 129 -2.00 23.99 8.07
C ASN D 129 -3.32 23.98 8.79
N HIS D 130 -3.68 22.81 9.35
CA HIS D 130 -4.88 22.71 10.17
C HIS D 130 -4.65 23.44 11.46
N ASN D 131 -3.63 23.05 12.19
CA ASN D 131 -3.32 23.73 13.44
C ASN D 131 -2.76 25.15 13.19
N ALA D 132 -1.95 25.29 12.14
CA ALA D 132 -1.35 26.56 11.76
C ALA D 132 -0.68 27.23 12.95
N GLY D 133 0.12 26.47 13.67
CA GLY D 133 0.90 27.06 14.75
C GLY D 133 0.11 27.31 16.02
N SER D 134 -1.16 26.97 15.97
CA SER D 134 -2.09 27.15 17.05
C SER D 134 -1.72 26.43 18.36
N TYR D 135 -1.00 25.32 18.28
CA TYR D 135 -0.67 24.55 19.48
C TYR D 135 0.28 25.31 20.40
N ASP D 136 1.04 26.23 19.83
CA ASP D 136 1.98 27.05 20.60
C ASP D 136 1.28 28.13 21.45
N ASP D 137 -0.03 28.28 21.29
CA ASP D 137 -0.76 29.33 22.00
C ASP D 137 -0.77 29.13 23.48
N PRO D 138 -0.43 30.17 24.26
CA PRO D 138 -0.28 30.14 25.73
C PRO D 138 -1.50 29.64 26.53
N ARG D 139 -2.70 29.80 25.99
CA ARG D 139 -3.92 29.47 26.69
C ARG D 139 -4.32 28.05 26.47
N PHE D 140 -3.59 27.31 25.65
CA PHE D 140 -3.99 25.95 25.30
C PHE D 140 -3.55 24.86 26.28
N LYS D 141 -4.41 23.88 26.49
CA LYS D 141 -4.08 22.69 27.29
C LYS D 141 -4.64 21.44 26.61
N LEU D 142 -3.77 20.45 26.40
CA LEU D 142 -4.19 19.17 25.85
C LEU D 142 -4.37 18.17 26.99
N VAL D 143 -5.47 17.43 26.93
CA VAL D 143 -5.70 16.30 27.79
C VAL D 143 -5.90 15.05 26.93
N ILE D 144 -5.37 13.92 27.40
CA ILE D 144 -5.58 12.64 26.75
C ILE D 144 -6.58 11.89 27.61
N ASP D 145 -7.76 11.62 27.07
CA ASP D 145 -8.79 10.92 27.81
C ASP D 145 -10.03 10.69 26.96
N ASP D 146 -10.82 9.71 27.38
CA ASP D 146 -12.14 9.51 26.85
C ASP D 146 -12.96 10.78 27.16
N GLY D 147 -13.69 11.24 26.17
CA GLY D 147 -14.50 12.45 26.32
C GLY D 147 -15.62 12.29 27.32
N VAL D 148 -16.21 11.09 27.34
CA VAL D 148 -17.36 10.82 28.21
C VAL D 148 -16.88 10.72 29.66
N ASN D 149 -15.65 10.25 29.83
CA ASN D 149 -15.01 10.13 31.15
C ASN D 149 -14.66 11.51 31.73
N PHE D 150 -14.68 12.53 30.88
CA PHE D 150 -14.71 13.91 31.31
C PHE D 150 -16.18 14.31 31.72
N VAL D 151 -16.87 13.31 32.28
CA VAL D 151 -17.99 13.48 33.22
C VAL D 151 -17.41 13.44 34.65
N ASN D 152 -16.09 13.22 34.73
CA ASN D 152 -15.30 13.44 35.96
C ASN D 152 -14.90 14.91 36.15
N GLN D 153 -14.62 15.64 35.06
CA GLN D 153 -14.22 17.06 35.13
C GLN D 153 -12.85 17.04 35.82
N THR D 154 -12.10 18.15 35.89
CA THR D 154 -11.16 18.27 37.05
C THR D 154 -11.83 19.26 37.99
N SER D 155 -13.14 19.10 38.14
CA SER D 155 -14.05 20.14 38.58
C SER D 155 -13.96 21.30 37.62
N GLN D 156 -13.53 21.03 36.38
CA GLN D 156 -13.37 22.10 35.40
C GLN D 156 -14.73 22.51 34.85
N THR D 157 -14.76 23.65 34.17
CA THR D 157 -16.02 24.32 33.91
C THR D 157 -15.88 25.26 32.69
N PHE D 158 -16.78 25.14 31.70
CA PHE D 158 -16.64 25.86 30.44
C PHE D 158 -17.84 26.66 29.98
N ASP D 159 -17.62 27.54 29.00
CA ASP D 159 -18.66 28.41 28.44
C ASP D 159 -19.13 27.92 27.10
N VAL D 160 -18.26 27.22 26.39
CA VAL D 160 -18.63 26.56 25.14
C VAL D 160 -17.94 25.21 25.05
N ILE D 161 -18.68 24.20 24.64
CA ILE D 161 -18.11 22.87 24.36
C ILE D 161 -18.35 22.55 22.90
N ILE D 162 -17.29 22.28 22.17
CA ILE D 162 -17.43 21.91 20.79
C ILE D 162 -17.05 20.44 20.66
N SER D 163 -17.96 19.62 20.15
CA SER D 163 -17.70 18.17 20.01
C SER D 163 -17.48 17.79 18.55
N ASP D 164 -16.27 17.30 18.26
CA ASP D 164 -15.70 17.39 16.93
C ASP D 164 -15.39 16.01 16.40
N CYS D 165 -16.41 15.19 16.17
CA CYS D 165 -16.12 13.78 15.87
C CYS D 165 -16.04 13.33 14.39
N THR D 166 -16.97 13.78 13.55
CA THR D 166 -17.08 13.27 12.16
C THR D 166 -17.03 11.74 12.02
N ASP D 167 -17.28 11.01 13.10
CA ASP D 167 -17.39 9.56 13.07
C ASP D 167 -17.98 9.06 14.41
N GLU D 173 -18.06 6.73 19.34
CA GLU D 173 -19.50 6.58 19.08
C GLU D 173 -20.34 6.98 20.32
N SER D 174 -19.71 7.02 21.50
CA SER D 174 -20.41 7.37 22.75
C SER D 174 -20.34 8.87 23.08
N LEU D 175 -19.86 9.64 22.13
CA LEU D 175 -19.94 11.07 22.19
C LEU D 175 -21.38 11.46 21.91
N PHE D 176 -22.17 10.50 21.46
CA PHE D 176 -23.59 10.68 21.10
C PHE D 176 -24.59 10.03 22.11
N THR D 177 -24.06 9.36 23.16
CA THR D 177 -24.88 8.85 24.26
C THR D 177 -25.55 9.95 25.06
N SER D 178 -26.68 9.59 25.66
CA SER D 178 -27.43 10.48 26.56
C SER D 178 -26.64 10.75 27.84
N ALA D 179 -25.64 9.92 28.11
CA ALA D 179 -24.78 10.09 29.29
C ALA D 179 -23.57 11.00 29.04
N PHE D 180 -23.24 11.20 27.77
CA PHE D 180 -22.24 12.20 27.43
C PHE D 180 -22.78 13.58 27.68
N TYR D 181 -24.04 13.75 27.36
CA TYR D 181 -24.64 15.06 27.42
C TYR D 181 -24.79 15.50 28.85
N GLU D 182 -25.00 14.56 29.76
CA GLU D 182 -25.12 14.90 31.18
C GLU D 182 -23.83 15.45 31.72
N GLY D 183 -22.73 14.79 31.36
CA GLY D 183 -21.39 15.24 31.69
C GLY D 183 -21.17 16.63 31.14
N CYS D 184 -21.47 16.79 29.86
CA CYS D 184 -21.34 18.10 29.23
C CYS D 184 -22.09 19.15 30.03
N LYS D 185 -23.38 18.91 30.33
CA LYS D 185 -24.13 19.94 31.02
C LYS D 185 -23.55 20.19 32.37
N ARG D 186 -23.07 19.13 32.97
CA ARG D 186 -22.64 19.23 34.33
C ARG D 186 -21.57 20.24 34.39
N CYS D 187 -20.69 20.27 33.39
CA CYS D 187 -19.56 21.19 33.37
C CYS D 187 -19.79 22.53 32.67
N LEU D 188 -20.97 22.74 32.09
CA LEU D 188 -21.19 23.98 31.38
C LEU D 188 -21.42 25.08 32.37
N ASN D 189 -20.76 26.19 32.21
CA ASN D 189 -21.00 27.28 33.09
C ASN D 189 -22.42 27.51 32.70
N PRO D 190 -23.16 28.24 33.50
CA PRO D 190 -24.60 28.37 33.31
C PRO D 190 -25.14 28.85 31.97
N GLY D 191 -24.52 29.82 31.34
CA GLY D 191 -25.12 30.38 30.15
C GLY D 191 -24.66 29.66 28.94
N GLY D 192 -23.99 28.56 29.18
CA GLY D 192 -23.15 27.91 28.17
C GLY D 192 -23.84 27.27 26.98
N ILE D 193 -23.03 26.94 25.97
CA ILE D 193 -23.48 26.29 24.74
C ILE D 193 -22.68 25.02 24.47
N PHE D 194 -23.40 24.02 23.99
CA PHE D 194 -22.81 22.81 23.49
C PHE D 194 -23.18 22.75 22.02
N VAL D 195 -22.19 22.59 21.15
CA VAL D 195 -22.46 22.31 19.74
C VAL D 195 -21.78 21.02 19.39
N ALA D 196 -22.36 20.30 18.45
CA ALA D 196 -21.76 19.07 17.96
C ALA D 196 -22.17 18.79 16.52
N GLN D 197 -21.26 18.13 15.80
CA GLN D 197 -21.43 17.82 14.41
C GLN D 197 -22.39 16.66 14.38
N ASN D 198 -23.41 16.77 13.54
CA ASN D 198 -24.51 15.81 13.59
C ASN D 198 -24.83 15.19 12.24
N GLY D 199 -23.88 15.24 11.30
CA GLY D 199 -23.97 14.47 10.06
C GLY D 199 -24.79 15.14 8.99
N VAL D 200 -24.69 14.66 7.76
CA VAL D 200 -25.36 15.29 6.64
C VAL D 200 -26.82 14.82 6.69
N CYS D 201 -27.74 15.73 6.38
CA CYS D 201 -29.13 15.52 6.72
C CYS D 201 -30.00 15.00 5.56
N PHE D 202 -29.47 14.99 4.34
CA PHE D 202 -30.30 14.59 3.21
C PHE D 202 -30.84 13.17 3.27
N LEU D 203 -29.96 12.19 3.42
CA LEU D 203 -30.31 10.77 3.43
C LEU D 203 -31.17 10.29 4.55
N GLN D 204 -30.89 10.78 5.71
CA GLN D 204 -31.55 10.33 6.92
C GLN D 204 -31.54 11.43 7.96
N GLN D 205 -32.60 11.48 8.74
CA GLN D 205 -32.73 12.46 9.83
C GLN D 205 -32.89 11.83 11.19
N GLU D 206 -32.73 10.52 11.28
CA GLU D 206 -32.94 9.83 12.54
C GLU D 206 -31.88 10.32 13.54
N GLU D 207 -30.65 10.45 13.06
CA GLU D 207 -29.58 10.94 13.92
C GLU D 207 -29.95 12.29 14.53
N ALA D 208 -30.47 13.18 13.70
CA ALA D 208 -30.94 14.46 14.22
C ALA D 208 -32.10 14.32 15.23
N ILE D 209 -33.05 13.43 14.95
CA ILE D 209 -34.20 13.26 15.84
C ILE D 209 -33.74 12.76 17.22
N ASP D 210 -32.83 11.80 17.17
CA ASP D 210 -32.34 11.16 18.38
C ASP D 210 -31.56 12.17 19.20
N SER D 211 -30.62 12.85 18.54
CA SER D 211 -29.86 13.93 19.19
C SER D 211 -30.78 14.89 19.90
N HIS D 212 -31.78 15.39 19.17
CA HIS D 212 -32.67 16.36 19.73
C HIS D 212 -33.32 15.80 20.99
N ARG D 213 -33.87 14.59 20.89
CA ARG D 213 -34.54 13.95 22.04
C ARG D 213 -33.60 13.88 23.24
N LYS D 214 -32.41 13.32 23.05
CA LYS D 214 -31.48 13.12 24.16
C LYS D 214 -31.05 14.52 24.72
N LEU D 215 -30.59 15.43 23.85
CA LEU D 215 -30.15 16.72 24.33
C LEU D 215 -31.22 17.42 25.10
N SER D 216 -32.47 17.20 24.72
CA SER D 216 -33.56 17.94 25.36
C SER D 216 -33.75 17.53 26.81
N HIS D 217 -33.26 16.34 27.17
CA HIS D 217 -33.36 15.88 28.56
C HIS D 217 -32.46 16.71 29.48
N TYR D 218 -31.36 17.22 28.94
CA TYR D 218 -30.38 17.95 29.74
C TYR D 218 -30.38 19.47 29.48
N PHE D 219 -30.92 19.91 28.34
CA PHE D 219 -30.94 21.32 27.99
C PHE D 219 -32.33 21.82 27.67
N SER D 220 -32.58 23.07 27.99
CA SER D 220 -33.91 23.64 27.80
C SER D 220 -34.12 24.26 26.42
N ASP D 221 -33.04 24.42 25.64
CA ASP D 221 -33.16 24.90 24.25
C ASP D 221 -32.23 24.06 23.40
N VAL D 222 -32.83 23.28 22.51
CA VAL D 222 -32.09 22.34 21.65
C VAL D 222 -32.58 22.47 20.18
N GLY D 223 -31.62 22.76 19.29
CA GLY D 223 -31.93 22.89 17.88
C GLY D 223 -30.70 22.57 17.06
N PHE D 224 -30.75 22.95 15.78
CA PHE D 224 -29.67 22.74 14.82
C PHE D 224 -29.46 23.97 13.91
N TYR D 225 -28.21 24.11 13.47
CA TYR D 225 -27.90 25.00 12.37
C TYR D 225 -27.20 24.19 11.29
N GLN D 226 -26.85 24.83 10.18
CA GLN D 226 -26.30 24.05 9.10
C GLN D 226 -25.34 24.78 8.21
N ALA D 227 -24.56 23.98 7.51
CA ALA D 227 -23.62 24.51 6.55
C ALA D 227 -23.35 23.37 5.60
N ALA D 228 -22.92 23.67 4.37
CA ALA D 228 -22.67 22.61 3.38
C ALA D 228 -21.18 22.56 3.12
N ILE D 229 -20.56 21.49 3.58
CA ILE D 229 -19.12 21.27 3.41
C ILE D 229 -18.90 20.31 2.22
N PRO D 230 -18.24 20.79 1.14
CA PRO D 230 -18.15 20.08 -0.14
C PRO D 230 -17.81 18.59 0.04
N THR D 231 -16.88 18.39 0.95
CA THR D 231 -16.20 17.12 1.08
C THR D 231 -16.89 16.17 2.03
N TYR D 232 -17.95 16.65 2.72
CA TYR D 232 -18.93 15.78 3.36
C TYR D 232 -20.13 15.69 2.46
N TYR D 233 -20.18 14.59 1.71
CA TYR D 233 -21.04 14.45 0.55
C TYR D 233 -22.48 14.44 0.97
N GLY D 234 -23.35 15.05 0.16
CA GLY D 234 -24.80 14.93 0.33
C GLY D 234 -25.52 16.15 0.81
N GLY D 235 -25.06 17.32 0.39
CA GLY D 235 -25.71 18.58 0.77
C GLY D 235 -25.33 19.07 2.14
N ILE D 236 -26.31 19.63 2.85
CA ILE D 236 -26.04 20.31 4.12
C ILE D 236 -25.80 19.33 5.27
N MET D 237 -24.95 19.76 6.18
CA MET D 237 -24.59 19.07 7.39
C MET D 237 -25.27 19.83 8.52
N THR D 238 -25.49 19.15 9.62
CA THR D 238 -26.27 19.69 10.68
C THR D 238 -25.45 19.74 11.95
N PHE D 239 -25.59 20.82 12.68
CA PHE D 239 -24.82 20.98 13.89
C PHE D 239 -25.80 21.11 15.01
N ALA D 240 -25.66 20.26 16.02
CA ALA D 240 -26.54 20.32 17.18
C ALA D 240 -26.21 21.58 18.00
N TRP D 241 -27.25 22.13 18.58
CA TRP D 241 -27.14 23.34 19.36
C TRP D 241 -27.93 23.17 20.65
N ALA D 242 -27.23 23.24 21.78
CA ALA D 242 -27.89 22.93 23.06
C ALA D 242 -27.45 23.88 24.09
N THR D 243 -28.41 24.39 24.85
CA THR D 243 -28.14 25.42 25.83
C THR D 243 -29.35 25.67 26.70
N ASP D 244 -29.11 26.16 27.90
CA ASP D 244 -30.22 26.59 28.78
C ASP D 244 -30.63 28.03 28.49
N ASN D 245 -29.80 28.74 27.74
CA ASN D 245 -30.06 30.13 27.37
C ASN D 245 -30.84 30.18 26.05
N ASP D 246 -32.17 30.27 26.16
CA ASP D 246 -33.02 30.09 24.98
C ASP D 246 -33.03 31.33 24.07
N ALA D 247 -32.33 32.40 24.47
CA ALA D 247 -32.20 33.62 23.64
C ALA D 247 -31.12 33.51 22.56
N LEU D 248 -30.05 32.79 22.86
CA LEU D 248 -28.82 32.82 22.06
C LEU D 248 -28.96 32.54 20.58
N ARG D 249 -29.94 31.75 20.17
CA ARG D 249 -30.11 31.54 18.73
C ARG D 249 -31.24 32.32 18.15
N HIS D 250 -31.72 33.33 18.84
CA HIS D 250 -32.63 34.29 18.24
C HIS D 250 -32.05 35.70 18.27
N LEU D 251 -30.74 35.82 18.31
CA LEU D 251 -30.14 37.14 18.34
C LEU D 251 -30.30 37.81 16.98
N SER D 252 -30.40 39.12 16.99
CA SER D 252 -30.50 39.89 15.77
C SER D 252 -29.21 39.80 15.02
N THR D 253 -29.28 39.90 13.71
CA THR D 253 -28.06 39.78 12.95
C THR D 253 -27.21 41.04 13.25
N GLU D 254 -27.86 42.15 13.54
CA GLU D 254 -27.18 43.38 13.92
C GLU D 254 -26.17 43.11 15.05
N ILE D 255 -26.61 42.47 16.12
CA ILE D 255 -25.75 42.31 17.31
C ILE D 255 -24.57 41.43 16.99
N ILE D 256 -24.81 40.35 16.27
CA ILE D 256 -23.73 39.44 15.82
C ILE D 256 -22.72 40.27 14.99
N GLN D 257 -23.26 41.13 14.12
CA GLN D 257 -22.41 41.97 13.31
C GLN D 257 -21.57 42.85 14.23
N ALA D 258 -22.17 43.44 15.27
CA ALA D 258 -21.41 44.27 16.20
C ALA D 258 -20.29 43.49 16.83
N ARG D 259 -20.59 42.30 17.30
CA ARG D 259 -19.62 41.42 17.90
C ARG D 259 -18.57 40.98 16.96
N PHE D 260 -18.96 40.74 15.74
CA PHE D 260 -18.05 40.38 14.71
C PHE D 260 -17.10 41.50 14.35
N LEU D 261 -17.57 42.74 14.39
CA LEU D 261 -16.72 43.82 13.93
C LEU D 261 -15.51 43.83 14.77
N ALA D 262 -15.61 43.69 16.05
CA ALA D 262 -14.40 43.48 16.76
C ALA D 262 -14.95 42.74 17.86
N SER D 263 -14.29 41.68 18.31
CA SER D 263 -13.01 41.25 17.78
C SER D 263 -13.08 40.78 16.38
N GLY D 264 -12.09 41.26 15.65
CA GLY D 264 -12.05 41.31 14.22
C GLY D 264 -11.52 40.16 13.47
N LEU D 265 -12.30 39.12 13.43
CA LEU D 265 -11.96 38.00 12.64
C LEU D 265 -12.06 38.43 11.25
N LYS D 266 -11.28 37.82 10.41
CA LYS D 266 -11.49 37.88 9.02
C LYS D 266 -11.67 36.44 8.60
N CYS D 267 -12.91 36.01 8.40
CA CYS D 267 -13.18 34.63 8.01
C CYS D 267 -13.32 34.47 6.51
N ARG D 268 -13.43 33.22 6.08
CA ARG D 268 -13.51 32.92 4.66
C ARG D 268 -14.80 32.27 4.20
N TYR D 269 -15.57 31.77 5.16
CA TYR D 269 -16.93 31.40 4.93
C TYR D 269 -17.84 32.23 5.81
N TYR D 270 -17.59 32.18 7.12
CA TYR D 270 -18.43 32.83 8.13
C TYR D 270 -18.61 34.33 7.91
N ASN D 271 -19.81 34.79 8.20
CA ASN D 271 -20.10 36.20 8.37
C ASN D 271 -21.49 36.32 9.04
N PRO D 272 -21.83 37.52 9.53
CA PRO D 272 -23.05 37.51 10.34
C PRO D 272 -24.29 37.13 9.58
N ALA D 273 -24.36 37.45 8.29
CA ALA D 273 -25.49 37.02 7.48
C ALA D 273 -25.57 35.54 7.42
N ILE D 274 -24.40 34.90 7.29
CA ILE D 274 -24.37 33.45 7.25
C ILE D 274 -24.84 32.90 8.57
N HIS D 275 -24.38 33.51 9.64
CA HIS D 275 -24.62 33.04 11.00
C HIS D 275 -26.12 32.96 11.23
N THR D 276 -26.78 34.07 11.03
CA THR D 276 -28.20 34.08 11.19
C THR D 276 -28.89 33.03 10.31
N ALA D 277 -28.48 32.95 9.03
CA ALA D 277 -29.18 32.10 8.05
C ALA D 277 -28.93 30.62 8.35
N ALA D 278 -27.77 30.36 8.97
CA ALA D 278 -27.38 29.01 9.32
C ALA D 278 -28.55 28.27 10.04
N PHE D 279 -29.36 29.03 10.79
CA PHE D 279 -30.40 28.43 11.59
C PHE D 279 -31.67 28.16 10.82
N ALA D 280 -31.78 28.60 9.57
CA ALA D 280 -32.95 28.20 8.72
C ALA D 280 -32.72 26.80 8.27
N LEU D 281 -33.69 25.95 8.55
CA LEU D 281 -33.59 24.55 8.17
C LEU D 281 -34.59 24.21 7.06
N PRO D 282 -34.15 23.37 6.11
CA PRO D 282 -35.01 22.97 5.03
C PRO D 282 -36.20 22.20 5.55
N GLN D 283 -37.27 22.25 4.78
CA GLN D 283 -38.55 21.83 5.30
C GLN D 283 -38.53 20.38 5.76
N TYR D 284 -37.94 19.51 4.97
CA TYR D 284 -37.92 18.11 5.33
C TYR D 284 -37.32 17.93 6.70
N LEU D 285 -36.25 18.65 7.02
CA LEU D 285 -35.62 18.45 8.31
C LEU D 285 -36.56 18.85 9.43
N GLN D 286 -37.34 19.90 9.23
CA GLN D 286 -38.21 20.40 10.30
C GLN D 286 -39.35 19.44 10.53
N ASP D 287 -39.89 18.99 9.41
CA ASP D 287 -40.98 18.04 9.38
C ASP D 287 -40.53 16.85 10.13
N ALA D 288 -39.29 16.48 9.90
CA ALA D 288 -38.76 15.31 10.54
C ALA D 288 -38.86 15.52 12.00
N LEU D 289 -38.69 16.73 12.47
CA LEU D 289 -38.66 16.94 13.89
C LEU D 289 -39.99 17.15 14.59
N ALA D 290 -41.06 17.16 13.82
CA ALA D 290 -42.38 17.22 14.41
C ALA D 290 -42.30 16.86 15.87
N LYS E 11 -0.95 -73.08 -5.07
CA LYS E 11 -0.51 -71.93 -5.90
C LYS E 11 -0.45 -70.67 -5.05
N GLN E 12 0.74 -70.29 -4.58
CA GLN E 12 0.91 -69.13 -3.67
C GLN E 12 0.83 -67.80 -4.42
N TRP E 13 0.29 -66.76 -3.80
CA TRP E 13 0.21 -65.46 -4.45
C TRP E 13 0.97 -64.45 -3.58
N HIS E 14 1.93 -63.75 -4.21
CA HIS E 14 2.81 -62.85 -3.50
C HIS E 14 2.45 -61.40 -3.82
N GLU E 15 2.46 -60.55 -2.80
CA GLU E 15 2.36 -59.13 -3.03
C GLU E 15 3.70 -58.66 -3.56
N THR E 16 3.66 -57.69 -4.46
CA THR E 16 4.87 -57.14 -5.11
C THR E 16 5.09 -55.67 -4.80
N LEU E 17 4.36 -55.13 -3.83
CA LEU E 17 4.44 -53.72 -3.56
C LEU E 17 5.89 -53.33 -3.35
N HIS E 18 6.61 -54.09 -2.53
CA HIS E 18 8.04 -53.84 -2.31
C HIS E 18 8.86 -54.97 -2.89
N ASP E 19 10.04 -54.64 -3.41
CA ASP E 19 10.96 -55.63 -3.97
C ASP E 19 11.64 -56.50 -2.92
N GLN E 20 11.86 -55.95 -1.73
CA GLN E 20 12.70 -56.58 -0.71
C GLN E 20 11.98 -57.49 0.29
N PHE E 21 10.66 -57.40 0.32
CA PHE E 21 9.89 -58.22 1.24
C PHE E 21 8.41 -58.11 0.87
N GLY E 22 7.58 -59.02 1.37
CA GLY E 22 6.15 -58.87 1.18
C GLY E 22 5.34 -59.83 2.01
N GLN E 23 4.03 -59.80 1.78
CA GLN E 23 3.11 -60.77 2.34
C GLN E 23 2.67 -61.66 1.18
N TYR E 24 2.34 -62.92 1.50
CA TYR E 24 1.83 -63.85 0.50
C TYR E 24 0.65 -64.62 1.06
N PHE E 25 -0.14 -65.22 0.18
CA PHE E 25 -1.35 -65.96 0.55
C PHE E 25 -1.52 -67.25 -0.24
N ALA E 26 -2.03 -68.29 0.43
CA ALA E 26 -2.47 -69.50 -0.25
C ALA E 26 -3.69 -69.13 -1.06
N VAL E 27 -3.80 -69.68 -2.25
CA VAL E 27 -4.98 -69.51 -3.09
C VAL E 27 -5.79 -70.80 -3.07
N ASP E 28 -7.02 -70.70 -2.57
CA ASP E 28 -7.94 -71.81 -2.58
C ASP E 28 -8.71 -71.84 -3.89
N ASN E 29 -8.89 -70.68 -4.51
CA ASN E 29 -9.71 -70.56 -5.71
C ASN E 29 -9.66 -69.14 -6.29
N VAL E 30 -9.33 -69.00 -7.57
CA VAL E 30 -9.35 -67.69 -8.24
C VAL E 30 -10.75 -67.41 -8.78
N LEU E 31 -11.37 -66.33 -8.29
CA LEU E 31 -12.69 -65.93 -8.76
C LEU E 31 -12.61 -65.11 -10.05
N TYR E 32 -11.53 -64.34 -10.21
CA TYR E 32 -11.36 -63.46 -11.36
C TYR E 32 -9.88 -63.18 -11.59
N HIS E 33 -9.46 -63.09 -12.86
CA HIS E 33 -8.10 -62.69 -13.20
C HIS E 33 -8.05 -62.05 -14.60
N GLU E 34 -7.46 -60.88 -14.70
CA GLU E 34 -7.21 -60.25 -15.97
C GLU E 34 -5.75 -59.97 -15.80
N LYS E 35 -4.91 -60.40 -16.72
CA LYS E 35 -3.49 -60.36 -16.41
C LYS E 35 -2.49 -59.64 -17.27
N THR E 36 -2.80 -59.39 -18.52
CA THR E 36 -1.76 -58.80 -19.37
C THR E 36 -1.62 -57.30 -19.26
N ASP E 37 -0.52 -56.79 -19.79
CA ASP E 37 -0.24 -55.37 -19.71
C ASP E 37 -1.41 -54.75 -20.43
N HIS E 38 -1.76 -53.51 -20.10
CA HIS E 38 -0.97 -52.66 -19.23
C HIS E 38 -1.49 -52.53 -17.79
N GLN E 39 -2.50 -53.31 -17.45
CA GLN E 39 -3.00 -53.41 -16.09
C GLN E 39 -3.38 -54.86 -15.80
N ASP E 40 -3.19 -55.29 -14.57
CA ASP E 40 -3.56 -56.63 -14.16
C ASP E 40 -4.39 -56.56 -12.89
N LEU E 41 -5.48 -57.29 -12.84
CA LEU E 41 -6.30 -57.27 -11.65
C LEU E 41 -6.78 -58.66 -11.33
N ILE E 42 -7.02 -58.95 -10.07
CA ILE E 42 -7.54 -60.25 -9.73
C ILE E 42 -8.19 -60.31 -8.38
N ILE E 43 -8.95 -61.36 -8.18
CA ILE E 43 -9.70 -61.65 -6.96
C ILE E 43 -9.70 -63.15 -6.69
N PHE E 44 -9.22 -63.54 -5.53
CA PHE E 44 -9.16 -64.95 -5.15
C PHE E 44 -9.55 -65.14 -3.70
N GLU E 45 -9.93 -66.36 -3.35
CA GLU E 45 -10.31 -66.67 -1.99
C GLU E 45 -9.12 -67.27 -1.28
N ASN E 46 -8.95 -66.85 -0.04
CA ASN E 46 -7.91 -67.39 0.82
C ASN E 46 -8.58 -67.79 2.12
N ALA E 47 -8.18 -68.92 2.69
CA ALA E 47 -8.78 -69.44 3.92
C ALA E 47 -8.84 -68.43 5.07
N ALA E 48 -7.78 -67.64 5.24
CA ALA E 48 -7.66 -66.74 6.37
C ALA E 48 -8.41 -65.44 6.15
N PHE E 49 -8.16 -64.78 5.02
CA PHE E 49 -8.65 -63.42 4.77
C PHE E 49 -9.83 -63.33 3.78
N GLY E 50 -10.40 -64.47 3.45
CA GLY E 50 -11.50 -64.48 2.52
C GLY E 50 -11.06 -63.98 1.15
N ARG E 51 -11.96 -63.24 0.50
CA ARG E 51 -11.70 -62.69 -0.83
C ARG E 51 -10.65 -61.60 -0.80
N VAL E 52 -9.69 -61.67 -1.71
CA VAL E 52 -8.58 -60.73 -1.74
C VAL E 52 -8.52 -60.08 -3.12
N MET E 53 -8.63 -58.77 -3.18
CA MET E 53 -8.47 -58.04 -4.44
C MET E 53 -7.05 -57.49 -4.48
N ALA E 54 -6.41 -57.60 -5.64
CA ALA E 54 -5.05 -57.12 -5.83
C ALA E 54 -4.89 -56.56 -7.23
N LEU E 55 -4.25 -55.40 -7.31
CA LEU E 55 -4.09 -54.70 -8.58
C LEU E 55 -2.62 -54.40 -8.81
N ASP E 56 -2.11 -54.92 -9.92
CA ASP E 56 -0.69 -54.77 -10.27
C ASP E 56 0.22 -55.22 -9.10
N GLY E 57 -0.19 -56.33 -8.49
CA GLY E 57 0.62 -57.00 -7.48
C GLY E 57 0.51 -56.41 -6.09
N VAL E 58 -0.40 -55.43 -5.91
CA VAL E 58 -0.52 -54.73 -4.65
C VAL E 58 -1.93 -54.98 -4.06
N VAL E 59 -2.01 -55.49 -2.82
CA VAL E 59 -3.31 -55.84 -2.21
C VAL E 59 -4.12 -54.57 -1.94
N GLN E 60 -5.32 -54.52 -2.50
CA GLN E 60 -6.18 -53.37 -2.35
C GLN E 60 -7.08 -53.50 -1.13
N THR E 61 -7.67 -54.67 -0.98
CA THR E 61 -8.61 -54.92 0.10
C THR E 61 -8.78 -56.42 0.31
N THR E 62 -9.37 -56.76 1.43
CA THR E 62 -9.51 -58.13 1.87
C THR E 62 -10.86 -58.22 2.59
N GLU E 63 -11.59 -59.30 2.32
CA GLU E 63 -12.94 -59.46 2.87
C GLU E 63 -12.92 -59.39 4.37
N ARG E 64 -11.99 -60.12 4.99
CA ARG E 64 -11.99 -60.35 6.44
C ARG E 64 -11.51 -59.18 7.29
N ASP E 65 -10.66 -58.29 6.74
CA ASP E 65 -10.06 -57.22 7.58
C ASP E 65 -10.37 -55.79 7.13
N GLU E 66 -11.08 -55.65 6.01
CA GLU E 66 -11.45 -54.33 5.52
C GLU E 66 -12.19 -53.50 6.57
N PHE E 67 -12.96 -54.16 7.45
CA PHE E 67 -13.68 -53.41 8.50
C PHE E 67 -12.80 -52.46 9.29
N ILE E 68 -11.55 -52.88 9.59
CA ILE E 68 -10.67 -52.05 10.41
C ILE E 68 -10.39 -50.76 9.66
N TYR E 69 -9.99 -50.92 8.41
CA TYR E 69 -9.69 -49.80 7.54
C TYR E 69 -10.88 -48.90 7.45
N HIS E 70 -12.03 -49.45 7.10
CA HIS E 70 -13.16 -48.59 6.79
C HIS E 70 -13.81 -48.00 8.02
N GLU E 71 -13.86 -48.76 9.10
CA GLU E 71 -14.40 -48.19 10.34
C GLU E 71 -13.58 -46.98 10.75
N MET E 72 -12.26 -47.14 10.79
CA MET E 72 -11.41 -46.08 11.33
C MET E 72 -11.42 -44.91 10.37
N MET E 73 -11.59 -45.15 9.09
CA MET E 73 -11.51 -44.07 8.16
C MET E 73 -12.79 -43.25 8.15
N THR E 74 -13.87 -43.84 8.61
CA THR E 74 -15.16 -43.22 8.51
C THR E 74 -15.63 -42.61 9.86
N HIS E 75 -15.49 -43.37 10.95
CA HIS E 75 -16.15 -43.01 12.20
C HIS E 75 -15.40 -42.01 12.98
N VAL E 76 -14.08 -42.07 12.93
CA VAL E 76 -13.24 -41.13 13.66
C VAL E 76 -13.62 -39.70 13.29
N PRO E 77 -13.61 -39.34 11.99
CA PRO E 77 -14.05 -38.00 11.63
C PRO E 77 -15.54 -37.77 11.82
N LEU E 78 -16.37 -38.70 11.38
CA LEU E 78 -17.81 -38.42 11.49
C LEU E 78 -18.24 -38.09 12.93
N LEU E 79 -17.71 -38.83 13.90
CA LEU E 79 -18.08 -38.63 15.28
C LEU E 79 -17.27 -37.55 15.92
N ALA E 80 -16.12 -37.20 15.37
CA ALA E 80 -15.33 -36.09 15.92
C ALA E 80 -16.00 -34.79 15.49
N HIS E 81 -16.30 -34.66 14.21
CA HIS E 81 -17.27 -33.68 13.74
C HIS E 81 -18.53 -34.08 14.43
N GLY E 82 -19.32 -33.14 14.91
CA GLY E 82 -20.51 -33.57 15.63
C GLY E 82 -21.67 -33.98 14.70
N HIS E 83 -21.80 -33.18 13.64
CA HIS E 83 -23.04 -33.03 12.95
C HIS E 83 -22.82 -33.04 11.44
N ALA E 84 -22.21 -34.12 10.95
CA ALA E 84 -21.92 -34.26 9.55
C ALA E 84 -23.20 -34.64 8.80
N LYS E 85 -23.70 -33.74 7.97
CA LYS E 85 -24.91 -34.00 7.19
C LYS E 85 -24.63 -34.42 5.73
N HIS E 86 -23.50 -33.96 5.19
CA HIS E 86 -23.08 -34.30 3.83
C HIS E 86 -21.63 -34.77 3.77
N VAL E 87 -21.45 -35.95 3.18
CA VAL E 87 -20.16 -36.59 3.05
C VAL E 87 -19.80 -36.87 1.60
N LEU E 88 -18.56 -36.60 1.25
CA LEU E 88 -18.01 -36.92 -0.06
C LEU E 88 -16.98 -38.02 0.12
N ILE E 89 -17.12 -39.08 -0.64
CA ILE E 89 -16.11 -40.14 -0.66
C ILE E 89 -15.35 -40.08 -1.98
N ILE E 90 -14.02 -40.00 -1.90
CA ILE E 90 -13.19 -39.99 -3.10
C ILE E 90 -12.44 -41.31 -3.16
N GLY E 91 -12.57 -42.02 -4.28
CA GLY E 91 -12.12 -43.39 -4.34
C GLY E 91 -13.19 -44.21 -3.70
N GLY E 92 -12.82 -45.33 -3.10
CA GLY E 92 -13.77 -46.22 -2.46
C GLY E 92 -14.75 -46.89 -3.42
N GLY E 93 -14.24 -47.46 -4.50
CA GLY E 93 -15.08 -48.17 -5.44
C GLY E 93 -15.71 -49.43 -4.87
N ASP E 94 -15.07 -50.03 -3.87
CA ASP E 94 -15.58 -51.24 -3.22
C ASP E 94 -16.87 -51.01 -2.47
N GLY E 95 -17.08 -49.79 -2.01
CA GLY E 95 -18.32 -49.43 -1.34
C GLY E 95 -18.37 -49.72 0.15
N ALA E 96 -17.25 -50.20 0.70
CA ALA E 96 -17.12 -50.45 2.14
C ALA E 96 -17.29 -49.16 2.89
N MET E 97 -16.60 -48.13 2.40
CA MET E 97 -16.72 -46.80 2.97
C MET E 97 -18.18 -46.33 2.93
N LEU E 98 -18.83 -46.48 1.78
CA LEU E 98 -20.23 -46.09 1.69
C LEU E 98 -21.06 -46.81 2.75
N ARG E 99 -20.81 -48.10 2.92
CA ARG E 99 -21.54 -48.90 3.91
C ARG E 99 -21.45 -48.27 5.30
N GLU E 100 -20.25 -47.89 5.71
CA GLU E 100 -20.05 -47.38 7.06
C GLU E 100 -20.61 -45.96 7.24
N VAL E 101 -20.39 -45.10 6.26
CA VAL E 101 -21.00 -43.77 6.31
C VAL E 101 -22.53 -43.91 6.40
N THR E 102 -23.07 -44.85 5.64
CA THR E 102 -24.50 -45.18 5.69
C THR E 102 -25.05 -45.42 7.09
N ARG E 103 -24.24 -45.98 7.97
CA ARG E 103 -24.73 -46.36 9.29
C ARG E 103 -25.04 -45.19 10.21
N HIS E 104 -24.71 -43.98 9.78
CA HIS E 104 -25.01 -42.78 10.52
C HIS E 104 -26.33 -42.20 10.09
N LYS E 105 -27.34 -42.36 10.93
CA LYS E 105 -28.69 -41.95 10.57
C LYS E 105 -28.78 -40.45 10.29
N ASN E 106 -27.97 -39.67 10.98
CA ASN E 106 -27.99 -38.22 10.82
C ASN E 106 -27.46 -37.70 9.49
N VAL E 107 -26.65 -38.49 8.80
CA VAL E 107 -26.17 -38.11 7.48
C VAL E 107 -27.36 -38.02 6.51
N GLU E 108 -27.42 -36.97 5.72
CA GLU E 108 -28.54 -36.84 4.78
C GLU E 108 -28.15 -36.92 3.29
N SER E 109 -26.86 -36.74 2.96
CA SER E 109 -26.41 -36.95 1.57
C SER E 109 -24.99 -37.49 1.48
N ILE E 110 -24.75 -38.43 0.59
CA ILE E 110 -23.46 -39.04 0.42
C ILE E 110 -23.09 -39.02 -1.05
N THR E 111 -21.89 -38.57 -1.37
CA THR E 111 -21.44 -38.58 -2.77
C THR E 111 -20.13 -39.36 -2.96
N MET E 112 -20.12 -40.31 -3.90
CA MET E 112 -18.91 -41.04 -4.24
C MET E 112 -18.47 -40.60 -5.61
N VAL E 113 -17.29 -39.99 -5.67
CA VAL E 113 -16.63 -39.68 -6.93
C VAL E 113 -15.64 -40.82 -7.24
N GLU E 114 -15.69 -41.33 -8.46
CA GLU E 114 -14.85 -42.46 -8.84
C GLU E 114 -14.36 -42.35 -10.29
N ILE E 115 -13.18 -42.91 -10.54
CA ILE E 115 -12.51 -42.75 -11.82
C ILE E 115 -13.31 -43.31 -12.98
N ASP E 116 -13.96 -44.46 -12.78
CA ASP E 116 -14.90 -44.97 -13.77
C ASP E 116 -15.98 -45.88 -13.17
N ALA E 117 -17.12 -45.93 -13.85
CA ALA E 117 -18.29 -46.69 -13.41
C ALA E 117 -18.04 -48.18 -13.41
N GLY E 118 -17.02 -48.61 -14.16
CA GLY E 118 -16.67 -50.03 -14.25
C GLY E 118 -16.17 -50.56 -12.91
N VAL E 119 -15.22 -49.88 -12.33
CA VAL E 119 -14.62 -50.37 -11.08
C VAL E 119 -15.64 -50.57 -9.95
N VAL E 120 -16.80 -49.90 -10.03
CA VAL E 120 -17.76 -50.00 -8.94
C VAL E 120 -18.67 -51.20 -9.16
N SER E 121 -19.25 -51.33 -10.34
CA SER E 121 -20.14 -52.47 -10.58
C SER E 121 -19.35 -53.77 -10.58
N PHE E 122 -18.05 -53.69 -10.87
CA PHE E 122 -17.18 -54.84 -10.76
C PHE E 122 -17.08 -55.31 -9.31
N CYS E 123 -16.65 -54.41 -8.45
CA CYS E 123 -16.59 -54.71 -7.02
C CYS E 123 -17.95 -55.14 -6.51
N ARG E 124 -19.01 -54.55 -7.08
CA ARG E 124 -20.35 -54.82 -6.63
C ARG E 124 -20.59 -56.29 -6.81
N GLN E 125 -20.08 -56.86 -7.91
CA GLN E 125 -20.31 -58.27 -8.27
C GLN E 125 -19.43 -59.21 -7.46
N TYR E 126 -18.14 -58.90 -7.36
CA TYR E 126 -17.16 -59.82 -6.80
C TYR E 126 -16.87 -59.58 -5.31
N LEU E 127 -17.10 -58.37 -4.82
CA LEU E 127 -16.96 -58.07 -3.39
C LEU E 127 -18.27 -57.51 -2.86
N PRO E 128 -19.30 -58.39 -2.79
CA PRO E 128 -20.63 -57.92 -2.41
C PRO E 128 -20.71 -57.52 -0.93
N ASN E 129 -19.87 -58.12 -0.09
CA ASN E 129 -19.93 -57.85 1.32
C ASN E 129 -19.28 -56.54 1.70
N HIS E 130 -18.53 -55.93 0.78
CA HIS E 130 -17.98 -54.61 1.01
C HIS E 130 -19.12 -53.61 1.02
N ASN E 131 -19.87 -53.53 -0.08
CA ASN E 131 -20.96 -52.57 -0.14
C ASN E 131 -22.10 -53.02 0.79
N ALA E 132 -22.38 -54.32 0.82
CA ALA E 132 -23.41 -54.88 1.72
C ALA E 132 -24.76 -54.23 1.51
N GLY E 133 -25.16 -54.08 0.26
CA GLY E 133 -26.47 -53.50 -0.07
C GLY E 133 -26.55 -51.98 0.07
N SER E 134 -25.41 -51.39 0.43
CA SER E 134 -25.29 -49.97 0.71
C SER E 134 -25.63 -49.07 -0.48
N TYR E 135 -25.42 -49.57 -1.69
CA TYR E 135 -25.67 -48.78 -2.90
C TYR E 135 -27.14 -48.45 -3.11
N ASP E 136 -28.01 -49.28 -2.54
CA ASP E 136 -29.46 -49.06 -2.62
C ASP E 136 -29.92 -47.90 -1.72
N ASP E 137 -29.03 -47.35 -0.91
CA ASP E 137 -29.43 -46.30 0.03
C ASP E 137 -29.93 -45.06 -0.69
N PRO E 138 -31.08 -44.51 -0.25
CA PRO E 138 -31.70 -43.31 -0.82
C PRO E 138 -30.83 -42.05 -0.89
N ARG E 139 -29.91 -41.90 0.05
CA ARG E 139 -29.13 -40.68 0.15
C ARG E 139 -27.90 -40.71 -0.74
N PHE E 140 -27.66 -41.83 -1.42
CA PHE E 140 -26.42 -42.02 -2.18
C PHE E 140 -26.45 -41.45 -3.61
N LYS E 141 -25.33 -40.84 -4.00
CA LYS E 141 -25.11 -40.40 -5.37
C LYS E 141 -23.70 -40.78 -5.85
N LEU E 142 -23.62 -41.46 -6.98
CA LEU E 142 -22.35 -41.76 -7.63
C LEU E 142 -22.07 -40.76 -8.75
N VAL E 143 -20.85 -40.26 -8.76
CA VAL E 143 -20.33 -39.43 -9.85
C VAL E 143 -19.11 -40.15 -10.45
N ILE E 144 -18.99 -40.08 -11.77
CA ILE E 144 -17.82 -40.60 -12.46
C ILE E 144 -17.03 -39.40 -12.92
N ASP E 145 -15.85 -39.23 -12.36
CA ASP E 145 -14.96 -38.13 -12.71
C ASP E 145 -13.59 -38.30 -12.07
N ASP E 146 -12.72 -37.35 -12.36
CA ASP E 146 -11.42 -37.23 -11.75
C ASP E 146 -11.61 -36.26 -10.60
N GLY E 147 -11.34 -36.73 -9.39
CA GLY E 147 -11.62 -35.98 -8.18
C GLY E 147 -10.86 -34.69 -8.12
N VAL E 148 -9.63 -34.69 -8.54
CA VAL E 148 -8.90 -33.47 -8.45
C VAL E 148 -9.68 -32.52 -9.26
N ASN E 149 -10.15 -33.00 -10.40
CA ASN E 149 -10.90 -32.18 -11.32
C ASN E 149 -12.13 -31.74 -10.65
N PHE E 150 -12.70 -32.64 -9.89
CA PHE E 150 -13.95 -32.30 -9.35
C PHE E 150 -13.69 -31.33 -8.22
N VAL E 151 -12.88 -30.32 -8.52
CA VAL E 151 -12.66 -29.21 -7.61
C VAL E 151 -13.47 -28.08 -8.20
N ASN E 152 -14.01 -28.36 -9.38
CA ASN E 152 -14.93 -27.46 -10.05
C ASN E 152 -16.15 -27.40 -9.20
N GLN E 153 -16.45 -28.53 -8.59
CA GLN E 153 -17.52 -28.60 -7.64
C GLN E 153 -18.62 -28.80 -8.58
N THR E 154 -19.75 -29.30 -8.12
CA THR E 154 -20.95 -29.25 -8.95
C THR E 154 -21.51 -27.93 -8.47
N SER E 155 -20.67 -27.26 -7.66
CA SER E 155 -21.03 -26.10 -6.89
C SER E 155 -21.37 -26.62 -5.51
N GLN E 156 -21.26 -27.93 -5.36
CA GLN E 156 -21.57 -28.66 -4.14
C GLN E 156 -20.57 -28.49 -2.96
N THR E 157 -21.04 -28.65 -1.72
CA THR E 157 -20.15 -28.57 -0.57
C THR E 157 -20.50 -29.52 0.58
N PHE E 158 -19.48 -30.02 1.27
CA PHE E 158 -19.64 -31.07 2.31
C PHE E 158 -18.99 -30.81 3.66
N ASP E 159 -19.32 -31.69 4.60
CA ASP E 159 -18.89 -31.58 6.00
C ASP E 159 -17.74 -32.52 6.32
N VAL E 160 -17.67 -33.65 5.60
CA VAL E 160 -16.52 -34.54 5.68
C VAL E 160 -16.15 -35.03 4.28
N ILE E 161 -14.87 -35.06 3.97
CA ILE E 161 -14.36 -35.66 2.73
C ILE E 161 -13.46 -36.81 3.13
N ILE E 162 -13.69 -37.98 2.57
CA ILE E 162 -12.83 -39.12 2.86
C ILE E 162 -12.17 -39.56 1.58
N SER E 163 -10.87 -39.43 1.48
CA SER E 163 -10.20 -39.70 0.21
C SER E 163 -9.25 -40.85 0.27
N ASP E 164 -9.09 -41.54 -0.84
CA ASP E 164 -8.19 -42.68 -0.87
C ASP E 164 -6.84 -42.30 -1.42
N CYS E 165 -6.73 -41.05 -1.86
CA CYS E 165 -5.59 -40.61 -2.63
C CYS E 165 -4.95 -39.39 -2.01
N THR E 166 -3.67 -39.19 -2.26
CA THR E 166 -2.98 -38.06 -1.70
C THR E 166 -2.22 -37.34 -2.77
N ASP E 167 -2.10 -36.04 -2.68
CA ASP E 167 -1.37 -35.38 -3.72
C ASP E 167 -0.06 -36.03 -3.50
N PRO E 168 0.50 -36.64 -4.53
CA PRO E 168 1.68 -37.48 -4.40
C PRO E 168 2.97 -36.77 -4.18
N ILE E 169 3.87 -37.47 -3.51
CA ILE E 169 5.23 -36.97 -3.36
C ILE E 169 5.98 -37.12 -4.71
N GLY E 170 6.77 -36.13 -5.08
CA GLY E 170 7.46 -36.14 -6.34
C GLY E 170 8.65 -35.21 -6.42
N PRO E 171 9.57 -35.53 -7.33
CA PRO E 171 10.82 -34.81 -7.51
C PRO E 171 10.75 -33.39 -8.01
N GLY E 172 9.93 -33.13 -9.01
CA GLY E 172 9.89 -31.80 -9.54
C GLY E 172 8.74 -31.04 -8.96
N GLU E 173 7.89 -31.76 -8.26
CA GLU E 173 6.66 -31.20 -7.74
C GLU E 173 6.93 -30.18 -6.68
N SER E 174 6.01 -29.23 -6.57
CA SER E 174 6.11 -28.17 -5.62
C SER E 174 5.85 -28.72 -4.26
N LEU E 175 6.52 -28.14 -3.29
CA LEU E 175 6.37 -28.47 -1.90
C LEU E 175 5.06 -28.09 -1.25
N PHE E 176 4.54 -26.91 -1.55
CA PHE E 176 3.33 -26.47 -0.86
C PHE E 176 2.04 -26.49 -1.59
N THR E 177 2.05 -26.42 -2.90
CA THR E 177 0.82 -26.25 -3.61
C THR E 177 0.17 -27.51 -4.09
N SER E 178 -1.10 -27.71 -3.74
CA SER E 178 -1.83 -28.83 -4.25
C SER E 178 -3.16 -28.39 -4.78
N ALA E 179 -3.47 -28.84 -5.98
CA ALA E 179 -4.75 -28.58 -6.64
C ALA E 179 -5.84 -29.33 -5.89
N PHE E 180 -5.53 -30.59 -5.59
CA PHE E 180 -6.45 -31.48 -4.93
C PHE E 180 -6.88 -30.96 -3.59
N TYR E 181 -5.94 -30.48 -2.77
CA TYR E 181 -6.32 -30.04 -1.41
C TYR E 181 -7.06 -28.72 -1.46
N GLU E 182 -6.63 -27.85 -2.36
CA GLU E 182 -7.31 -26.57 -2.53
C GLU E 182 -8.76 -26.75 -2.90
N GLY E 183 -8.97 -27.66 -3.83
CA GLY E 183 -10.31 -28.06 -4.24
C GLY E 183 -11.03 -28.55 -3.02
N CYS E 184 -10.44 -29.50 -2.32
CA CYS E 184 -11.07 -30.06 -1.15
C CYS E 184 -11.52 -28.95 -0.23
N LYS E 185 -10.67 -27.92 -0.04
CA LYS E 185 -11.05 -26.83 0.87
C LYS E 185 -12.12 -25.92 0.29
N ARG E 186 -12.02 -25.57 -0.99
CA ARG E 186 -13.08 -24.73 -1.60
C ARG E 186 -14.44 -25.28 -1.27
N CYS E 187 -14.55 -26.60 -1.31
CA CYS E 187 -15.85 -27.24 -1.18
C CYS E 187 -16.12 -27.98 0.14
N LEU E 188 -15.48 -27.49 1.18
CA LEU E 188 -15.79 -27.97 2.50
C LEU E 188 -16.53 -26.87 3.21
N ASN E 189 -17.64 -27.24 3.82
CA ASN E 189 -18.35 -26.33 4.71
C ASN E 189 -17.37 -25.84 5.78
N PRO E 190 -17.74 -24.79 6.52
CA PRO E 190 -16.79 -24.18 7.43
C PRO E 190 -16.22 -25.11 8.50
N GLY E 191 -17.04 -25.97 9.08
CA GLY E 191 -16.52 -26.78 10.20
C GLY E 191 -15.78 -28.03 9.82
N GLY E 192 -15.53 -28.22 8.53
CA GLY E 192 -15.36 -29.54 7.94
C GLY E 192 -14.05 -30.20 8.15
N ILE E 193 -14.03 -31.50 7.89
CA ILE E 193 -12.84 -32.34 8.01
C ILE E 193 -12.51 -33.09 6.70
N PHE E 194 -11.22 -33.21 6.45
CA PHE E 194 -10.68 -33.98 5.36
C PHE E 194 -9.85 -35.05 6.01
N VAL E 195 -10.12 -36.30 5.68
CA VAL E 195 -9.23 -37.37 6.07
C VAL E 195 -8.75 -38.10 4.81
N ALA E 196 -7.53 -38.62 4.87
CA ALA E 196 -7.02 -39.39 3.74
C ALA E 196 -6.06 -40.46 4.23
N GLN E 197 -6.02 -41.56 3.47
CA GLN E 197 -5.17 -42.68 3.75
C GLN E 197 -3.76 -42.29 3.31
N ASN E 198 -2.80 -42.42 4.23
CA ASN E 198 -1.47 -41.88 4.00
C ASN E 198 -0.35 -42.91 4.15
N GLY E 199 -0.70 -44.20 4.04
CA GLY E 199 0.29 -45.26 3.94
C GLY E 199 0.86 -45.76 5.24
N VAL E 200 1.59 -46.88 5.19
CA VAL E 200 2.13 -47.44 6.42
C VAL E 200 3.39 -46.67 6.75
N CYS E 201 3.60 -46.41 8.04
CA CYS E 201 4.57 -45.42 8.46
C CYS E 201 5.93 -45.98 8.91
N PHE E 202 6.06 -47.30 8.98
CA PHE E 202 7.32 -47.86 9.52
C PHE E 202 8.55 -47.62 8.68
N LEU E 203 8.46 -48.00 7.43
CA LEU E 203 9.56 -47.91 6.46
C LEU E 203 9.99 -46.52 6.01
N GLN E 204 9.05 -45.61 5.92
CA GLN E 204 9.33 -44.26 5.48
C GLN E 204 8.28 -43.33 6.03
N GLN E 205 8.68 -42.09 6.35
CA GLN E 205 7.74 -41.06 6.76
C GLN E 205 7.72 -39.83 5.85
N GLU E 206 8.39 -39.89 4.71
CA GLU E 206 8.44 -38.74 3.83
C GLU E 206 7.05 -38.40 3.36
N GLU E 207 6.28 -39.41 2.97
CA GLU E 207 4.90 -39.22 2.55
C GLU E 207 4.08 -38.48 3.59
N ALA E 208 4.21 -38.88 4.85
CA ALA E 208 3.58 -38.10 5.96
C ALA E 208 4.08 -36.66 6.00
N ILE E 209 5.38 -36.41 5.91
CA ILE E 209 5.94 -35.07 6.04
C ILE E 209 5.41 -34.20 4.92
N ASP E 210 5.42 -34.74 3.71
CA ASP E 210 4.98 -34.00 2.54
C ASP E 210 3.48 -33.65 2.64
N SER E 211 2.64 -34.63 2.96
CA SER E 211 1.21 -34.43 3.21
C SER E 211 0.97 -33.29 4.22
N HIS E 212 1.70 -33.35 5.33
CA HIS E 212 1.52 -32.36 6.37
C HIS E 212 1.86 -30.98 5.80
N ARG E 213 2.98 -30.89 5.10
CA ARG E 213 3.39 -29.61 4.52
C ARG E 213 2.33 -29.02 3.60
N LYS E 214 1.88 -29.83 2.64
CA LYS E 214 0.89 -29.41 1.65
C LYS E 214 -0.45 -29.08 2.38
N LEU E 215 -0.98 -30.00 3.18
CA LEU E 215 -2.27 -29.74 3.81
C LEU E 215 -2.23 -28.49 4.64
N SER E 216 -1.10 -28.18 5.24
CA SER E 216 -1.03 -27.03 6.13
C SER E 216 -1.18 -25.73 5.38
N HIS E 217 -0.98 -25.74 4.07
CA HIS E 217 -1.16 -24.54 3.29
C HIS E 217 -2.63 -24.18 3.18
N TYR E 218 -3.48 -25.19 3.23
CA TYR E 218 -4.92 -24.98 3.05
C TYR E 218 -5.74 -25.17 4.32
N PHE E 219 -5.16 -25.80 5.35
CA PHE E 219 -5.89 -26.03 6.60
C PHE E 219 -5.10 -25.57 7.80
N SER E 220 -5.80 -25.07 8.81
CA SER E 220 -5.13 -24.51 9.98
C SER E 220 -4.84 -25.56 11.01
N ASP E 221 -5.40 -26.75 10.89
CA ASP E 221 -5.06 -27.83 11.84
C ASP E 221 -4.84 -29.09 11.04
N VAL E 222 -3.60 -29.58 11.03
CA VAL E 222 -3.25 -30.73 10.21
C VAL E 222 -2.49 -31.73 11.09
N GLY E 223 -2.90 -32.99 11.04
CA GLY E 223 -2.22 -34.05 11.80
C GLY E 223 -2.56 -35.44 11.24
N PHE E 224 -2.32 -36.46 12.05
CA PHE E 224 -2.57 -37.83 11.65
C PHE E 224 -3.09 -38.65 12.77
N TYR E 225 -3.89 -39.65 12.43
CA TYR E 225 -4.21 -40.71 13.39
C TYR E 225 -3.81 -42.03 12.82
N GLN E 226 -3.98 -43.11 13.57
CA GLN E 226 -3.47 -44.38 13.09
C GLN E 226 -4.24 -45.61 13.50
N ALA E 227 -4.02 -46.65 12.73
CA ALA E 227 -4.60 -47.94 12.95
C ALA E 227 -3.73 -48.95 12.21
N ALA E 228 -3.73 -50.21 12.67
CA ALA E 228 -2.91 -51.27 12.09
C ALA E 228 -3.82 -52.21 11.38
N ILE E 229 -3.75 -52.20 10.06
CA ILE E 229 -4.53 -53.10 9.25
C ILE E 229 -3.65 -54.29 8.83
N PRO E 230 -4.02 -55.52 9.24
CA PRO E 230 -3.18 -56.70 9.07
C PRO E 230 -2.61 -56.86 7.67
N THR E 231 -3.44 -56.53 6.69
CA THR E 231 -3.20 -56.82 5.30
C THR E 231 -2.47 -55.70 4.56
N TYR E 232 -2.35 -54.53 5.18
CA TYR E 232 -1.40 -53.54 4.73
C TYR E 232 -0.17 -53.72 5.59
N TYR E 233 0.83 -54.36 4.98
CA TYR E 233 1.96 -54.89 5.71
C TYR E 233 2.84 -53.78 6.32
N GLY E 234 3.34 -54.01 7.54
CA GLY E 234 4.39 -53.12 8.08
C GLY E 234 4.02 -52.26 9.27
N GLY E 235 3.12 -52.77 10.11
CA GLY E 235 2.68 -52.04 11.27
C GLY E 235 1.58 -51.02 10.96
N ILE E 236 1.62 -49.90 11.66
CA ILE E 236 0.52 -48.96 11.64
C ILE E 236 0.46 -48.23 10.30
N MET E 237 -0.75 -47.80 9.98
CA MET E 237 -1.03 -46.97 8.84
C MET E 237 -1.46 -45.61 9.36
N THR E 238 -1.30 -44.60 8.54
CA THR E 238 -1.48 -43.27 8.99
C THR E 238 -2.52 -42.59 8.18
N PHE E 239 -3.41 -41.89 8.85
CA PHE E 239 -4.52 -41.22 8.20
C PHE E 239 -4.36 -39.75 8.39
N ALA E 240 -4.30 -39.00 7.29
CA ALA E 240 -4.16 -37.56 7.36
C ALA E 240 -5.43 -36.98 7.91
N TRP E 241 -5.28 -35.91 8.67
CA TRP E 241 -6.38 -35.23 9.31
C TRP E 241 -6.21 -33.73 9.09
N ALA E 242 -7.18 -33.11 8.45
CA ALA E 242 -7.05 -31.70 8.10
C ALA E 242 -8.39 -30.96 8.22
N THR E 243 -8.32 -29.82 8.86
CA THR E 243 -9.50 -29.07 9.25
C THR E 243 -9.12 -27.66 9.70
N ASP E 244 -10.04 -26.73 9.57
CA ASP E 244 -9.84 -25.43 10.12
C ASP E 244 -10.33 -25.37 11.56
N ASN E 245 -11.01 -26.42 12.03
CA ASN E 245 -11.54 -26.50 13.40
C ASN E 245 -10.54 -27.19 14.29
N ASP E 246 -9.72 -26.41 14.98
CA ASP E 246 -8.58 -27.02 15.65
C ASP E 246 -8.96 -27.73 16.96
N ALA E 247 -10.24 -27.71 17.33
CA ALA E 247 -10.73 -28.42 18.50
C ALA E 247 -10.99 -29.90 18.28
N LEU E 248 -11.33 -30.26 17.08
CA LEU E 248 -11.92 -31.54 16.79
C LEU E 248 -11.11 -32.71 17.20
N ARG E 249 -9.82 -32.62 17.08
CA ARG E 249 -9.04 -33.77 17.51
C ARG E 249 -8.54 -33.66 18.93
N HIS E 250 -9.07 -32.74 19.71
CA HIS E 250 -8.79 -32.74 21.12
C HIS E 250 -10.03 -32.92 21.96
N LEU E 251 -11.07 -33.53 21.41
CA LEU E 251 -12.29 -33.77 22.15
C LEU E 251 -12.05 -34.82 23.19
N SER E 252 -12.71 -34.70 24.33
CA SER E 252 -12.65 -35.70 25.41
C SER E 252 -13.23 -37.01 24.96
N THR E 253 -12.69 -38.10 25.49
CA THR E 253 -13.20 -39.39 25.09
C THR E 253 -14.69 -39.52 25.56
N GLU E 254 -15.01 -38.89 26.67
CA GLU E 254 -16.38 -38.81 27.17
C GLU E 254 -17.38 -38.36 26.11
N ILE E 255 -17.10 -37.24 25.44
CA ILE E 255 -18.04 -36.70 24.44
C ILE E 255 -18.18 -37.64 23.23
N ILE E 256 -17.07 -38.21 22.79
CA ILE E 256 -17.12 -39.20 21.70
C ILE E 256 -18.02 -40.37 22.10
N GLN E 257 -17.86 -40.81 23.35
CA GLN E 257 -18.65 -41.88 23.88
C GLN E 257 -20.10 -41.49 23.83
N ALA E 258 -20.43 -40.28 24.24
CA ALA E 258 -21.83 -39.82 24.20
C ALA E 258 -22.40 -39.90 22.78
N ARG E 259 -21.65 -39.38 21.84
CA ARG E 259 -22.02 -39.39 20.44
C ARG E 259 -22.11 -40.80 19.91
N PHE E 260 -21.25 -41.66 20.40
CA PHE E 260 -21.24 -43.02 19.92
C PHE E 260 -22.53 -43.72 20.23
N LEU E 261 -23.10 -43.48 21.39
CA LEU E 261 -24.28 -44.21 21.77
C LEU E 261 -25.38 -43.97 20.76
N ALA E 262 -25.59 -42.76 20.30
CA ALA E 262 -26.51 -42.60 19.22
C ALA E 262 -25.98 -41.59 18.27
N SER E 263 -25.95 -41.86 16.98
CA SER E 263 -26.43 -43.11 16.44
C SER E 263 -25.60 -44.21 16.98
N GLY E 264 -26.25 -45.32 17.25
CA GLY E 264 -25.61 -46.44 17.89
C GLY E 264 -24.95 -47.46 17.01
N LEU E 265 -23.82 -47.13 16.42
CA LEU E 265 -23.14 -48.12 15.64
C LEU E 265 -22.71 -49.14 16.61
N LYS E 266 -22.62 -50.36 16.14
CA LYS E 266 -21.99 -51.40 16.88
C LYS E 266 -20.92 -51.68 15.90
N CYS E 267 -19.68 -51.66 16.36
CA CYS E 267 -18.55 -51.69 15.48
C CYS E 267 -17.70 -52.82 15.89
N ARG E 268 -16.77 -53.17 15.04
CA ARG E 268 -15.99 -54.38 15.32
C ARG E 268 -14.53 -54.13 15.56
N TYR E 269 -14.08 -52.91 15.26
CA TYR E 269 -12.80 -52.44 15.69
C TYR E 269 -12.98 -51.16 16.50
N TYR E 270 -13.65 -50.17 15.89
CA TYR E 270 -13.82 -48.84 16.47
C TYR E 270 -14.52 -48.85 17.81
N ASN E 271 -14.08 -47.95 18.67
CA ASN E 271 -14.81 -47.56 19.85
C ASN E 271 -14.20 -46.26 20.39
N PRO E 272 -14.86 -45.60 21.35
CA PRO E 272 -14.34 -44.30 21.71
C PRO E 272 -12.93 -44.31 22.32
N ALA E 273 -12.58 -45.35 23.06
CA ALA E 273 -11.19 -45.49 23.54
C ALA E 273 -10.23 -45.56 22.36
N ILE E 274 -10.62 -46.29 21.32
CA ILE E 274 -9.74 -46.46 20.19
C ILE E 274 -9.59 -45.12 19.47
N HIS E 275 -10.71 -44.43 19.36
CA HIS E 275 -10.79 -43.15 18.65
C HIS E 275 -9.79 -42.19 19.29
N THR E 276 -9.93 -41.99 20.58
CA THR E 276 -9.00 -41.12 21.22
C THR E 276 -7.57 -41.60 21.02
N ALA E 277 -7.31 -42.88 21.19
CA ALA E 277 -5.93 -43.37 21.21
C ALA E 277 -5.37 -43.31 19.79
N ALA E 278 -6.26 -43.38 18.80
CA ALA E 278 -5.82 -43.33 17.43
C ALA E 278 -4.85 -42.16 17.17
N PHE E 279 -5.01 -41.07 17.88
CA PHE E 279 -4.20 -39.87 17.66
C PHE E 279 -2.85 -39.85 18.36
N ALA E 280 -2.56 -40.83 19.22
CA ALA E 280 -1.21 -41.00 19.79
C ALA E 280 -0.32 -41.59 18.70
N LEU E 281 0.77 -40.92 18.39
CA LEU E 281 1.66 -41.42 17.35
C LEU E 281 2.98 -41.90 17.97
N PRO E 282 3.52 -42.99 17.45
CA PRO E 282 4.81 -43.44 17.91
C PRO E 282 5.89 -42.41 17.73
N GLN E 283 6.90 -42.49 18.57
CA GLN E 283 7.86 -41.43 18.67
C GLN E 283 8.56 -41.13 17.35
N TYR E 284 8.93 -42.16 16.59
CA TYR E 284 9.64 -41.93 15.34
C TYR E 284 8.82 -41.07 14.36
N LEU E 285 7.53 -41.27 14.37
CA LEU E 285 6.72 -40.54 13.44
C LEU E 285 6.71 -39.09 13.85
N GLN E 286 6.73 -38.80 15.15
CA GLN E 286 6.57 -37.44 15.60
C GLN E 286 7.82 -36.71 15.31
N ASP E 287 8.90 -37.43 15.56
CA ASP E 287 10.24 -36.98 15.29
C ASP E 287 10.35 -36.63 13.80
N ALA E 288 9.73 -37.37 12.93
CA ALA E 288 9.73 -37.01 11.53
C ALA E 288 9.04 -35.72 11.19
N LEU E 289 7.92 -35.46 11.81
CA LEU E 289 7.14 -34.29 11.50
C LEU E 289 7.56 -33.12 12.35
N ALA E 290 8.65 -33.31 13.06
CA ALA E 290 9.13 -32.38 14.02
C ALA E 290 9.45 -31.07 13.39
N SER E 291 9.98 -31.14 12.19
CA SER E 291 10.42 -29.95 11.48
C SER E 291 9.32 -28.96 11.19
N GLN E 292 8.15 -29.42 10.82
CA GLN E 292 7.12 -28.48 10.45
C GLN E 292 6.86 -27.57 11.59
N PRO E 293 6.71 -26.27 11.34
CA PRO E 293 6.39 -25.35 12.42
C PRO E 293 5.31 -25.95 13.29
N LYS F 11 17.62 -64.79 -3.98
CA LYS F 11 17.05 -65.69 -2.95
C LYS F 11 15.97 -65.05 -2.02
N GLN F 12 14.97 -65.87 -1.67
CA GLN F 12 13.82 -65.53 -0.81
C GLN F 12 13.93 -66.26 0.54
N TRP F 13 13.10 -65.87 1.48
CA TRP F 13 12.89 -66.67 2.68
C TRP F 13 11.50 -66.43 3.22
N HIS F 14 10.74 -67.50 3.43
CA HIS F 14 9.34 -67.41 3.80
C HIS F 14 9.16 -67.83 5.24
N GLU F 15 8.31 -67.10 5.95
CA GLU F 15 7.93 -67.52 7.30
C GLU F 15 6.90 -68.61 7.16
N THR F 16 6.98 -69.59 8.05
CA THR F 16 6.14 -70.81 8.00
C THR F 16 5.22 -70.91 9.19
N LEU F 17 5.09 -69.82 9.95
CA LEU F 17 4.34 -69.87 11.19
C LEU F 17 2.92 -70.34 10.93
N HIS F 18 2.31 -69.83 9.86
CA HIS F 18 0.99 -70.30 9.42
C HIS F 18 1.03 -70.94 8.05
N ASP F 19 0.23 -71.98 7.86
CA ASP F 19 0.20 -72.70 6.58
C ASP F 19 -0.46 -71.91 5.46
N GLN F 20 -1.42 -71.06 5.82
CA GLN F 20 -2.28 -70.40 4.85
C GLN F 20 -1.76 -69.09 4.28
N PHE F 21 -0.78 -68.48 4.95
CA PHE F 21 -0.28 -67.17 4.56
C PHE F 21 0.98 -66.87 5.37
N GLY F 22 1.75 -65.89 4.91
CA GLY F 22 2.91 -65.46 5.67
C GLY F 22 3.52 -64.14 5.24
N GLN F 23 4.66 -63.84 5.84
CA GLN F 23 5.52 -62.79 5.34
C GLN F 23 6.77 -63.45 4.75
N TYR F 24 7.41 -62.80 3.78
CA TYR F 24 8.66 -63.27 3.20
C TYR F 24 9.64 -62.12 3.01
N PHE F 25 10.92 -62.47 2.89
CA PHE F 25 12.01 -61.49 2.77
C PHE F 25 13.03 -61.87 1.73
N ALA F 26 13.54 -60.86 1.02
CA ALA F 26 14.69 -61.05 0.17
C ALA F 26 15.85 -61.38 1.10
N VAL F 27 16.74 -62.26 0.66
CA VAL F 27 17.99 -62.50 1.37
C VAL F 27 19.14 -61.87 0.57
N ASP F 28 19.86 -60.94 1.22
CA ASP F 28 21.05 -60.34 0.64
C ASP F 28 22.28 -61.14 0.99
N ASN F 29 22.22 -61.84 2.12
CA ASN F 29 23.37 -62.60 2.63
C ASN F 29 23.01 -63.42 3.89
N VAL F 30 23.31 -64.71 3.90
CA VAL F 30 23.07 -65.49 5.12
C VAL F 30 24.29 -65.46 6.02
N LEU F 31 24.10 -64.95 7.24
CA LEU F 31 25.20 -64.87 8.20
C LEU F 31 25.41 -66.21 8.94
N TYR F 32 24.32 -66.97 9.12
CA TYR F 32 24.38 -68.22 9.87
C TYR F 32 23.20 -69.12 9.51
N HIS F 33 23.44 -70.41 9.41
CA HIS F 33 22.37 -71.38 9.17
C HIS F 33 22.70 -72.77 9.74
N GLU F 34 21.82 -73.30 10.58
CA GLU F 34 22.00 -74.62 11.13
C GLU F 34 20.73 -75.44 10.93
N GLN F 39 15.58 -79.23 14.68
CA GLN F 39 15.85 -77.81 14.94
C GLN F 39 16.46 -77.06 13.72
N ASP F 40 15.90 -75.90 13.34
CA ASP F 40 16.42 -75.10 12.21
C ASP F 40 16.52 -73.62 12.57
N LEU F 41 17.75 -73.10 12.62
CA LEU F 41 18.02 -71.75 13.13
C LEU F 41 18.78 -70.96 12.08
N ILE F 42 18.36 -69.72 11.81
CA ILE F 42 18.95 -68.92 10.73
C ILE F 42 19.11 -67.46 11.10
N ILE F 43 20.14 -66.83 10.56
CA ILE F 43 20.29 -65.37 10.60
C ILE F 43 20.76 -64.89 9.24
N PHE F 44 19.98 -63.98 8.66
CA PHE F 44 20.34 -63.40 7.36
C PHE F 44 20.02 -61.93 7.30
N GLU F 45 20.67 -61.23 6.38
CA GLU F 45 20.48 -59.79 6.24
C GLU F 45 19.44 -59.57 5.17
N ASN F 46 18.55 -58.64 5.43
CA ASN F 46 17.56 -58.20 4.48
C ASN F 46 17.65 -56.67 4.40
N ALA F 47 17.52 -56.13 3.18
CA ALA F 47 17.64 -54.68 2.96
C ALA F 47 16.72 -53.84 3.84
N ALA F 48 15.48 -54.30 4.05
CA ALA F 48 14.48 -53.53 4.76
C ALA F 48 14.60 -53.66 6.27
N PHE F 49 14.74 -54.87 6.78
CA PHE F 49 14.66 -55.11 8.22
C PHE F 49 15.98 -55.52 8.85
N GLY F 50 17.07 -55.40 8.10
CA GLY F 50 18.38 -55.75 8.63
C GLY F 50 18.46 -57.21 8.97
N ARG F 51 19.18 -57.53 10.03
CA ARG F 51 19.43 -58.91 10.39
C ARG F 51 18.16 -59.51 10.93
N VAL F 52 17.82 -60.72 10.44
CA VAL F 52 16.56 -61.38 10.77
C VAL F 52 16.90 -62.72 11.39
N MET F 53 16.45 -63.00 12.62
CA MET F 53 16.64 -64.32 13.23
C MET F 53 15.34 -65.09 13.12
N ALA F 54 15.42 -66.36 12.73
CA ALA F 54 14.25 -67.20 12.54
C ALA F 54 14.55 -68.63 12.99
N LEU F 55 13.60 -69.20 13.73
CA LEU F 55 13.77 -70.52 14.33
C LEU F 55 12.60 -71.43 13.94
N ASP F 56 12.93 -72.52 13.28
CA ASP F 56 11.93 -73.44 12.79
C ASP F 56 10.87 -72.71 11.93
N GLY F 57 11.35 -71.79 11.11
CA GLY F 57 10.52 -71.12 10.11
C GLY F 57 9.71 -69.97 10.67
N VAL F 58 9.94 -69.61 11.94
CA VAL F 58 9.16 -68.58 12.58
C VAL F 58 10.06 -67.38 13.01
N VAL F 59 9.75 -66.17 12.54
CA VAL F 59 10.59 -65.01 12.80
C VAL F 59 10.61 -64.68 14.28
N GLN F 60 11.80 -64.60 14.86
CA GLN F 60 11.95 -64.33 16.30
C GLN F 60 12.18 -62.86 16.56
N THR F 61 13.03 -62.25 15.76
CA THR F 61 13.35 -60.86 15.93
C THR F 61 14.01 -60.32 14.65
N THR F 62 14.11 -59.01 14.58
CA THR F 62 14.58 -58.32 13.41
C THR F 62 15.31 -57.09 13.88
N GLU F 63 16.45 -56.81 13.28
CA GLU F 63 17.32 -55.74 13.73
C GLU F 63 16.57 -54.43 13.72
N ARG F 64 15.82 -54.18 12.65
CA ARG F 64 15.23 -52.87 12.37
C ARG F 64 13.98 -52.51 13.16
N ASP F 65 13.21 -53.50 13.58
CA ASP F 65 11.95 -53.20 14.27
C ASP F 65 11.81 -53.71 15.71
N GLU F 66 12.84 -54.38 16.21
CA GLU F 66 12.81 -54.90 17.58
C GLU F 66 12.55 -53.81 18.60
N PHE F 67 13.03 -52.61 18.34
CA PHE F 67 12.78 -51.55 19.28
C PHE F 67 11.31 -51.43 19.69
N ILE F 68 10.38 -51.63 18.75
CA ILE F 68 8.99 -51.42 19.08
C ILE F 68 8.61 -52.41 20.14
N TYR F 69 8.95 -53.66 19.85
CA TYR F 69 8.63 -54.76 20.76
C TYR F 69 9.24 -54.52 22.13
N HIS F 70 10.54 -54.28 22.15
CA HIS F 70 11.22 -54.21 23.42
C HIS F 70 10.91 -52.94 24.18
N GLU F 71 10.76 -51.81 23.50
CA GLU F 71 10.33 -50.60 24.20
C GLU F 71 9.00 -50.82 24.90
N MET F 72 8.02 -51.34 24.16
CA MET F 72 6.67 -51.43 24.69
C MET F 72 6.62 -52.51 25.75
N MET F 73 7.52 -53.46 25.68
CA MET F 73 7.45 -54.52 26.63
C MET F 73 8.09 -54.14 27.95
N THR F 74 8.92 -53.11 27.92
CA THR F 74 9.74 -52.79 29.07
C THR F 74 9.26 -51.52 29.78
N HIS F 75 8.97 -50.49 29.00
CA HIS F 75 8.74 -49.18 29.58
C HIS F 75 7.34 -49.02 30.13
N VAL F 76 6.34 -49.61 29.46
CA VAL F 76 4.96 -49.52 29.92
C VAL F 76 4.86 -49.95 31.37
N PRO F 77 5.34 -51.14 31.70
CA PRO F 77 5.26 -51.53 33.13
C PRO F 77 6.23 -50.77 34.04
N LEU F 78 7.48 -50.65 33.62
CA LEU F 78 8.44 -49.97 34.50
C LEU F 78 7.98 -48.55 34.90
N LEU F 79 7.44 -47.76 33.97
CA LEU F 79 7.00 -46.42 34.29
C LEU F 79 5.59 -46.43 34.89
N ALA F 80 4.79 -47.48 34.69
CA ALA F 80 3.46 -47.52 35.30
C ALA F 80 3.63 -47.87 36.76
N HIS F 81 4.42 -48.91 37.01
CA HIS F 81 4.98 -49.10 38.34
C HIS F 81 5.80 -47.84 38.54
N GLY F 82 5.85 -47.31 39.74
CA GLY F 82 6.58 -46.05 39.86
C GLY F 82 8.05 -46.28 40.02
N HIS F 83 8.33 -47.31 40.82
CA HIS F 83 9.59 -47.43 41.55
C HIS F 83 10.09 -48.87 41.49
N ALA F 84 10.31 -49.36 40.28
CA ALA F 84 10.80 -50.69 40.08
C ALA F 84 12.29 -50.70 40.34
N LYS F 85 12.71 -51.42 41.39
CA LYS F 85 14.15 -51.52 41.71
C LYS F 85 14.78 -52.83 41.23
N HIS F 86 13.97 -53.90 41.17
CA HIS F 86 14.45 -55.22 40.73
C HIS F 86 13.57 -55.84 39.67
N VAL F 87 14.19 -56.23 38.55
CA VAL F 87 13.47 -56.75 37.42
C VAL F 87 13.97 -58.14 37.07
N LEU F 88 13.03 -58.99 36.68
CA LEU F 88 13.35 -60.33 36.19
C LEU F 88 12.91 -60.41 34.75
N ILE F 89 13.81 -60.84 33.88
CA ILE F 89 13.50 -61.09 32.49
C ILE F 89 13.52 -62.61 32.25
N ILE F 90 12.42 -63.13 31.72
CA ILE F 90 12.29 -64.54 31.39
C ILE F 90 12.24 -64.72 29.88
N GLY F 91 13.16 -65.50 29.34
CA GLY F 91 13.43 -65.47 27.91
C GLY F 91 14.31 -64.24 27.65
N GLY F 92 14.17 -63.67 26.47
CA GLY F 92 15.01 -62.53 26.09
C GLY F 92 16.50 -62.83 25.94
N GLY F 93 16.83 -63.88 25.22
CA GLY F 93 18.22 -64.23 25.00
C GLY F 93 18.96 -63.21 24.14
N ASP F 94 18.22 -62.51 23.28
CA ASP F 94 18.83 -61.48 22.43
C ASP F 94 19.43 -60.31 23.22
N GLY F 95 18.86 -60.03 24.38
CA GLY F 95 19.37 -58.97 25.26
C GLY F 95 18.81 -57.58 24.96
N ALA F 96 17.87 -57.51 24.01
CA ALA F 96 17.23 -56.24 23.69
C ALA F 96 16.48 -55.76 24.90
N MET F 97 15.74 -56.66 25.51
CA MET F 97 15.00 -56.35 26.74
C MET F 97 15.94 -55.86 27.84
N LEU F 98 17.08 -56.54 28.01
CA LEU F 98 18.06 -56.11 29.00
C LEU F 98 18.48 -54.68 28.68
N ARG F 99 18.76 -54.42 27.40
CA ARG F 99 19.19 -53.10 27.00
C ARG F 99 18.25 -52.04 27.53
N GLU F 100 16.95 -52.25 27.30
CA GLU F 100 15.98 -51.22 27.59
C GLU F 100 15.81 -51.10 29.09
N VAL F 101 15.73 -52.22 29.79
CA VAL F 101 15.59 -52.15 31.24
C VAL F 101 16.75 -51.35 31.80
N THR F 102 17.94 -51.62 31.26
CA THR F 102 19.18 -50.92 31.63
C THR F 102 19.07 -49.42 31.59
N ARG F 103 18.20 -48.90 30.73
CA ARG F 103 18.10 -47.44 30.55
C ARG F 103 17.43 -46.72 31.67
N HIS F 104 16.89 -47.46 32.63
CA HIS F 104 16.31 -46.87 33.82
C HIS F 104 17.35 -46.81 34.92
N LYS F 105 17.81 -45.60 35.22
CA LYS F 105 18.85 -45.45 36.22
C LYS F 105 18.44 -45.94 37.62
N ASN F 106 17.16 -45.80 37.95
CA ASN F 106 16.65 -46.20 39.27
C ASN F 106 16.65 -47.70 39.54
N VAL F 107 16.66 -48.52 38.49
CA VAL F 107 16.68 -49.97 38.64
C VAL F 107 18.01 -50.32 39.24
N GLU F 108 18.02 -51.18 40.25
CA GLU F 108 19.28 -51.54 40.89
C GLU F 108 19.67 -53.01 40.71
N SER F 109 18.75 -53.88 40.27
CA SER F 109 19.15 -55.26 39.92
C SER F 109 18.30 -55.84 38.80
N ILE F 110 18.94 -56.58 37.91
CA ILE F 110 18.29 -57.19 36.76
C ILE F 110 18.67 -58.66 36.65
N THR F 111 17.70 -59.55 36.51
CA THR F 111 18.01 -60.97 36.34
C THR F 111 17.40 -61.56 35.07
N MET F 112 18.21 -62.20 34.26
CA MET F 112 17.73 -62.88 33.07
C MET F 112 17.83 -64.38 33.30
N VAL F 113 16.69 -65.05 33.31
CA VAL F 113 16.65 -66.50 33.35
C VAL F 113 16.48 -66.97 31.91
N GLU F 114 17.31 -67.93 31.49
CA GLU F 114 17.29 -68.40 30.11
C GLU F 114 17.54 -69.91 30.02
N ILE F 115 16.93 -70.53 29.01
CA ILE F 115 16.93 -71.99 28.90
C ILE F 115 18.35 -72.55 28.82
N ASP F 116 19.24 -71.89 28.07
CA ASP F 116 20.66 -72.28 28.05
C ASP F 116 21.60 -71.11 27.71
N ALA F 117 22.84 -71.21 28.20
CA ALA F 117 23.87 -70.16 28.03
C ALA F 117 24.34 -70.02 26.58
N GLY F 118 24.03 -71.02 25.76
CA GLY F 118 24.36 -71.03 24.34
C GLY F 118 23.60 -69.98 23.56
N VAL F 119 22.28 -69.95 23.75
CA VAL F 119 21.42 -69.01 23.02
C VAL F 119 21.76 -67.53 23.29
N VAL F 120 22.40 -67.25 24.41
CA VAL F 120 22.71 -65.86 24.72
C VAL F 120 24.01 -65.43 24.05
N SER F 121 25.09 -66.19 24.22
CA SER F 121 26.38 -65.82 23.62
C SER F 121 26.35 -65.95 22.09
N PHE F 122 25.42 -66.76 21.58
CA PHE F 122 25.11 -66.83 20.16
C PHE F 122 24.56 -65.50 19.64
N CYS F 123 23.45 -65.06 20.22
CA CYS F 123 22.85 -63.77 19.89
C CYS F 123 23.83 -62.65 20.14
N ARG F 124 24.67 -62.82 21.16
CA ARG F 124 25.68 -61.81 21.49
C ARG F 124 26.62 -61.60 20.31
N GLN F 125 26.91 -62.68 19.60
CA GLN F 125 27.81 -62.62 18.46
C GLN F 125 27.14 -62.11 17.18
N TYR F 126 25.95 -62.65 16.88
CA TYR F 126 25.31 -62.38 15.61
C TYR F 126 24.28 -61.25 15.63
N LEU F 127 23.73 -60.92 16.80
CA LEU F 127 22.84 -59.77 16.96
C LEU F 127 23.40 -58.82 18.03
N PRO F 128 24.53 -58.20 17.72
CA PRO F 128 25.19 -57.38 18.72
C PRO F 128 24.42 -56.10 19.05
N ASN F 129 23.59 -55.64 18.12
CA ASN F 129 22.85 -54.40 18.37
C ASN F 129 21.61 -54.60 19.23
N HIS F 130 21.23 -55.85 19.46
CA HIS F 130 20.15 -56.11 20.38
C HIS F 130 20.63 -55.77 21.76
N ASN F 131 21.70 -56.43 22.22
CA ASN F 131 22.18 -56.20 23.59
C ASN F 131 22.84 -54.83 23.69
N ALA F 132 23.52 -54.41 22.64
CA ALA F 132 24.11 -53.08 22.58
C ALA F 132 25.01 -52.81 23.79
N GLY F 133 25.87 -53.78 24.13
CA GLY F 133 26.81 -53.64 25.26
C GLY F 133 26.17 -53.78 26.65
N SER F 134 24.87 -54.01 26.65
CA SER F 134 24.07 -54.10 27.86
C SER F 134 24.51 -55.21 28.84
N TYR F 135 25.14 -56.25 28.34
CA TYR F 135 25.56 -57.36 29.20
C TYR F 135 26.67 -56.97 30.17
N ASP F 136 27.43 -55.95 29.80
CA ASP F 136 28.51 -55.42 30.66
C ASP F 136 27.97 -54.65 31.87
N ASP F 137 26.66 -54.42 31.92
CA ASP F 137 26.08 -53.60 32.99
C ASP F 137 26.26 -54.24 34.36
N PRO F 138 26.76 -53.47 35.34
CA PRO F 138 27.07 -53.95 36.70
C PRO F 138 25.91 -54.61 37.44
N ARG F 139 24.69 -54.20 37.16
CA ARG F 139 23.52 -54.69 37.88
C ARG F 139 22.95 -55.99 37.32
N PHE F 140 23.53 -56.48 36.22
CA PHE F 140 22.99 -57.64 35.56
C PHE F 140 23.44 -58.99 36.14
N LYS F 141 22.52 -59.96 36.15
CA LYS F 141 22.85 -61.33 36.48
C LYS F 141 22.17 -62.29 35.49
N LEU F 142 22.92 -63.21 34.92
CA LEU F 142 22.35 -64.27 34.09
C LEU F 142 22.20 -65.54 34.91
N VAL F 143 21.03 -66.18 34.76
CA VAL F 143 20.79 -67.51 35.28
C VAL F 143 20.40 -68.44 34.14
N ILE F 144 20.90 -69.67 34.18
CA ILE F 144 20.54 -70.68 33.21
C ILE F 144 19.62 -71.62 33.93
N ASP F 145 18.37 -71.70 33.49
CA ASP F 145 17.38 -72.57 34.13
C ASP F 145 16.05 -72.51 33.36
N ASP F 146 15.21 -73.50 33.61
CA ASP F 146 13.81 -73.45 33.24
C ASP F 146 13.15 -72.28 34.01
N GLY F 147 12.35 -71.48 33.31
CA GLY F 147 11.66 -70.34 33.90
C GLY F 147 10.60 -70.75 34.92
N VAL F 148 9.96 -71.87 34.64
CA VAL F 148 8.97 -72.46 35.51
C VAL F 148 9.59 -72.92 36.82
N ASN F 149 10.76 -73.52 36.70
CA ASN F 149 11.52 -74.03 37.84
C ASN F 149 12.03 -72.91 38.76
N PHE F 150 12.00 -71.66 38.27
CA PHE F 150 12.11 -70.46 39.11
C PHE F 150 10.76 -70.11 39.82
N VAL F 151 10.05 -71.18 40.15
CA VAL F 151 9.06 -71.23 41.20
C VAL F 151 9.80 -71.72 42.46
N ASN F 152 11.09 -72.06 42.30
CA ASN F 152 12.01 -72.27 43.42
C ASN F 152 12.54 -70.96 43.99
N GLN F 153 12.76 -69.95 43.14
CA GLN F 153 13.28 -68.64 43.57
C GLN F 153 14.72 -68.92 44.04
N THR F 154 15.55 -67.92 44.35
CA THR F 154 16.62 -68.19 45.37
C THR F 154 16.15 -67.49 46.62
N SER F 155 14.85 -67.64 46.89
CA SER F 155 14.09 -66.74 47.74
C SER F 155 14.13 -65.33 47.15
N GLN F 156 14.42 -65.24 45.86
CA GLN F 156 14.55 -63.94 45.21
C GLN F 156 13.18 -63.35 44.97
N THR F 157 13.15 -62.05 44.70
CA THR F 157 11.92 -61.27 44.82
C THR F 157 11.98 -59.99 43.96
N PHE F 158 10.97 -59.78 43.11
CA PHE F 158 11.03 -58.73 42.07
C PHE F 158 9.83 -57.78 42.03
N ASP F 159 10.03 -56.64 41.36
CA ASP F 159 8.99 -55.62 41.20
C ASP F 159 8.32 -55.70 39.84
N VAL F 160 9.09 -56.13 38.82
CA VAL F 160 8.54 -56.39 37.51
C VAL F 160 9.11 -57.70 36.98
N ILE F 161 8.27 -58.50 36.35
CA ILE F 161 8.70 -59.70 35.63
C ILE F 161 8.25 -59.56 34.18
N ILE F 162 9.19 -59.69 33.26
CA ILE F 162 8.86 -59.60 31.85
C ILE F 162 9.11 -60.94 31.23
N SER F 163 8.08 -61.55 30.66
CA SER F 163 8.19 -62.87 30.04
C SER F 163 8.11 -62.84 28.50
N ASP F 164 9.11 -63.43 27.86
CA ASP F 164 9.21 -63.49 26.41
C ASP F 164 8.33 -64.52 25.76
N CYS F 165 7.83 -65.46 26.55
CA CYS F 165 7.04 -66.56 26.04
C CYS F 165 6.22 -67.03 27.18
N THR F 166 5.42 -68.08 26.97
CA THR F 166 4.75 -68.75 28.05
C THR F 166 5.52 -70.01 28.43
N ASP F 167 6.07 -70.05 29.63
CA ASP F 167 6.81 -71.21 30.08
C ASP F 167 7.76 -71.73 29.02
N THR F 177 2.23 -72.15 31.40
CA THR F 177 1.16 -72.76 32.19
C THR F 177 0.78 -71.79 33.31
N SER F 178 -0.11 -72.28 34.19
CA SER F 178 -0.53 -71.57 35.40
C SER F 178 0.46 -71.73 36.53
N ALA F 179 1.09 -72.90 36.61
CA ALA F 179 2.09 -73.15 37.63
C ALA F 179 3.33 -72.25 37.43
N PHE F 180 3.46 -71.71 36.23
CA PHE F 180 4.45 -70.68 35.97
C PHE F 180 3.99 -69.33 36.55
N TYR F 181 2.70 -69.00 36.38
CA TYR F 181 2.14 -67.79 36.97
C TYR F 181 2.10 -67.79 38.52
N GLU F 182 1.81 -68.94 39.15
CA GLU F 182 1.87 -69.02 40.62
C GLU F 182 3.26 -68.70 41.12
N GLY F 183 4.26 -69.27 40.44
CA GLY F 183 5.66 -69.03 40.74
C GLY F 183 5.92 -67.57 40.61
N CYS F 184 5.48 -67.01 39.48
CA CYS F 184 5.64 -65.59 39.25
C CYS F 184 5.07 -64.80 40.43
N LYS F 185 3.89 -65.16 40.90
CA LYS F 185 3.31 -64.39 41.98
C LYS F 185 4.06 -64.60 43.28
N ARG F 186 4.41 -65.85 43.61
CA ARG F 186 5.14 -66.13 44.86
C ARG F 186 6.31 -65.14 44.98
N CYS F 187 6.98 -64.85 43.86
CA CYS F 187 8.20 -64.07 43.90
C CYS F 187 8.10 -62.67 43.33
N LEU F 188 6.90 -62.11 43.37
CA LEU F 188 6.68 -60.72 43.02
C LEU F 188 6.46 -59.91 44.27
N ASN F 189 7.29 -58.90 44.52
CA ASN F 189 7.04 -57.98 45.63
C ASN F 189 5.58 -57.57 45.61
N PRO F 190 5.09 -56.98 46.70
CA PRO F 190 3.66 -56.64 46.77
C PRO F 190 3.10 -55.77 45.62
N GLY F 191 3.81 -54.72 45.25
CA GLY F 191 3.23 -53.81 44.26
C GLY F 191 3.34 -54.27 42.81
N GLY F 192 3.83 -55.48 42.60
CA GLY F 192 4.48 -55.80 41.34
C GLY F 192 3.62 -56.04 40.12
N ILE F 193 4.27 -56.08 38.96
CA ILE F 193 3.60 -56.30 37.70
C ILE F 193 4.27 -57.40 36.94
N PHE F 194 3.44 -58.19 36.28
CA PHE F 194 3.87 -59.23 35.37
C PHE F 194 3.35 -58.84 34.00
N VAL F 195 4.24 -58.76 33.03
CA VAL F 195 3.81 -58.62 31.64
C VAL F 195 4.40 -59.75 30.79
N ALA F 196 3.63 -60.16 29.80
CA ALA F 196 4.04 -61.22 28.92
C ALA F 196 3.47 -61.02 27.52
N GLN F 197 4.24 -61.51 26.55
CA GLN F 197 3.89 -61.39 25.15
C GLN F 197 2.82 -62.41 24.89
N ASN F 198 1.72 -62.00 24.27
CA ASN F 198 0.57 -62.86 24.17
C ASN F 198 0.04 -62.99 22.75
N GLY F 199 0.91 -62.75 21.76
CA GLY F 199 0.62 -63.11 20.37
C GLY F 199 -0.25 -62.11 19.63
N VAL F 200 -0.36 -62.26 18.32
CA VAL F 200 -1.10 -61.28 17.53
C VAL F 200 -2.56 -61.65 17.63
N CYS F 201 -3.42 -60.65 17.73
CA CYS F 201 -4.80 -60.89 18.16
C CYS F 201 -5.81 -61.00 17.04
N PHE F 202 -5.43 -60.70 15.81
CA PHE F 202 -6.42 -60.67 14.73
C PHE F 202 -7.04 -62.00 14.43
N LEU F 203 -6.23 -62.99 14.17
CA LEU F 203 -6.73 -64.29 13.79
C LEU F 203 -7.53 -65.03 14.84
N GLN F 204 -7.03 -65.01 16.05
CA GLN F 204 -7.58 -65.77 17.16
C GLN F 204 -7.39 -65.03 18.48
N GLN F 205 -8.34 -65.20 19.37
CA GLN F 205 -8.27 -64.59 20.69
C GLN F 205 -8.29 -65.60 21.82
N GLU F 206 -8.25 -66.89 21.49
CA GLU F 206 -8.37 -67.92 22.51
C GLU F 206 -7.18 -67.83 23.47
N GLU F 207 -6.00 -67.64 22.91
CA GLU F 207 -4.81 -67.43 23.73
C GLU F 207 -4.96 -66.29 24.74
N ALA F 208 -5.53 -65.18 24.29
CA ALA F 208 -5.85 -64.10 25.20
C ALA F 208 -6.84 -64.51 26.29
N ILE F 209 -7.92 -65.22 25.89
CA ILE F 209 -8.98 -65.60 26.83
C ILE F 209 -8.41 -66.51 27.90
N ASP F 210 -7.62 -67.49 27.45
CA ASP F 210 -7.02 -68.45 28.35
C ASP F 210 -6.04 -67.78 29.32
N SER F 211 -5.14 -66.98 28.79
CA SER F 211 -4.24 -66.19 29.62
C SER F 211 -4.96 -65.43 30.69
N HIS F 212 -6.01 -64.71 30.29
CA HIS F 212 -6.79 -63.91 31.24
C HIS F 212 -7.35 -64.79 32.35
N ARG F 213 -7.97 -65.91 31.95
CA ARG F 213 -8.55 -66.82 32.90
C ARG F 213 -7.50 -67.30 33.89
N LYS F 214 -6.36 -67.80 33.40
CA LYS F 214 -5.31 -68.32 34.26
C LYS F 214 -4.74 -67.22 35.15
N LEU F 215 -4.33 -66.10 34.55
CA LEU F 215 -3.74 -65.02 35.35
C LEU F 215 -4.67 -64.55 36.43
N SER F 216 -5.96 -64.59 36.15
CA SER F 216 -6.92 -64.07 37.12
C SER F 216 -6.96 -64.89 38.40
N HIS F 217 -6.48 -66.12 38.34
CA HIS F 217 -6.46 -66.96 39.52
C HIS F 217 -5.42 -66.50 40.52
N TYR F 218 -4.36 -65.89 40.01
CA TYR F 218 -3.26 -65.47 40.85
C TYR F 218 -3.14 -63.96 41.00
N PHE F 219 -3.82 -63.19 40.16
CA PHE F 219 -3.75 -61.74 40.25
C PHE F 219 -5.14 -61.12 40.26
N SER F 220 -5.26 -60.00 40.97
CA SER F 220 -6.54 -59.31 41.13
C SER F 220 -6.84 -58.30 39.99
N ASP F 221 -5.85 -57.96 39.20
CA ASP F 221 -6.07 -57.09 38.05
C ASP F 221 -5.30 -57.60 36.83
N VAL F 222 -6.07 -58.07 35.85
CA VAL F 222 -5.53 -58.78 34.70
C VAL F 222 -6.14 -58.17 33.45
N GLY F 223 -5.29 -57.75 32.52
CA GLY F 223 -5.76 -57.17 31.26
C GLY F 223 -4.66 -57.23 30.23
N PHE F 224 -4.84 -56.46 29.14
CA PHE F 224 -3.87 -56.44 28.05
C PHE F 224 -3.64 -55.05 27.51
N TYR F 225 -2.44 -54.83 27.00
CA TYR F 225 -2.18 -53.67 26.17
C TYR F 225 -1.69 -54.13 24.83
N GLN F 226 -1.43 -53.20 23.93
CA GLN F 226 -1.07 -53.62 22.58
C GLN F 226 -0.15 -52.67 21.83
N ALA F 227 0.49 -53.25 20.83
CA ALA F 227 1.38 -52.52 19.93
C ALA F 227 1.45 -53.37 18.66
N ALA F 228 1.72 -52.72 17.54
CA ALA F 228 1.77 -53.37 16.27
C ALA F 228 3.23 -53.45 15.82
N ILE F 229 3.80 -54.63 15.88
CA ILE F 229 5.17 -54.83 15.45
C ILE F 229 5.13 -55.37 14.01
N PRO F 230 5.74 -54.64 13.05
CA PRO F 230 5.65 -54.94 11.62
C PRO F 230 5.89 -56.42 11.28
N THR F 231 6.90 -56.95 11.97
CA THR F 231 7.47 -58.21 11.63
C THR F 231 6.80 -59.39 12.30
N TYR F 232 5.91 -59.12 13.25
CA TYR F 232 4.95 -60.11 13.73
C TYR F 232 3.63 -59.85 13.01
N TYR F 233 3.42 -60.66 11.98
CA TYR F 233 2.42 -60.43 10.95
C TYR F 233 1.04 -60.55 11.51
N GLY F 234 0.15 -59.64 11.08
CA GLY F 234 -1.29 -59.73 11.39
C GLY F 234 -1.88 -58.67 12.29
N GLY F 235 -1.34 -57.46 12.21
CA GLY F 235 -1.84 -56.35 13.02
C GLY F 235 -1.25 -56.32 14.43
N ILE F 236 -2.10 -55.92 15.39
CA ILE F 236 -1.63 -55.67 16.75
C ILE F 236 -1.31 -56.96 17.49
N MET F 237 -0.36 -56.81 18.40
CA MET F 237 0.08 -57.87 19.29
C MET F 237 -0.40 -57.47 20.68
N THR F 238 -0.56 -58.46 21.53
CA THR F 238 -1.18 -58.24 22.80
C THR F 238 -0.22 -58.61 23.91
N PHE F 239 -0.19 -57.79 24.92
CA PHE F 239 0.72 -58.01 26.01
C PHE F 239 -0.08 -58.21 27.26
N ALA F 240 0.13 -59.33 27.92
CA ALA F 240 -0.61 -59.59 29.14
C ALA F 240 -0.14 -58.64 30.23
N TRP F 241 -1.08 -58.24 31.08
CA TRP F 241 -0.81 -57.37 32.17
C TRP F 241 -1.44 -57.93 33.39
N ALA F 242 -0.61 -58.23 34.40
CA ALA F 242 -1.13 -58.85 35.63
C ALA F 242 -0.47 -58.26 36.86
N THR F 243 -1.32 -57.92 37.85
CA THR F 243 -0.88 -57.27 39.05
C THR F 243 -1.98 -57.27 40.09
N ASP F 244 -1.58 -57.18 41.36
CA ASP F 244 -2.53 -57.01 42.46
C ASP F 244 -2.85 -55.52 42.68
N ASN F 245 -2.06 -54.65 42.07
CA ASN F 245 -2.27 -53.19 42.16
C ASN F 245 -3.20 -52.68 41.03
N ASP F 246 -4.49 -52.58 41.35
CA ASP F 246 -5.46 -52.37 40.28
C ASP F 246 -5.48 -50.94 39.78
N ALA F 247 -4.65 -50.07 40.36
CA ALA F 247 -4.51 -48.67 39.92
C ALA F 247 -3.62 -48.52 38.72
N LEU F 248 -2.55 -49.31 38.69
CA LEU F 248 -1.43 -49.11 37.76
C LEU F 248 -1.76 -48.96 36.27
N ARG F 249 -2.84 -49.53 35.78
CA ARG F 249 -3.17 -49.28 34.40
C ARG F 249 -4.26 -48.23 34.19
N HIS F 250 -4.59 -47.50 35.24
CA HIS F 250 -5.48 -46.37 35.10
C HIS F 250 -4.80 -45.05 35.47
N LEU F 251 -3.49 -44.99 35.36
CA LEU F 251 -2.80 -43.78 35.70
C LEU F 251 -3.06 -42.72 34.67
N SER F 252 -3.07 -41.47 35.07
CA SER F 252 -3.25 -40.37 34.12
C SER F 252 -2.05 -40.32 33.18
N THR F 253 -2.26 -39.79 31.99
CA THR F 253 -1.14 -39.72 31.08
C THR F 253 -0.17 -38.64 31.66
N GLU F 254 -0.73 -37.65 32.34
CA GLU F 254 0.10 -36.64 33.01
C GLU F 254 1.20 -37.24 33.88
N ILE F 255 0.86 -38.19 34.74
CA ILE F 255 1.83 -38.76 35.67
C ILE F 255 2.92 -39.54 34.91
N ILE F 256 2.51 -40.30 33.91
CA ILE F 256 3.45 -41.07 33.13
C ILE F 256 4.40 -40.09 32.49
N GLN F 257 3.85 -38.98 32.03
CA GLN F 257 4.68 -37.95 31.39
C GLN F 257 5.70 -37.45 32.40
N ALA F 258 5.25 -37.19 33.62
CA ALA F 258 6.18 -36.72 34.66
C ALA F 258 7.33 -37.71 34.85
N ARG F 259 6.98 -38.97 35.04
CA ARG F 259 7.96 -40.01 35.28
C ARG F 259 8.88 -40.18 34.07
N PHE F 260 8.33 -40.06 32.89
CA PHE F 260 9.11 -40.17 31.68
C PHE F 260 10.13 -39.07 31.52
N LEU F 261 9.81 -37.85 31.88
CA LEU F 261 10.72 -36.77 31.63
C LEU F 261 12.00 -37.10 32.32
N ALA F 262 11.94 -37.66 33.51
CA ALA F 262 13.15 -38.16 34.09
C ALA F 262 12.68 -39.35 34.78
N SER F 263 13.40 -40.45 34.73
CA SER F 263 14.62 -40.59 34.01
C SER F 263 14.34 -40.46 32.57
N GLY F 264 15.26 -39.78 31.91
CA GLY F 264 15.08 -39.27 30.59
C GLY F 264 15.32 -40.26 29.52
N LEU F 265 14.34 -41.11 29.33
CA LEU F 265 14.39 -42.03 28.27
C LEU F 265 14.24 -41.25 27.02
N LYS F 266 14.84 -41.73 25.97
CA LYS F 266 14.66 -41.15 24.68
C LYS F 266 14.34 -42.34 23.87
N CYS F 267 13.06 -42.58 23.64
CA CYS F 267 12.65 -43.76 22.93
C CYS F 267 12.35 -43.44 21.48
N ARG F 268 12.07 -44.48 20.71
CA ARG F 268 11.82 -44.34 19.32
C ARG F 268 10.43 -44.74 18.91
N TYR F 269 9.72 -45.45 19.78
CA TYR F 269 8.31 -45.72 19.57
C TYR F 269 7.56 -45.20 20.75
N TYR F 270 7.97 -45.64 21.94
CA TYR F 270 7.32 -45.26 23.18
C TYR F 270 7.23 -43.78 23.44
N ASN F 271 6.11 -43.37 24.01
CA ASN F 271 5.97 -42.07 24.66
C ASN F 271 4.74 -42.12 25.52
N PRO F 272 4.50 -41.14 26.37
CA PRO F 272 3.34 -41.28 27.29
C PRO F 272 1.97 -41.35 26.64
N ALA F 273 1.76 -40.62 25.55
CA ALA F 273 0.52 -40.83 24.75
C ALA F 273 0.37 -42.30 24.37
N ILE F 274 1.44 -42.89 23.86
CA ILE F 274 1.36 -44.22 23.34
C ILE F 274 1.02 -45.17 24.50
N HIS F 275 1.65 -44.89 25.62
CA HIS F 275 1.55 -45.74 26.81
C HIS F 275 0.08 -45.81 27.23
N THR F 276 -0.54 -44.65 27.39
CA THR F 276 -1.93 -44.64 27.73
C THR F 276 -2.80 -45.27 26.66
N ALA F 277 -2.53 -44.99 25.40
CA ALA F 277 -3.37 -45.48 24.34
C ALA F 277 -3.20 -46.97 24.16
N ALA F 278 -2.00 -47.47 24.49
CA ALA F 278 -1.74 -48.90 24.41
C ALA F 278 -2.83 -49.78 25.04
N PHE F 279 -3.52 -49.27 26.05
CA PHE F 279 -4.51 -50.04 26.78
C PHE F 279 -5.91 -50.03 26.15
N ALA F 280 -6.13 -49.19 25.14
CA ALA F 280 -7.36 -49.23 24.38
C ALA F 280 -7.31 -50.42 23.45
N LEU F 281 -8.26 -51.35 23.61
CA LEU F 281 -8.32 -52.55 22.82
C LEU F 281 -9.45 -52.49 21.79
N PRO F 282 -9.19 -52.99 20.58
CA PRO F 282 -10.22 -53.02 19.55
C PRO F 282 -11.38 -53.86 19.97
N GLN F 283 -12.53 -53.53 19.43
CA GLN F 283 -13.78 -54.05 19.95
C GLN F 283 -13.85 -55.58 19.95
N TYR F 284 -13.40 -56.19 18.86
CA TYR F 284 -13.46 -57.65 18.78
C TYR F 284 -12.70 -58.30 19.94
N LEU F 285 -11.59 -57.71 20.34
CA LEU F 285 -10.83 -58.32 21.42
C LEU F 285 -11.62 -58.25 22.71
N GLN F 286 -12.30 -57.14 22.94
CA GLN F 286 -12.99 -56.95 24.20
C GLN F 286 -14.17 -57.87 24.25
N ASP F 287 -14.90 -57.87 23.14
CA ASP F 287 -16.06 -58.70 22.94
C ASP F 287 -15.72 -60.12 23.21
N ALA F 288 -14.52 -60.48 22.83
CA ALA F 288 -14.05 -61.83 22.89
C ALA F 288 -13.96 -62.17 24.33
N LEU F 289 -14.16 -61.19 25.18
CA LEU F 289 -14.24 -61.52 26.59
C LEU F 289 -15.66 -61.30 27.12
N ALA F 290 -16.35 -62.40 27.34
CA ALA F 290 -17.69 -62.39 27.87
C ALA F 290 -17.64 -62.44 29.39
N SER F 291 -17.25 -61.32 30.01
CA SER F 291 -17.05 -61.29 31.46
C SER F 291 -18.09 -60.47 32.20
N GLN F 292 -18.61 -61.06 33.28
CA GLN F 292 -19.57 -60.40 34.13
C GLN F 292 -19.08 -59.00 34.42
N LYS G 11 -9.76 57.80 -43.97
CA LYS G 11 -10.63 56.67 -43.52
C LYS G 11 -9.97 55.92 -42.39
N GLN G 12 -10.75 55.66 -41.32
CA GLN G 12 -10.26 55.08 -40.06
C GLN G 12 -10.31 53.53 -40.03
N TRP G 13 -9.91 52.94 -38.90
CA TRP G 13 -10.05 51.50 -38.64
C TRP G 13 -10.25 51.26 -37.15
N HIS G 14 -11.28 50.51 -36.79
CA HIS G 14 -11.65 50.34 -35.41
C HIS G 14 -11.29 48.92 -34.96
N GLU G 15 -10.76 48.80 -33.74
CA GLU G 15 -10.60 47.51 -33.12
C GLU G 15 -11.97 47.06 -32.63
N THR G 16 -12.23 45.75 -32.75
CA THR G 16 -13.52 45.16 -32.40
C THR G 16 -13.41 44.17 -31.26
N LEU G 17 -12.29 44.18 -30.55
CA LEU G 17 -12.08 43.20 -29.52
C LEU G 17 -13.22 43.24 -28.53
N HIS G 18 -13.61 44.45 -28.09
CA HIS G 18 -14.77 44.60 -27.20
C HIS G 18 -15.90 45.32 -27.92
N ASP G 19 -17.13 44.99 -27.59
CA ASP G 19 -18.30 45.64 -28.18
C ASP G 19 -18.56 47.04 -27.63
N GLN G 20 -18.15 47.30 -26.39
CA GLN G 20 -18.53 48.51 -25.69
C GLN G 20 -17.58 49.68 -25.86
N PHE G 21 -16.38 49.40 -26.32
CA PHE G 21 -15.37 50.44 -26.46
C PHE G 21 -14.20 49.87 -27.25
N GLY G 22 -13.33 50.75 -27.74
CA GLY G 22 -12.12 50.29 -28.40
C GLY G 22 -11.13 51.39 -28.69
N GLN G 23 -10.10 51.02 -29.41
CA GLN G 23 -9.14 51.97 -29.97
C GLN G 23 -9.38 52.01 -31.49
N TYR G 24 -9.09 53.15 -32.10
CA TYR G 24 -9.15 53.26 -33.54
C TYR G 24 -7.92 54.00 -34.08
N PHE G 25 -7.66 53.83 -35.38
CA PHE G 25 -6.50 54.42 -36.05
C PHE G 25 -6.85 54.98 -37.42
N ALA G 26 -6.26 56.12 -37.74
CA ALA G 26 -6.30 56.63 -39.10
C ALA G 26 -5.52 55.64 -39.97
N VAL G 27 -6.01 55.42 -41.18
CA VAL G 27 -5.27 54.63 -42.16
C VAL G 27 -4.67 55.55 -43.23
N ASP G 28 -3.34 55.53 -43.34
CA ASP G 28 -2.65 56.28 -44.38
C ASP G 28 -2.54 55.45 -45.65
N ASN G 29 -2.51 54.13 -45.49
CA ASN G 29 -2.32 53.21 -46.61
C ASN G 29 -2.45 51.75 -46.18
N VAL G 30 -3.29 50.97 -46.85
CA VAL G 30 -3.40 49.53 -46.54
C VAL G 30 -2.39 48.77 -47.36
N LEU G 31 -1.51 48.06 -46.69
CA LEU G 31 -0.49 47.24 -47.35
C LEU G 31 -1.01 45.86 -47.73
N TYR G 32 -1.97 45.36 -46.94
CA TYR G 32 -2.52 44.02 -47.15
C TYR G 32 -3.91 43.90 -46.53
N HIS G 33 -4.82 43.20 -47.19
CA HIS G 33 -6.13 42.91 -46.63
C HIS G 33 -6.67 41.62 -47.22
N GLU G 34 -7.06 40.69 -46.35
CA GLU G 34 -7.72 39.47 -46.76
C GLU G 34 -8.99 39.25 -45.96
N GLN G 39 -9.41 33.64 -40.61
CA GLN G 39 -8.10 34.25 -40.63
C GLN G 39 -8.14 35.60 -41.31
N ASP G 40 -9.02 36.50 -40.92
CA ASP G 40 -9.07 37.70 -41.69
C ASP G 40 -7.97 38.61 -41.27
N LEU G 41 -6.75 38.19 -41.53
CA LEU G 41 -5.56 38.96 -41.20
C LEU G 41 -5.38 40.16 -42.11
N ILE G 42 -4.81 41.24 -41.62
CA ILE G 42 -4.63 42.42 -42.45
C ILE G 42 -3.50 43.32 -42.00
N ILE G 43 -3.19 44.36 -42.77
CA ILE G 43 -2.14 45.30 -42.38
C ILE G 43 -2.27 46.68 -42.98
N PHE G 44 -1.92 47.72 -42.24
CA PHE G 44 -1.96 49.08 -42.77
C PHE G 44 -0.98 49.97 -42.04
N GLU G 45 -0.65 51.10 -42.64
CA GLU G 45 0.26 52.04 -42.01
C GLU G 45 -0.57 53.12 -41.35
N ASN G 46 -0.13 53.52 -40.18
CA ASN G 46 -0.74 54.61 -39.44
C ASN G 46 0.41 55.55 -39.07
N ALA G 47 0.17 56.86 -39.13
CA ALA G 47 1.21 57.86 -38.78
C ALA G 47 1.84 57.65 -37.40
N ALA G 48 1.06 57.31 -36.39
CA ALA G 48 1.55 57.24 -35.04
C ALA G 48 2.30 55.94 -34.79
N PHE G 49 1.65 54.81 -35.10
CA PHE G 49 2.14 53.49 -34.67
C PHE G 49 2.81 52.68 -35.78
N GLY G 50 2.98 53.28 -36.95
CA GLY G 50 3.58 52.58 -38.07
C GLY G 50 2.68 51.48 -38.57
N ARG G 51 3.28 50.35 -38.96
CA ARG G 51 2.52 49.22 -39.50
C ARG G 51 1.73 48.49 -38.40
N VAL G 52 0.45 48.23 -38.64
CA VAL G 52 -0.42 47.65 -37.64
C VAL G 52 -0.94 46.36 -38.25
N MET G 53 -0.75 45.24 -37.55
CA MET G 53 -1.39 43.98 -37.93
C MET G 53 -2.63 43.70 -37.07
N ALA G 54 -3.72 43.26 -37.70
CA ALA G 54 -4.96 43.01 -36.98
C ALA G 54 -5.59 41.78 -37.56
N LEU G 55 -6.11 40.94 -36.69
CA LEU G 55 -6.76 39.71 -37.12
C LEU G 55 -8.15 39.59 -36.50
N ASP G 56 -9.15 39.48 -37.36
CA ASP G 56 -10.54 39.40 -36.95
C ASP G 56 -10.84 40.58 -36.01
N GLY G 57 -10.34 41.76 -36.39
CA GLY G 57 -10.71 43.01 -35.75
C GLY G 57 -9.95 43.28 -34.48
N VAL G 58 -9.00 42.42 -34.16
CA VAL G 58 -8.25 42.54 -32.91
C VAL G 58 -6.72 42.82 -33.19
N VAL G 59 -6.19 43.93 -32.66
CA VAL G 59 -4.83 44.34 -32.98
C VAL G 59 -3.87 43.31 -32.40
N GLN G 60 -3.01 42.77 -33.25
CA GLN G 60 -2.04 41.76 -32.85
C GLN G 60 -0.72 42.43 -32.45
N THR G 61 -0.27 43.35 -33.27
CA THR G 61 1.03 43.98 -33.07
C THR G 61 1.13 45.29 -33.85
N THR G 62 2.08 46.10 -33.48
CA THR G 62 2.22 47.44 -34.01
C THR G 62 3.69 47.67 -34.10
N GLU G 63 4.14 48.22 -35.25
CA GLU G 63 5.56 48.43 -35.54
C GLU G 63 6.21 49.26 -34.44
N ARG G 64 5.55 50.33 -34.02
CA ARG G 64 6.15 51.34 -33.13
C ARG G 64 6.23 50.97 -31.63
N ASP G 65 5.34 50.10 -31.15
CA ASP G 65 5.31 49.79 -29.73
C ASP G 65 5.59 48.32 -29.36
N GLU G 66 5.79 47.47 -30.35
CA GLU G 66 6.01 46.05 -30.10
C GLU G 66 7.21 45.84 -29.24
N PHE G 67 8.19 46.73 -29.30
CA PHE G 67 9.37 46.59 -28.41
C PHE G 67 9.02 46.43 -26.91
N ILE G 68 8.02 47.17 -26.45
CA ILE G 68 7.68 47.11 -25.05
C ILE G 68 7.27 45.69 -24.75
N TYR G 69 6.34 45.18 -25.54
CA TYR G 69 5.81 43.82 -25.34
C TYR G 69 6.97 42.80 -25.36
N HIS G 70 7.76 42.84 -26.44
CA HIS G 70 8.74 41.80 -26.65
C HIS G 70 9.94 41.94 -25.72
N GLU G 71 10.36 43.14 -25.41
CA GLU G 71 11.43 43.26 -24.44
C GLU G 71 11.03 42.65 -23.12
N MET G 72 9.86 43.02 -22.61
CA MET G 72 9.41 42.62 -21.28
C MET G 72 9.09 41.14 -21.27
N MET G 73 8.71 40.60 -22.43
CA MET G 73 8.37 39.21 -22.43
C MET G 73 9.62 38.33 -22.49
N THR G 74 10.72 38.89 -22.94
CA THR G 74 11.89 38.08 -23.21
C THR G 74 12.98 38.27 -22.16
N HIS G 75 13.23 39.52 -21.77
CA HIS G 75 14.38 39.80 -20.92
C HIS G 75 14.16 39.55 -19.46
N VAL G 76 12.92 39.76 -19.00
CA VAL G 76 12.61 39.57 -17.59
C VAL G 76 12.94 38.15 -17.17
N PRO G 77 12.44 37.15 -17.89
CA PRO G 77 12.82 35.77 -17.53
C PRO G 77 14.26 35.41 -17.86
N LEU G 78 14.71 35.75 -19.06
CA LEU G 78 16.07 35.37 -19.44
C LEU G 78 17.11 35.86 -18.42
N LEU G 79 16.99 37.10 -17.98
CA LEU G 79 17.94 37.65 -17.04
C LEU G 79 17.62 37.26 -15.60
N ALA G 80 16.39 36.85 -15.33
CA ALA G 80 16.06 36.40 -13.96
C ALA G 80 16.64 35.02 -13.82
N HIS G 81 16.35 34.14 -14.79
CA HIS G 81 17.12 32.90 -14.94
C HIS G 81 18.50 33.39 -15.18
N GLY G 82 19.49 32.74 -14.67
CA GLY G 82 20.81 33.30 -14.94
C GLY G 82 21.38 32.93 -16.32
N HIS G 83 21.16 31.67 -16.64
CA HIS G 83 22.01 30.96 -17.53
C HIS G 83 21.16 30.15 -18.51
N ALA G 84 20.27 30.85 -19.21
CA ALA G 84 19.37 30.22 -20.19
C ALA G 84 20.10 29.88 -21.47
N LYS G 85 20.31 28.60 -21.73
CA LYS G 85 21.02 28.15 -22.93
C LYS G 85 20.08 27.74 -24.06
N HIS G 86 18.88 27.26 -23.70
CA HIS G 86 17.88 26.86 -24.70
C HIS G 86 16.49 27.45 -24.43
N VAL G 87 15.95 28.10 -25.44
CA VAL G 87 14.67 28.78 -25.31
C VAL G 87 13.66 28.25 -26.34
N LEU G 88 12.44 28.07 -25.89
CA LEU G 88 11.36 27.70 -26.76
C LEU G 88 10.37 28.86 -26.83
N ILE G 89 10.04 29.29 -28.05
CA ILE G 89 9.01 30.31 -28.25
C ILE G 89 7.79 29.66 -28.81
N ILE G 90 6.66 29.84 -28.15
CA ILE G 90 5.38 29.33 -28.64
C ILE G 90 4.51 30.48 -29.16
N GLY G 91 4.08 30.38 -30.40
CA GLY G 91 3.50 31.53 -31.08
C GLY G 91 4.64 32.39 -31.57
N GLY G 92 4.43 33.70 -31.61
CA GLY G 92 5.47 34.62 -32.06
C GLY G 92 5.86 34.44 -33.53
N GLY G 93 4.85 34.41 -34.39
CA GLY G 93 5.07 34.32 -35.83
C GLY G 93 5.71 35.56 -36.45
N ASP G 94 5.48 36.72 -35.83
CA ASP G 94 6.12 37.97 -36.26
C ASP G 94 7.65 37.95 -36.16
N GLY G 95 8.19 37.22 -35.16
CA GLY G 95 9.63 37.07 -35.01
C GLY G 95 10.26 38.15 -34.15
N ALA G 96 9.45 39.04 -33.61
CA ALA G 96 9.97 40.05 -32.67
C ALA G 96 10.58 39.38 -31.48
N MET G 97 9.88 38.38 -30.96
CA MET G 97 10.40 37.59 -29.84
C MET G 97 11.74 36.94 -30.18
N LEU G 98 11.81 36.33 -31.36
CA LEU G 98 13.08 35.72 -31.79
C LEU G 98 14.18 36.75 -31.85
N ARG G 99 13.86 37.95 -32.33
CA ARG G 99 14.84 39.01 -32.36
C ARG G 99 15.46 39.28 -30.98
N GLU G 100 14.62 39.43 -29.98
CA GLU G 100 15.12 39.80 -28.68
C GLU G 100 15.83 38.65 -28.03
N VAL G 101 15.28 37.44 -28.14
CA VAL G 101 15.99 36.29 -27.58
C VAL G 101 17.39 36.19 -28.18
N THR G 102 17.46 36.40 -29.49
CA THR G 102 18.73 36.46 -30.23
C THR G 102 19.80 37.37 -29.64
N ARG G 103 19.43 38.46 -28.98
CA ARG G 103 20.43 39.40 -28.48
C ARG G 103 21.23 38.90 -27.29
N HIS G 104 20.80 37.79 -26.72
CA HIS G 104 21.56 37.16 -25.67
C HIS G 104 22.64 36.24 -26.23
N LYS G 105 23.88 36.66 -26.12
CA LYS G 105 24.96 35.89 -26.70
C LYS G 105 25.05 34.49 -26.08
N ASN G 106 24.75 34.37 -24.80
CA ASN G 106 24.88 33.10 -24.09
C ASN G 106 23.91 32.02 -24.52
N VAL G 107 22.78 32.40 -25.13
CA VAL G 107 21.79 31.44 -25.59
C VAL G 107 22.39 30.67 -26.73
N GLU G 108 22.25 29.35 -26.72
CA GLU G 108 22.87 28.53 -27.77
C GLU G 108 21.86 27.81 -28.68
N SER G 109 20.60 27.71 -28.28
CA SER G 109 19.56 27.18 -29.20
C SER G 109 18.19 27.83 -28.96
N ILE G 110 17.48 28.13 -30.04
CA ILE G 110 16.16 28.75 -29.97
C ILE G 110 15.18 27.96 -30.84
N THR G 111 14.02 27.64 -30.30
CA THR G 111 13.02 26.96 -31.09
C THR G 111 11.68 27.70 -31.11
N MET G 112 11.15 27.93 -32.29
CA MET G 112 9.85 28.56 -32.45
C MET G 112 8.86 27.52 -32.98
N VAL G 113 7.85 27.18 -32.17
CA VAL G 113 6.76 26.32 -32.60
C VAL G 113 5.62 27.22 -33.05
N GLU G 114 5.07 26.96 -34.23
CA GLU G 114 4.03 27.81 -34.81
C GLU G 114 2.99 27.00 -35.58
N ILE G 115 1.76 27.51 -35.56
CA ILE G 115 0.62 26.79 -36.09
C ILE G 115 0.77 26.47 -37.57
N ASP G 116 1.30 27.41 -38.36
CA ASP G 116 1.66 27.10 -39.75
C ASP G 116 2.79 27.97 -40.31
N ALA G 117 3.51 27.43 -41.31
CA ALA G 117 4.66 28.10 -41.92
C ALA G 117 4.27 29.33 -42.73
N GLY G 118 2.96 29.46 -43.02
CA GLY G 118 2.44 30.62 -43.74
C GLY G 118 2.48 31.90 -42.94
N VAL G 119 1.97 31.83 -41.73
CA VAL G 119 1.94 33.02 -40.86
C VAL G 119 3.34 33.63 -40.58
N VAL G 120 4.41 32.84 -40.69
CA VAL G 120 5.74 33.37 -40.40
C VAL G 120 6.31 34.10 -41.62
N SER G 121 6.31 33.45 -42.81
CA SER G 121 6.89 34.06 -44.03
C SER G 121 6.02 35.24 -44.49
N PHE G 122 4.75 35.24 -44.11
CA PHE G 122 3.89 36.41 -44.31
C PHE G 122 4.21 37.64 -43.48
N CYS G 123 4.47 37.43 -42.21
CA CYS G 123 5.01 38.48 -41.35
C CYS G 123 6.43 38.85 -41.73
N ARG G 124 7.18 37.88 -42.20
CA ARG G 124 8.54 38.14 -42.66
C ARG G 124 8.50 39.19 -43.76
N GLN G 125 7.51 39.10 -44.66
CA GLN G 125 7.41 40.00 -45.80
C GLN G 125 6.89 41.37 -45.38
N TYR G 126 5.80 41.39 -44.62
CA TYR G 126 5.08 42.63 -44.35
C TYR G 126 5.51 43.33 -43.07
N LEU G 127 6.04 42.58 -42.11
CA LEU G 127 6.57 43.15 -40.86
C LEU G 127 8.05 42.80 -40.72
N PRO G 128 8.86 43.32 -41.66
CA PRO G 128 10.28 42.95 -41.66
C PRO G 128 11.06 43.46 -40.44
N ASN G 129 10.58 44.52 -39.79
CA ASN G 129 11.29 45.09 -38.64
C ASN G 129 11.02 44.36 -37.34
N HIS G 130 10.04 43.47 -37.35
CA HIS G 130 9.79 42.62 -36.19
C HIS G 130 10.91 41.62 -36.07
N ASN G 131 11.12 40.82 -37.11
CA ASN G 131 12.20 39.83 -37.07
C ASN G 131 13.57 40.52 -37.16
N ALA G 132 13.69 41.55 -37.99
CA ALA G 132 14.92 42.33 -38.12
C ALA G 132 16.10 41.44 -38.46
N GLY G 133 15.92 40.55 -39.42
CA GLY G 133 16.99 39.66 -39.88
C GLY G 133 17.26 38.50 -38.97
N SER G 134 16.51 38.43 -37.89
CA SER G 134 16.67 37.44 -36.80
C SER G 134 16.54 35.98 -37.25
N TYR G 135 15.78 35.72 -38.32
CA TYR G 135 15.58 34.36 -38.82
C TYR G 135 16.84 33.72 -39.44
N ASP G 136 17.78 34.56 -39.86
CA ASP G 136 19.07 34.11 -40.37
C ASP G 136 20.01 33.60 -39.28
N ASP G 137 19.65 33.77 -38.01
CA ASP G 137 20.51 33.40 -36.89
C ASP G 137 20.77 31.89 -36.88
N PRO G 138 22.05 31.49 -36.81
CA PRO G 138 22.48 30.10 -36.79
C PRO G 138 21.75 29.19 -35.76
N ARG G 139 21.43 29.74 -34.59
CA ARG G 139 20.91 28.94 -33.48
C ARG G 139 19.42 28.68 -33.61
N PHE G 140 18.79 29.27 -34.61
CA PHE G 140 17.33 29.19 -34.72
C PHE G 140 16.78 27.93 -35.42
N LYS G 141 15.68 27.41 -34.90
CA LYS G 141 14.96 26.31 -35.55
C LYS G 141 13.46 26.58 -35.51
N LEU G 142 12.81 26.50 -36.66
CA LEU G 142 11.35 26.64 -36.74
C LEU G 142 10.70 25.26 -36.84
N VAL G 143 9.66 25.08 -36.04
CA VAL G 143 8.81 23.91 -36.09
C VAL G 143 7.37 24.36 -36.38
N ILE G 144 6.69 23.59 -37.21
CA ILE G 144 5.28 23.84 -37.52
C ILE G 144 4.49 22.75 -36.86
N ASP G 145 3.71 23.13 -35.88
CA ASP G 145 2.94 22.15 -35.12
C ASP G 145 2.04 22.88 -34.14
N ASP G 146 1.07 22.16 -33.63
CA ASP G 146 0.31 22.60 -32.47
C ASP G 146 1.25 22.69 -31.26
N GLY G 147 1.13 23.77 -30.49
CA GLY G 147 1.96 23.97 -29.31
C GLY G 147 1.69 22.97 -28.19
N VAL G 148 0.44 22.55 -28.06
CA VAL G 148 0.07 21.60 -27.03
C VAL G 148 0.56 20.20 -27.40
N ASN G 149 0.61 19.91 -28.70
CA ASN G 149 1.10 18.64 -29.22
C ASN G 149 2.63 18.49 -29.01
N PHE G 150 3.32 19.59 -28.78
CA PHE G 150 4.67 19.57 -28.21
C PHE G 150 4.61 19.33 -26.61
N VAL G 151 3.68 18.45 -26.27
CA VAL G 151 3.71 17.60 -25.09
C VAL G 151 4.30 16.26 -25.55
N ASN G 152 4.57 16.14 -26.86
CA ASN G 152 5.39 15.03 -27.41
C ASN G 152 6.90 15.26 -27.29
N GLN G 153 7.35 16.51 -27.44
CA GLN G 153 8.77 16.89 -27.29
C GLN G 153 9.42 16.28 -28.46
N THR G 154 10.66 16.56 -28.80
CA THR G 154 11.44 15.51 -29.57
C THR G 154 12.38 14.89 -28.53
N SER G 155 11.81 14.69 -27.34
CA SER G 155 12.55 14.55 -26.10
C SER G 155 13.34 15.83 -25.87
N GLN G 156 12.89 16.93 -26.49
CA GLN G 156 13.60 18.19 -26.36
C GLN G 156 13.29 18.83 -25.00
N THR G 157 14.14 19.79 -24.62
CA THR G 157 14.24 20.20 -23.23
C THR G 157 14.79 21.64 -23.13
N PHE G 158 14.08 22.52 -22.41
CA PHE G 158 14.39 23.98 -22.43
C PHE G 158 14.55 24.65 -21.08
N ASP G 159 15.15 25.84 -21.09
CA ASP G 159 15.40 26.61 -19.87
C ASP G 159 14.43 27.76 -19.70
N VAL G 160 13.93 28.26 -20.82
CA VAL G 160 12.83 29.23 -20.78
C VAL G 160 11.84 28.87 -21.87
N ILE G 161 10.55 28.97 -21.57
CA ILE G 161 9.49 28.83 -22.59
C ILE G 161 8.71 30.12 -22.61
N ILE G 162 8.58 30.74 -23.78
CA ILE G 162 7.80 31.97 -23.87
C ILE G 162 6.58 31.72 -24.73
N SER G 163 5.38 31.93 -24.15
CA SER G 163 4.13 31.64 -24.85
C SER G 163 3.32 32.89 -25.15
N ASP G 164 2.70 32.91 -26.33
CA ASP G 164 1.72 33.93 -26.69
C ASP G 164 0.39 33.68 -26.07
N CYS G 165 0.16 32.44 -25.64
CA CYS G 165 -1.18 31.98 -25.32
C CYS G 165 -1.21 31.09 -24.10
N THR G 166 -2.44 30.80 -23.64
CA THR G 166 -2.63 30.09 -22.37
C THR G 166 -3.88 29.28 -22.37
N ASP G 167 -3.88 28.19 -21.58
CA ASP G 167 -4.97 27.22 -21.52
C ASP G 167 -6.25 28.00 -21.28
N PRO G 168 -7.14 28.02 -22.27
CA PRO G 168 -8.19 29.01 -22.20
C PRO G 168 -9.21 28.69 -21.12
N ILE G 169 -9.83 29.75 -20.61
CA ILE G 169 -10.89 29.65 -19.61
C ILE G 169 -12.21 29.31 -20.32
N GLY G 170 -13.04 28.48 -19.69
CA GLY G 170 -14.28 28.02 -20.33
C GLY G 170 -15.18 27.21 -19.42
N PRO G 171 -16.39 26.90 -19.89
CA PRO G 171 -17.47 26.46 -19.02
C PRO G 171 -17.38 24.99 -18.55
N GLY G 172 -17.11 24.08 -19.47
CA GLY G 172 -16.90 22.70 -19.05
C GLY G 172 -15.42 22.41 -18.95
N GLU G 173 -14.61 23.47 -19.07
CA GLU G 173 -13.20 23.29 -19.12
C GLU G 173 -12.70 22.81 -17.71
N SER G 174 -11.62 22.02 -17.68
CA SER G 174 -11.03 21.52 -16.44
C SER G 174 -10.59 22.71 -15.67
N LEU G 175 -10.58 22.58 -14.35
CA LEU G 175 -10.21 23.73 -13.50
C LEU G 175 -8.74 23.76 -13.17
N PHE G 176 -8.14 22.59 -12.91
CA PHE G 176 -6.71 22.50 -12.52
C PHE G 176 -5.80 21.91 -13.60
N THR G 177 -6.38 21.24 -14.60
CA THR G 177 -5.61 20.37 -15.48
C THR G 177 -5.35 21.01 -16.84
N SER G 178 -4.21 20.69 -17.42
CA SER G 178 -3.72 21.35 -18.62
C SER G 178 -2.73 20.46 -19.39
N ALA G 179 -3.17 19.93 -20.53
CA ALA G 179 -2.26 19.12 -21.34
C ALA G 179 -1.08 19.99 -21.76
N PHE G 180 -1.33 21.30 -21.83
CA PHE G 180 -0.32 22.26 -22.19
C PHE G 180 0.69 22.47 -21.07
N TYR G 181 0.26 23.04 -19.96
CA TYR G 181 1.18 23.33 -18.89
C TYR G 181 1.90 22.09 -18.47
N GLU G 182 1.21 20.98 -18.49
CA GLU G 182 1.88 19.72 -18.16
C GLU G 182 2.99 19.41 -19.13
N GLY G 183 2.69 19.55 -20.39
CA GLY G 183 3.70 19.33 -21.38
C GLY G 183 4.76 20.36 -21.16
N CYS G 184 4.35 21.57 -20.90
CA CYS G 184 5.33 22.60 -20.76
C CYS G 184 6.28 22.22 -19.66
N LYS G 185 5.78 21.68 -18.58
CA LYS G 185 6.65 21.25 -17.52
C LYS G 185 7.55 20.07 -17.80
N ARG G 186 7.02 19.04 -18.43
CA ARG G 186 7.77 17.81 -18.64
C ARG G 186 8.94 18.08 -19.50
N CYS G 187 8.79 19.04 -20.41
CA CYS G 187 9.83 19.32 -21.38
C CYS G 187 10.83 20.33 -20.83
N LEU G 188 10.60 20.74 -19.59
CA LEU G 188 11.36 21.83 -19.00
C LEU G 188 12.54 21.39 -18.16
N ASN G 189 13.65 22.11 -18.28
CA ASN G 189 14.83 21.80 -17.50
C ASN G 189 14.53 22.14 -16.07
N PRO G 190 15.34 21.66 -15.15
CA PRO G 190 15.04 21.80 -13.73
C PRO G 190 14.94 23.21 -13.20
N GLY G 191 15.75 24.11 -13.68
CA GLY G 191 15.69 25.47 -13.13
C GLY G 191 14.70 26.40 -13.80
N GLY G 192 13.90 25.86 -14.73
CA GLY G 192 13.35 26.63 -15.84
C GLY G 192 12.19 27.50 -15.50
N ILE G 193 11.92 28.43 -16.42
CA ILE G 193 10.82 29.37 -16.30
C ILE G 193 9.88 29.23 -17.51
N PHE G 194 8.59 29.41 -17.23
CA PHE G 194 7.55 29.54 -18.22
C PHE G 194 6.96 30.92 -18.02
N VAL G 195 6.90 31.71 -19.10
CA VAL G 195 6.14 32.97 -19.08
C VAL G 195 5.12 32.94 -20.20
N ALA G 196 3.98 33.60 -19.95
CA ALA G 196 2.93 33.69 -20.94
C ALA G 196 2.12 35.00 -20.80
N GLN G 197 1.69 35.48 -21.95
CA GLN G 197 0.92 36.71 -22.02
C GLN G 197 -0.47 36.40 -21.48
N ASN G 198 -0.93 37.20 -20.54
CA ASN G 198 -2.16 36.86 -19.80
C ASN G 198 -3.19 37.98 -19.79
N GLY G 199 -3.13 38.84 -20.80
CA GLY G 199 -4.18 39.80 -21.09
C GLY G 199 -4.15 41.03 -20.20
N VAL G 200 -4.96 42.04 -20.53
CA VAL G 200 -4.95 43.30 -19.80
C VAL G 200 -5.85 43.09 -18.60
N CYS G 201 -5.42 43.62 -17.46
CA CYS G 201 -5.99 43.21 -16.19
C CYS G 201 -7.09 44.15 -15.63
N PHE G 202 -7.30 45.30 -16.27
CA PHE G 202 -8.26 46.24 -15.72
C PHE G 202 -9.67 45.73 -15.66
N LEU G 203 -10.22 45.38 -16.80
CA LEU G 203 -11.62 44.99 -16.90
C LEU G 203 -11.98 43.72 -16.21
N GLN G 204 -11.13 42.74 -16.28
CA GLN G 204 -11.39 41.44 -15.69
C GLN G 204 -10.12 40.79 -15.19
N GLN G 205 -10.24 40.01 -14.13
CA GLN G 205 -9.10 39.27 -13.61
C GLN G 205 -9.33 37.76 -13.57
N GLU G 206 -10.44 37.29 -14.13
CA GLU G 206 -10.75 35.87 -14.06
C GLU G 206 -9.68 35.07 -14.81
N GLU G 207 -9.27 35.59 -15.97
CA GLU G 207 -8.20 34.94 -16.71
C GLU G 207 -6.93 34.76 -15.87
N ALA G 208 -6.54 35.80 -15.15
CA ALA G 208 -5.41 35.69 -14.24
C ALA G 208 -5.67 34.65 -13.14
N ILE G 209 -6.86 34.66 -12.52
CA ILE G 209 -7.15 33.72 -11.43
C ILE G 209 -7.04 32.25 -11.93
N ASP G 210 -7.64 32.02 -13.08
CA ASP G 210 -7.64 30.69 -13.67
C ASP G 210 -6.20 30.23 -14.03
N SER G 211 -5.47 31.09 -14.72
CA SER G 211 -4.06 30.81 -15.01
C SER G 211 -3.32 30.40 -13.77
N HIS G 212 -3.46 31.19 -12.73
CA HIS G 212 -2.75 30.93 -11.51
C HIS G 212 -3.13 29.56 -11.03
N ARG G 213 -4.42 29.28 -10.99
CA ARG G 213 -4.89 27.99 -10.47
C ARG G 213 -4.30 26.81 -11.22
N LYS G 214 -4.41 26.85 -12.54
CA LYS G 214 -3.86 25.78 -13.37
C LYS G 214 -2.35 25.70 -13.25
N LEU G 215 -1.66 26.82 -13.44
CA LEU G 215 -0.19 26.78 -13.35
C LEU G 215 0.28 26.16 -12.05
N SER G 216 -0.44 26.44 -10.98
CA SER G 216 0.01 26.02 -9.66
C SER G 216 0.02 24.51 -9.49
N HIS G 217 -0.73 23.82 -10.34
CA HIS G 217 -0.80 22.36 -10.28
C HIS G 217 0.47 21.77 -10.81
N TYR G 218 1.13 22.48 -11.71
CA TYR G 218 2.35 21.97 -12.29
C TYR G 218 3.64 22.68 -11.87
N PHE G 219 3.52 23.86 -11.23
CA PHE G 219 4.68 24.62 -10.77
C PHE G 219 4.54 25.03 -9.33
N SER G 220 5.68 25.13 -8.64
CA SER G 220 5.69 25.45 -7.21
C SER G 220 5.75 26.93 -6.96
N ASP G 221 6.06 27.73 -7.99
CA ASP G 221 6.03 29.16 -7.80
C ASP G 221 5.38 29.74 -9.00
N VAL G 222 4.23 30.40 -8.80
CA VAL G 222 3.39 30.94 -9.85
C VAL G 222 3.02 32.36 -9.44
N GLY G 223 3.25 33.30 -10.36
CA GLY G 223 2.84 34.70 -10.17
C GLY G 223 2.72 35.45 -11.48
N PHE G 224 2.69 36.77 -11.41
CA PHE G 224 2.61 37.63 -12.58
C PHE G 224 3.49 38.82 -12.48
N TYR G 225 3.92 39.33 -13.62
CA TYR G 225 4.53 40.66 -13.70
C TYR G 225 3.76 41.44 -14.71
N GLN G 226 4.09 42.72 -14.86
CA GLN G 226 3.28 43.56 -15.73
C GLN G 226 4.00 44.66 -16.44
N ALA G 227 3.36 45.11 -17.52
CA ALA G 227 3.85 46.19 -18.35
C ALA G 227 2.62 46.78 -19.01
N ALA G 228 2.68 48.05 -19.41
CA ALA G 228 1.56 48.69 -20.09
C ALA G 228 1.95 48.91 -21.53
N ILE G 229 1.32 48.19 -22.45
CA ILE G 229 1.56 48.33 -23.88
C ILE G 229 0.46 49.22 -24.49
N PRO G 230 0.85 50.39 -25.03
CA PRO G 230 -0.11 51.38 -25.51
C PRO G 230 -1.23 50.83 -26.35
N THR G 231 -0.87 49.87 -27.19
CA THR G 231 -1.73 49.34 -28.25
C THR G 231 -2.53 48.11 -27.85
N TYR G 232 -2.28 47.57 -26.65
CA TYR G 232 -3.23 46.68 -26.00
C TYR G 232 -3.95 47.56 -25.00
N TYR G 233 -5.19 47.90 -25.36
CA TYR G 233 -5.94 48.92 -24.67
C TYR G 233 -6.35 48.50 -23.28
N GLY G 234 -6.30 49.42 -22.31
CA GLY G 234 -6.88 49.18 -20.99
C GLY G 234 -5.92 49.07 -19.86
N GLY G 235 -4.84 49.84 -19.93
CA GLY G 235 -3.83 49.84 -18.87
C GLY G 235 -2.83 48.71 -18.94
N ILE G 236 -2.48 48.16 -17.78
CA ILE G 236 -1.42 47.18 -17.70
C ILE G 236 -1.88 45.81 -18.18
N MET G 237 -0.91 45.07 -18.68
CA MET G 237 -1.07 43.72 -19.15
C MET G 237 -0.31 42.86 -18.19
N THR G 238 -0.71 41.62 -18.11
CA THR G 238 -0.17 40.72 -17.12
C THR G 238 0.52 39.53 -17.74
N PHE G 239 1.70 39.22 -17.24
CA PHE G 239 2.46 38.13 -17.77
C PHE G 239 2.55 37.05 -16.71
N ALA G 240 2.12 35.84 -17.05
CA ALA G 240 2.20 34.73 -16.15
C ALA G 240 3.68 34.39 -15.93
N TRP G 241 3.98 33.94 -14.73
CA TRP G 241 5.30 33.53 -14.38
C TRP G 241 5.17 32.20 -13.62
N ALA G 242 5.80 31.17 -14.15
CA ALA G 242 5.71 29.84 -13.53
C ALA G 242 7.05 29.15 -13.56
N THR G 243 7.43 28.61 -12.40
CA THR G 243 8.74 27.98 -12.19
C THR G 243 8.76 27.20 -10.89
N ASP G 244 9.61 26.18 -10.85
CA ASP G 244 9.83 25.43 -9.60
C ASP G 244 10.93 26.08 -8.78
N ASN G 245 11.64 27.07 -9.33
CA ASN G 245 12.68 27.85 -8.65
C ASN G 245 12.05 29.11 -8.00
N ASP G 246 11.72 29.01 -6.72
CA ASP G 246 10.93 30.07 -6.12
C ASP G 246 11.75 31.31 -5.76
N ALA G 247 13.06 31.30 -6.04
CA ALA G 247 13.96 32.45 -5.80
C ALA G 247 13.96 33.46 -6.97
N LEU G 248 13.70 32.97 -8.17
CA LEU G 248 13.95 33.77 -9.38
C LEU G 248 13.22 35.11 -9.48
N ARG G 249 12.07 35.26 -8.84
CA ARG G 249 11.43 36.56 -8.89
C ARG G 249 11.65 37.36 -7.64
N HIS G 250 12.51 36.91 -6.75
CA HIS G 250 12.89 37.74 -5.63
C HIS G 250 14.37 38.13 -5.67
N LEU G 251 14.94 38.16 -6.86
CA LEU G 251 16.33 38.58 -7.01
C LEU G 251 16.42 40.08 -6.71
N SER G 252 17.54 40.48 -6.13
CA SER G 252 17.87 41.89 -5.90
C SER G 252 18.07 42.59 -7.21
N THR G 253 17.72 43.87 -7.24
CA THR G 253 17.82 44.60 -8.49
C THR G 253 19.31 44.72 -8.87
N GLU G 254 20.16 44.77 -7.86
CA GLU G 254 21.62 44.75 -8.05
C GLU G 254 22.08 43.61 -9.00
N ILE G 255 21.70 42.37 -8.69
CA ILE G 255 22.17 41.23 -9.45
C ILE G 255 21.64 41.29 -10.87
N ILE G 256 20.40 41.73 -11.05
CA ILE G 256 19.83 41.88 -12.38
C ILE G 256 20.70 42.87 -13.14
N GLN G 257 21.02 43.96 -12.47
CA GLN G 257 21.84 45.00 -13.05
C GLN G 257 23.18 44.40 -13.50
N ALA G 258 23.78 43.58 -12.65
CA ALA G 258 25.06 42.95 -13.00
C ALA G 258 24.90 42.14 -14.30
N ARG G 259 23.86 41.33 -14.33
CA ARG G 259 23.65 40.44 -15.45
C ARG G 259 23.37 41.21 -16.70
N PHE G 260 22.68 42.33 -16.52
CA PHE G 260 22.38 43.26 -17.59
C PHE G 260 23.64 44.02 -18.13
N LEU G 261 24.62 44.34 -17.30
CA LEU G 261 25.75 45.11 -17.80
C LEU G 261 26.36 44.36 -18.93
N ALA G 262 26.47 43.06 -18.81
CA ALA G 262 26.71 42.25 -19.97
C ALA G 262 26.34 40.87 -19.59
N SER G 263 25.85 40.09 -20.55
CA SER G 263 25.78 40.56 -21.90
C SER G 263 25.00 41.81 -21.90
N GLY G 264 25.54 42.79 -22.61
CA GLY G 264 24.95 44.11 -22.62
C GLY G 264 23.87 44.15 -23.64
N LEU G 265 22.86 44.94 -23.33
CA LEU G 265 21.79 45.15 -24.24
C LEU G 265 21.50 46.59 -24.18
N LYS G 266 21.00 47.13 -25.26
CA LYS G 266 20.53 48.47 -25.22
C LYS G 266 19.10 48.16 -25.47
N CYS G 267 18.28 48.58 -24.55
CA CYS G 267 16.91 48.20 -24.55
C CYS G 267 16.27 49.50 -24.51
N ARG G 268 15.05 49.52 -24.98
CA ARG G 268 14.34 50.78 -25.14
C ARG G 268 13.20 50.96 -24.19
N TYR G 269 12.79 49.87 -23.53
CA TYR G 269 11.90 49.97 -22.40
C TYR G 269 12.57 49.37 -21.17
N TYR G 270 12.96 48.11 -21.30
CA TYR G 270 13.51 47.33 -20.21
C TYR G 270 14.71 47.96 -19.59
N ASN G 271 14.80 47.81 -18.29
CA ASN G 271 16.02 48.05 -17.55
C ASN G 271 15.85 47.38 -16.18
N PRO G 272 16.94 47.25 -15.40
CA PRO G 272 16.77 46.47 -14.15
C PRO G 272 15.79 47.04 -13.13
N ALA G 273 15.65 48.37 -13.06
CA ALA G 273 14.63 48.99 -12.24
C ALA G 273 13.27 48.53 -12.73
N ILE G 274 13.06 48.55 -14.04
CA ILE G 274 11.77 48.20 -14.56
C ILE G 274 11.48 46.75 -14.21
N HIS G 275 12.51 45.91 -14.32
CA HIS G 275 12.42 44.46 -14.15
C HIS G 275 11.91 44.18 -12.79
N THR G 276 12.61 44.72 -11.83
CA THR G 276 12.16 44.55 -10.45
C THR G 276 10.75 45.07 -10.20
N ALA G 277 10.43 46.24 -10.75
CA ALA G 277 9.18 46.90 -10.42
C ALA G 277 8.06 46.20 -11.12
N ALA G 278 8.38 45.53 -12.23
CA ALA G 278 7.38 44.80 -13.03
C ALA G 278 6.52 43.89 -12.16
N PHE G 279 7.14 43.34 -11.10
CA PHE G 279 6.48 42.37 -10.22
C PHE G 279 5.56 42.96 -9.20
N ALA G 280 5.59 44.29 -9.04
CA ALA G 280 4.62 45.00 -8.18
C ALA G 280 3.28 45.04 -8.89
N LEU G 281 2.25 44.49 -8.25
CA LEU G 281 0.94 44.44 -8.86
C LEU G 281 0.00 45.42 -8.18
N PRO G 282 -0.91 46.00 -8.92
CA PRO G 282 -1.86 46.90 -8.31
C PRO G 282 -2.78 46.15 -7.42
N GLN G 283 -3.34 46.86 -6.45
CA GLN G 283 -4.05 46.23 -5.37
C GLN G 283 -5.22 45.36 -5.82
N TYR G 284 -6.00 45.85 -6.78
CA TYR G 284 -7.14 45.09 -7.27
C TYR G 284 -6.75 43.74 -7.84
N LEU G 285 -5.62 43.69 -8.49
CA LEU G 285 -5.07 42.46 -9.00
C LEU G 285 -4.72 41.46 -7.94
N GLN G 286 -4.20 41.93 -6.81
CA GLN G 286 -3.73 41.03 -5.74
C GLN G 286 -4.92 40.44 -5.02
N ASP G 287 -5.93 41.27 -4.93
CA ASP G 287 -7.15 40.98 -4.26
C ASP G 287 -7.88 39.88 -4.95
N ALA G 288 -7.89 39.94 -6.26
CA ALA G 288 -8.47 38.92 -7.05
C ALA G 288 -7.75 37.63 -6.85
N LEU G 289 -6.43 37.72 -6.83
CA LEU G 289 -5.59 36.57 -6.67
C LEU G 289 -5.50 36.08 -5.27
N ALA G 290 -5.94 36.92 -4.36
CA ALA G 290 -5.83 36.67 -2.95
C ALA G 290 -6.48 35.42 -2.53
N SER G 291 -7.53 35.05 -3.20
CA SER G 291 -8.30 33.90 -2.80
C SER G 291 -7.47 32.64 -2.80
N GLN G 292 -6.55 32.54 -3.72
CA GLN G 292 -5.82 31.32 -3.88
C GLN G 292 -4.99 31.00 -2.69
N PRO G 293 -4.71 29.72 -2.51
CA PRO G 293 -3.86 29.24 -1.42
C PRO G 293 -2.60 30.06 -1.23
N LYS H 11 -24.74 53.71 -31.39
CA LYS H 11 -24.03 55.02 -31.27
C LYS H 11 -22.64 54.91 -30.60
N GLN H 12 -21.59 55.41 -31.29
CA GLN H 12 -20.22 55.52 -30.73
C GLN H 12 -19.93 56.95 -30.29
N TRP H 13 -18.88 57.11 -29.51
CA TRP H 13 -18.30 58.42 -29.20
C TRP H 13 -16.77 58.28 -29.25
N HIS H 14 -16.12 59.15 -30.02
CA HIS H 14 -14.70 59.04 -30.29
C HIS H 14 -13.98 60.15 -29.56
N GLU H 15 -12.82 59.83 -28.97
CA GLU H 15 -11.95 60.85 -28.44
C GLU H 15 -11.23 61.50 -29.63
N THR H 16 -11.03 62.82 -29.54
CA THR H 16 -10.42 63.60 -30.61
C THR H 16 -9.09 64.21 -30.20
N LEU H 17 -8.52 63.74 -29.08
CA LEU H 17 -7.31 64.33 -28.53
C LEU H 17 -6.19 64.32 -29.57
N HIS H 18 -6.05 63.20 -30.27
CA HIS H 18 -5.11 63.12 -31.39
C HIS H 18 -5.80 62.84 -32.72
N ASP H 19 -5.30 63.46 -33.79
CA ASP H 19 -5.91 63.32 -35.11
C ASP H 19 -5.70 61.93 -35.71
N GLN H 20 -4.61 61.28 -35.34
CA GLN H 20 -4.18 60.05 -36.01
C GLN H 20 -4.77 58.76 -35.43
N PHE H 21 -5.26 58.83 -34.21
CA PHE H 21 -5.73 57.64 -33.52
C PHE H 21 -6.47 58.08 -32.26
N GLY H 22 -7.25 57.19 -31.69
CA GLY H 22 -7.91 57.49 -30.43
C GLY H 22 -8.55 56.28 -29.79
N GLN H 23 -9.27 56.53 -28.71
CA GLN H 23 -10.12 55.53 -28.09
C GLN H 23 -11.53 55.93 -28.39
N TYR H 24 -12.43 54.96 -28.43
CA TYR H 24 -13.86 55.23 -28.58
C TYR H 24 -14.70 54.36 -27.63
N PHE H 25 -15.95 54.78 -27.39
CA PHE H 25 -16.86 54.11 -26.45
C PHE H 25 -18.24 54.01 -27.01
N ALA H 26 -18.89 52.90 -26.73
CA ALA H 26 -20.34 52.78 -26.94
C ALA H 26 -21.04 53.76 -25.99
N VAL H 27 -22.12 54.37 -26.46
CA VAL H 27 -22.95 55.18 -25.59
C VAL H 27 -24.24 54.45 -25.28
N ASP H 28 -24.50 54.17 -24.01
CA ASP H 28 -25.74 53.56 -23.59
C ASP H 28 -26.77 54.62 -23.29
N ASN H 29 -26.32 55.81 -22.92
CA ASN H 29 -27.23 56.88 -22.55
C ASN H 29 -26.48 58.16 -22.30
N VAL H 30 -26.92 59.28 -22.90
CA VAL H 30 -26.30 60.59 -22.63
C VAL H 30 -26.99 61.24 -21.45
N LEU H 31 -26.24 61.49 -20.37
CA LEU H 31 -26.79 62.19 -19.22
C LEU H 31 -26.82 63.73 -19.40
N TYR H 32 -25.87 64.27 -20.16
CA TYR H 32 -25.69 65.70 -20.32
C TYR H 32 -24.90 66.01 -21.59
N HIS H 33 -25.29 67.06 -22.31
CA HIS H 33 -24.53 67.51 -23.47
C HIS H 33 -24.73 69.00 -23.70
N GLU H 34 -23.65 69.76 -23.83
CA GLU H 34 -23.70 71.18 -24.13
C GLU H 34 -22.75 71.51 -25.27
N GLN H 39 -17.07 75.85 -26.91
CA GLN H 39 -16.89 74.79 -25.92
C GLN H 39 -17.90 73.61 -26.08
N ASP H 40 -17.43 72.38 -25.82
CA ASP H 40 -18.29 71.20 -25.92
C ASP H 40 -18.05 70.21 -24.78
N LEU H 41 -19.08 70.05 -23.94
CA LEU H 41 -19.02 69.30 -22.71
C LEU H 41 -20.02 68.15 -22.72
N ILE H 42 -19.62 66.96 -22.30
CA ILE H 42 -20.53 65.82 -22.36
C ILE H 42 -20.32 64.86 -21.20
N ILE H 43 -21.41 64.24 -20.76
CA ILE H 43 -21.36 63.12 -19.84
C ILE H 43 -22.30 62.04 -20.32
N PHE H 44 -21.75 60.84 -20.54
CA PHE H 44 -22.58 59.71 -20.95
C PHE H 44 -22.17 58.43 -20.24
N GLU H 45 -23.07 57.46 -20.22
CA GLU H 45 -22.81 56.18 -19.58
C GLU H 45 -22.29 55.20 -20.62
N ASN H 46 -21.27 54.44 -20.24
CA ASN H 46 -20.74 53.38 -21.06
C ASN H 46 -20.62 52.10 -20.23
N ALA H 47 -20.99 50.97 -20.83
CA ALA H 47 -21.03 49.70 -20.07
C ALA H 47 -19.75 49.39 -19.32
N ALA H 48 -18.63 49.66 -19.95
CA ALA H 48 -17.32 49.25 -19.42
C ALA H 48 -16.83 50.23 -18.34
N PHE H 49 -16.81 51.52 -18.66
CA PHE H 49 -16.19 52.54 -17.82
C PHE H 49 -17.16 53.42 -17.06
N GLY H 50 -18.43 53.06 -17.02
CA GLY H 50 -19.42 53.89 -16.36
C GLY H 50 -19.57 55.29 -16.95
N ARG H 51 -19.72 56.30 -16.08
CA ARG H 51 -19.94 57.66 -16.55
C ARG H 51 -18.64 58.21 -17.07
N VAL H 52 -18.68 58.87 -18.22
CA VAL H 52 -17.48 59.37 -18.90
C VAL H 52 -17.67 60.85 -19.15
N MET H 53 -16.78 61.68 -18.60
CA MET H 53 -16.85 63.13 -18.87
C MET H 53 -15.83 63.43 -19.97
N ALA H 54 -16.23 64.29 -20.89
CA ALA H 54 -15.37 64.67 -22.01
C ALA H 54 -15.60 66.12 -22.40
N LEU H 55 -14.50 66.87 -22.60
CA LEU H 55 -14.55 68.29 -22.87
C LEU H 55 -13.77 68.57 -24.14
N ASP H 56 -14.46 69.14 -25.11
CA ASP H 56 -13.86 69.45 -26.41
C ASP H 56 -13.21 68.21 -27.04
N GLY H 57 -13.88 67.07 -26.86
CA GLY H 57 -13.49 65.82 -27.49
C GLY H 57 -12.41 65.05 -26.77
N VAL H 58 -11.99 65.52 -25.59
CA VAL H 58 -10.89 64.89 -24.83
C VAL H 58 -11.41 64.33 -23.49
N VAL H 59 -11.21 63.04 -23.25
CA VAL H 59 -11.75 62.41 -22.03
C VAL H 59 -11.07 63.03 -20.81
N GLN H 60 -11.88 63.50 -19.87
CA GLN H 60 -11.36 64.10 -18.66
C GLN H 60 -11.29 63.09 -17.53
N THR H 61 -12.34 62.30 -17.37
CA THR H 61 -12.40 61.32 -16.30
C THR H 61 -13.46 60.31 -16.60
N THR H 62 -13.39 59.20 -15.87
CA THR H 62 -14.30 58.07 -16.07
C THR H 62 -14.61 57.57 -14.71
N GLU H 63 -15.83 57.12 -14.52
CA GLU H 63 -16.27 56.63 -13.23
C GLU H 63 -15.46 55.43 -12.75
N ARG H 64 -15.18 54.46 -13.64
CA ARG H 64 -14.64 53.16 -13.25
C ARG H 64 -13.14 53.10 -13.06
N ASP H 65 -12.40 54.04 -13.66
CA ASP H 65 -10.93 53.99 -13.58
C ASP H 65 -10.25 55.23 -12.95
N GLU H 66 -11.04 56.21 -12.54
CA GLU H 66 -10.50 57.39 -11.90
C GLU H 66 -9.71 57.05 -10.62
N PHE H 67 -10.10 55.99 -9.94
CA PHE H 67 -9.34 55.59 -8.73
C PHE H 67 -7.84 55.49 -9.01
N ILE H 68 -7.47 54.92 -10.15
CA ILE H 68 -6.05 54.72 -10.41
C ILE H 68 -5.37 56.06 -10.36
N TYR H 69 -5.89 56.97 -11.17
CA TYR H 69 -5.36 58.31 -11.29
C TYR H 69 -5.31 58.99 -9.91
N HIS H 70 -6.45 59.03 -9.23
CA HIS H 70 -6.49 59.80 -8.02
C HIS H 70 -5.74 59.16 -6.90
N GLU H 71 -5.76 57.84 -6.81
CA GLU H 71 -4.97 57.21 -5.75
C GLU H 71 -3.50 57.56 -5.91
N MET H 72 -2.96 57.38 -7.11
CA MET H 72 -1.51 57.50 -7.30
C MET H 72 -1.14 58.97 -7.19
N MET H 73 -2.07 59.85 -7.50
CA MET H 73 -1.70 61.23 -7.48
C MET H 73 -1.67 61.76 -6.04
N THR H 74 -2.38 61.07 -5.16
CA THR H 74 -2.59 61.59 -3.82
C THR H 74 -1.74 60.87 -2.76
N HIS H 75 -1.66 59.55 -2.86
CA HIS H 75 -1.03 58.78 -1.78
C HIS H 75 0.48 58.70 -1.87
N VAL H 76 1.00 58.69 -3.09
CA VAL H 76 2.44 58.62 -3.27
C VAL H 76 3.08 59.79 -2.53
N PRO H 77 2.67 61.01 -2.82
CA PRO H 77 3.30 62.10 -2.08
C PRO H 77 2.92 62.16 -0.61
N LEU H 78 1.64 62.01 -0.31
CA LEU H 78 1.23 62.18 1.09
C LEU H 78 1.96 61.21 1.99
N LEU H 79 2.12 59.95 1.57
CA LEU H 79 2.81 58.98 2.39
C LEU H 79 4.33 59.11 2.28
N ALA H 80 4.84 59.66 1.20
CA ALA H 80 6.29 59.79 1.08
C ALA H 80 6.74 60.92 1.99
N HIS H 81 6.06 62.07 1.89
CA HIS H 81 6.09 63.07 2.95
C HIS H 81 5.58 62.31 4.14
N GLY H 82 6.11 62.54 5.30
CA GLY H 82 5.64 61.73 6.41
C GLY H 82 4.35 62.29 6.97
N HIS H 83 4.33 63.62 7.09
CA HIS H 83 3.50 64.34 8.04
C HIS H 83 2.84 65.54 7.38
N ALA H 84 2.10 65.30 6.32
CA ALA H 84 1.42 66.36 5.59
C ALA H 84 0.19 66.77 6.36
N LYS H 85 0.18 68.00 6.87
CA LYS H 85 -0.97 68.51 7.63
C LYS H 85 -1.87 69.40 6.78
N HIS H 86 -1.31 70.09 5.79
CA HIS H 86 -2.09 70.97 4.91
C HIS H 86 -1.84 70.73 3.44
N VAL H 87 -2.91 70.52 2.69
CA VAL H 87 -2.80 70.16 1.29
C VAL H 87 -3.53 71.20 0.42
N LEU H 88 -2.94 71.51 -0.72
CA LEU H 88 -3.58 72.35 -1.70
C LEU H 88 -3.83 71.53 -2.94
N ILE H 89 -5.07 71.52 -3.42
CA ILE H 89 -5.39 70.89 -4.70
C ILE H 89 -5.67 71.98 -5.73
N ILE H 90 -4.98 71.91 -6.87
CA ILE H 90 -5.20 72.84 -7.97
C ILE H 90 -5.83 72.09 -9.13
N GLY H 91 -6.97 72.58 -9.60
CA GLY H 91 -7.80 71.81 -10.51
C GLY H 91 -8.61 70.90 -9.65
N GLY H 92 -8.93 69.71 -10.17
CA GLY H 92 -9.67 68.69 -9.44
C GLY H 92 -11.09 69.12 -9.08
N GLY H 93 -11.82 69.64 -10.04
CA GLY H 93 -13.21 70.01 -9.83
C GLY H 93 -14.13 68.82 -9.53
N ASP H 94 -13.75 67.65 -10.05
CA ASP H 94 -14.56 66.46 -9.84
C ASP H 94 -14.62 66.05 -8.37
N GLY H 95 -13.57 66.38 -7.62
CA GLY H 95 -13.51 66.12 -6.17
C GLY H 95 -12.97 64.75 -5.80
N ALA H 96 -12.57 63.97 -6.81
CA ALA H 96 -11.98 62.64 -6.57
C ALA H 96 -10.71 62.77 -5.76
N MET H 97 -9.89 63.74 -6.15
CA MET H 97 -8.69 64.08 -5.39
C MET H 97 -9.03 64.48 -3.96
N LEU H 98 -10.05 65.33 -3.78
CA LEU H 98 -10.45 65.70 -2.42
C LEU H 98 -10.82 64.44 -1.62
N ARG H 99 -11.60 63.56 -2.24
CA ARG H 99 -12.00 62.31 -1.57
C ARG H 99 -10.84 61.58 -0.98
N GLU H 100 -9.79 61.37 -1.79
CA GLU H 100 -8.65 60.55 -1.38
C GLU H 100 -7.83 61.29 -0.33
N VAL H 101 -7.59 62.58 -0.55
CA VAL H 101 -6.85 63.35 0.46
C VAL H 101 -7.57 63.23 1.80
N THR H 102 -8.89 63.36 1.73
CA THR H 102 -9.75 63.18 2.90
C THR H 102 -9.49 61.91 3.70
N ARG H 103 -9.02 60.86 3.06
CA ARG H 103 -8.87 59.58 3.75
C ARG H 103 -7.71 59.52 4.73
N HIS H 104 -6.87 60.54 4.72
CA HIS H 104 -5.75 60.64 5.67
C HIS H 104 -6.22 61.39 6.89
N LYS H 105 -6.36 60.67 7.99
CA LYS H 105 -6.85 61.29 9.22
C LYS H 105 -5.94 62.40 9.76
N ASN H 106 -4.64 62.26 9.54
CA ASN H 106 -3.66 63.24 10.01
C ASN H 106 -3.70 64.62 9.34
N VAL H 107 -4.23 64.69 8.11
CA VAL H 107 -4.38 65.96 7.39
C VAL H 107 -5.32 66.80 8.20
N GLU H 108 -5.01 68.07 8.40
CA GLU H 108 -5.93 68.97 9.13
C GLU H 108 -6.53 70.14 8.32
N SER H 109 -6.00 70.44 7.14
CA SER H 109 -6.67 71.39 6.25
C SER H 109 -6.42 71.07 4.79
N ILE H 110 -7.47 71.26 3.97
CA ILE H 110 -7.43 70.99 2.53
C ILE H 110 -7.97 72.19 1.78
N THR H 111 -7.26 72.64 0.76
CA THR H 111 -7.78 73.73 -0.08
C THR H 111 -7.82 73.39 -1.56
N MET H 112 -8.98 73.61 -2.18
CA MET H 112 -9.16 73.41 -3.60
C MET H 112 -9.31 74.77 -4.24
N VAL H 113 -8.37 75.11 -5.11
CA VAL H 113 -8.47 76.29 -5.96
C VAL H 113 -8.97 75.84 -7.32
N GLU H 114 -10.00 76.50 -7.83
CA GLU H 114 -10.63 76.09 -9.08
C GLU H 114 -11.05 77.30 -9.91
N ILE H 115 -11.02 77.13 -11.23
CA ILE H 115 -11.25 78.23 -12.15
C ILE H 115 -12.62 78.89 -11.95
N ASP H 116 -13.66 78.09 -11.74
CA ASP H 116 -14.98 78.64 -11.39
C ASP H 116 -15.86 77.66 -10.57
N ALA H 117 -16.77 78.24 -9.78
CA ALA H 117 -17.63 77.48 -8.87
C ALA H 117 -18.64 76.62 -9.60
N GLY H 118 -18.85 76.92 -10.89
CA GLY H 118 -19.75 76.15 -11.73
C GLY H 118 -19.27 74.73 -11.98
N VAL H 119 -18.01 74.60 -12.39
CA VAL H 119 -17.46 73.29 -12.74
C VAL H 119 -17.50 72.31 -11.57
N VAL H 120 -17.54 72.81 -10.33
CA VAL H 120 -17.54 71.91 -9.17
C VAL H 120 -18.95 71.38 -8.85
N SER H 121 -19.92 72.27 -8.73
CA SER H 121 -21.27 71.85 -8.40
C SER H 121 -21.88 71.08 -9.57
N PHE H 122 -21.37 71.32 -10.77
CA PHE H 122 -21.74 70.54 -11.94
C PHE H 122 -21.35 69.08 -11.77
N CYS H 123 -20.05 68.87 -11.56
CA CYS H 123 -19.48 67.54 -11.29
C CYS H 123 -20.12 66.94 -10.06
N ARG H 124 -20.48 67.78 -9.09
CA ARG H 124 -21.12 67.32 -7.87
C ARG H 124 -22.44 66.64 -8.20
N GLN H 125 -23.13 67.17 -9.20
CA GLN H 125 -24.42 66.64 -9.60
C GLN H 125 -24.32 65.38 -10.46
N TYR H 126 -23.46 65.43 -11.47
CA TYR H 126 -23.40 64.39 -12.51
C TYR H 126 -22.35 63.30 -12.22
N LEU H 127 -21.30 63.62 -11.47
CA LEU H 127 -20.29 62.65 -11.05
C LEU H 127 -20.23 62.60 -9.51
N PRO H 128 -21.31 62.10 -8.89
CA PRO H 128 -21.39 62.12 -7.43
C PRO H 128 -20.42 61.14 -6.79
N ASN H 129 -20.01 60.12 -7.52
CA ASN H 129 -19.12 59.13 -6.95
C ASN H 129 -17.67 59.55 -6.96
N HIS H 130 -17.37 60.63 -7.67
CA HIS H 130 -16.04 61.17 -7.62
C HIS H 130 -15.82 61.77 -6.25
N ASN H 131 -16.65 62.72 -5.86
CA ASN H 131 -16.46 63.38 -4.57
C ASN H 131 -16.82 62.41 -3.43
N ALA H 132 -17.85 61.60 -3.66
CA ALA H 132 -18.32 60.63 -2.66
C ALA H 132 -18.61 61.26 -1.30
N GLY H 133 -19.31 62.38 -1.27
CA GLY H 133 -19.63 63.04 -0.02
C GLY H 133 -18.49 63.81 0.63
N SER H 134 -17.33 63.80 -0.04
CA SER H 134 -16.10 64.42 0.43
C SER H 134 -16.21 65.95 0.67
N TYR H 135 -17.10 66.63 -0.06
CA TYR H 135 -17.23 68.09 0.08
C TYR H 135 -17.77 68.53 1.45
N ASP H 136 -18.49 67.61 2.11
CA ASP H 136 -19.03 67.86 3.44
C ASP H 136 -17.95 67.83 4.53
N ASP H 137 -16.74 67.41 4.18
CA ASP H 137 -15.67 67.27 5.17
C ASP H 137 -15.31 68.59 5.84
N PRO H 138 -15.22 68.60 7.18
CA PRO H 138 -14.95 69.81 7.99
C PRO H 138 -13.66 70.58 7.66
N ARG H 139 -12.65 69.87 7.17
CA ARG H 139 -11.36 70.46 6.90
C ARG H 139 -11.26 71.12 5.51
N PHE H 140 -12.30 71.00 4.71
CA PHE H 140 -12.23 71.46 3.34
C PHE H 140 -12.53 72.94 3.15
N LYS H 141 -11.80 73.58 2.23
CA LYS H 141 -12.09 74.94 1.80
C LYS H 141 -11.98 75.06 0.27
N LEU H 142 -13.03 75.60 -0.36
CA LEU H 142 -13.02 75.88 -1.80
C LEU H 142 -12.68 77.36 -2.04
N VAL H 143 -11.78 77.58 -2.99
CA VAL H 143 -11.47 78.92 -3.48
C VAL H 143 -11.71 78.93 -4.99
N ILE H 144 -12.27 80.04 -5.47
CA ILE H 144 -12.45 80.23 -6.89
C ILE H 144 -11.43 81.25 -7.32
N ASP H 145 -10.51 80.84 -8.17
CA ASP H 145 -9.44 81.72 -8.63
C ASP H 145 -8.56 81.00 -9.64
N ASP H 146 -7.82 81.80 -10.40
CA ASP H 146 -6.73 81.31 -11.21
C ASP H 146 -5.67 80.71 -10.28
N GLY H 147 -5.18 79.53 -10.66
CA GLY H 147 -4.17 78.83 -9.85
C GLY H 147 -2.82 79.54 -9.80
N VAL H 148 -2.48 80.22 -10.89
CA VAL H 148 -1.21 80.93 -10.96
C VAL H 148 -1.30 82.20 -10.13
N ASN H 149 -2.49 82.76 -10.05
CA ASN H 149 -2.74 83.96 -9.26
C ASN H 149 -2.67 83.69 -7.75
N PHE H 150 -2.74 82.42 -7.38
CA PHE H 150 -2.36 81.97 -6.04
C PHE H 150 -0.81 81.86 -5.91
N VAL H 151 -0.15 82.79 -6.61
CA VAL H 151 1.20 83.29 -6.29
C VAL H 151 1.03 84.52 -5.37
N ASN H 152 -0.23 84.90 -5.12
CA ASN H 152 -0.60 85.84 -4.06
C ASN H 152 -0.69 85.20 -2.70
N GLN H 153 -1.16 83.95 -2.63
CA GLN H 153 -1.30 83.22 -1.35
C GLN H 153 -2.41 83.97 -0.59
N THR H 154 -2.92 83.47 0.54
CA THR H 154 -3.47 84.43 1.53
C THR H 154 -2.42 84.47 2.63
N SER H 155 -1.17 84.55 2.21
CA SER H 155 -0.01 84.17 3.00
C SER H 155 -0.15 82.73 3.42
N GLN H 156 -0.95 81.97 2.69
CA GLN H 156 -1.20 80.58 3.04
C GLN H 156 -0.02 79.72 2.64
N THR H 157 0.03 78.52 3.18
CA THR H 157 1.27 77.75 3.23
C THR H 157 0.93 76.25 3.34
N PHE H 158 1.52 75.41 2.48
CA PHE H 158 1.15 73.98 2.40
C PHE H 158 2.31 72.97 2.45
N ASP H 159 1.96 71.71 2.72
CA ASP H 159 2.95 70.63 2.79
C ASP H 159 2.95 69.78 1.52
N VAL H 160 1.80 69.70 0.85
CA VAL H 160 1.72 69.07 -0.47
C VAL H 160 0.83 69.93 -1.36
N ILE H 161 1.23 70.05 -2.63
CA ILE H 161 0.41 70.70 -3.65
C ILE H 161 0.20 69.68 -4.76
N ILE H 162 -1.06 69.44 -5.10
CA ILE H 162 -1.40 68.52 -6.18
C ILE H 162 -2.03 69.33 -7.30
N SER H 163 -1.43 69.34 -8.48
CA SER H 163 -1.96 70.11 -9.56
C SER H 163 -2.67 69.20 -10.52
N ASP H 164 -3.97 69.34 -10.61
CA ASP H 164 -4.73 68.45 -11.45
C ASP H 164 -5.30 69.14 -12.64
N CYS H 165 -4.99 68.58 -13.81
CA CYS H 165 -5.48 69.06 -15.08
C CYS H 165 -5.37 67.92 -16.09
N THR H 177 4.04 76.09 -17.57
CA THR H 177 4.22 77.52 -17.37
C THR H 177 5.04 77.79 -16.14
N SER H 178 6.26 78.25 -16.36
CA SER H 178 7.27 78.42 -15.32
C SER H 178 6.92 79.40 -14.20
N ALA H 179 6.17 80.42 -14.51
CA ALA H 179 5.85 81.38 -13.49
C ALA H 179 5.10 80.71 -12.37
N PHE H 180 4.26 79.76 -12.75
CA PHE H 180 3.43 79.03 -11.82
C PHE H 180 4.14 78.52 -10.60
N TYR H 181 5.03 77.61 -10.89
CA TYR H 181 5.80 76.87 -9.88
C TYR H 181 6.48 77.83 -8.87
N GLU H 182 7.00 79.01 -9.31
CA GLU H 182 7.59 79.92 -8.33
C GLU H 182 6.59 80.18 -7.23
N GLY H 183 5.35 80.44 -7.64
CA GLY H 183 4.25 80.64 -6.71
C GLY H 183 4.14 79.42 -5.84
N CYS H 184 4.11 78.26 -6.47
CA CYS H 184 4.04 77.00 -5.75
C CYS H 184 5.14 76.92 -4.70
N LYS H 185 6.37 77.29 -5.06
CA LYS H 185 7.43 77.19 -4.08
C LYS H 185 7.27 78.23 -2.98
N ARG H 186 6.95 79.48 -3.34
CA ARG H 186 6.80 80.54 -2.33
C ARG H 186 5.93 80.03 -1.20
N CYS H 187 4.90 79.27 -1.53
CA CYS H 187 3.90 78.86 -0.55
C CYS H 187 3.91 77.38 -0.16
N LEU H 188 5.07 76.76 -0.30
CA LEU H 188 5.28 75.40 0.15
C LEU H 188 6.10 75.38 1.42
N ASN H 189 5.56 74.87 2.52
CA ASN H 189 6.35 74.71 3.73
C ASN H 189 7.72 74.09 3.36
N PRO H 190 8.69 74.13 4.28
CA PRO H 190 10.04 73.68 3.93
C PRO H 190 10.17 72.24 3.43
N GLY H 191 9.49 71.29 4.05
CA GLY H 191 9.68 69.91 3.63
C GLY H 191 8.88 69.47 2.40
N GLY H 192 8.21 70.40 1.74
CA GLY H 192 7.03 70.09 0.96
C GLY H 192 7.25 69.48 -0.40
N ILE H 193 6.16 68.96 -0.96
CA ILE H 193 6.18 68.31 -2.27
C ILE H 193 5.15 68.90 -3.19
N PHE H 194 5.54 68.98 -4.45
CA PHE H 194 4.67 69.38 -5.52
C PHE H 194 4.61 68.18 -6.44
N VAL H 195 3.40 67.74 -6.76
CA VAL H 195 3.20 66.77 -7.82
C VAL H 195 2.24 67.33 -8.85
N ALA H 196 2.42 66.94 -10.10
CA ALA H 196 1.51 67.35 -11.15
C ALA H 196 1.43 66.29 -12.24
N GLN H 197 0.28 66.25 -12.88
CA GLN H 197 0.01 65.29 -13.94
C GLN H 197 0.77 65.83 -15.15
N ASN H 198 1.53 64.96 -15.81
CA ASN H 198 2.43 65.40 -16.88
C ASN H 198 2.28 64.62 -18.21
N GLY H 199 1.10 64.03 -18.40
CA GLY H 199 0.72 63.47 -19.70
C GLY H 199 1.29 62.11 -19.98
N VAL H 200 0.80 61.45 -21.02
CA VAL H 200 1.23 60.09 -21.31
C VAL H 200 2.55 60.19 -22.05
N CYS H 201 3.47 59.30 -21.76
CA CYS H 201 4.86 59.52 -22.15
C CYS H 201 5.30 58.78 -23.41
N PHE H 202 4.48 57.91 -23.96
CA PHE H 202 4.89 57.12 -25.12
C PHE H 202 5.17 57.93 -26.36
N LEU H 203 4.23 58.69 -26.85
CA LEU H 203 4.48 59.41 -28.09
C LEU H 203 5.54 60.49 -28.02
N GLN H 204 5.53 61.26 -26.95
CA GLN H 204 6.41 62.43 -26.86
C GLN H 204 6.85 62.61 -25.41
N GLN H 205 8.09 63.08 -25.25
CA GLN H 205 8.66 63.34 -23.94
C GLN H 205 9.08 64.78 -23.73
N GLU H 206 8.75 65.64 -24.68
CA GLU H 206 9.19 67.04 -24.62
C GLU H 206 8.53 67.70 -23.40
N GLU H 207 7.25 67.40 -23.17
CA GLU H 207 6.53 67.92 -22.02
C GLU H 207 7.23 67.57 -20.71
N ALA H 208 7.67 66.31 -20.60
CA ALA H 208 8.47 65.89 -19.46
C ALA H 208 9.79 66.66 -19.38
N ILE H 209 10.50 66.82 -20.49
CA ILE H 209 11.81 67.49 -20.48
C ILE H 209 11.68 68.94 -20.03
N ASP H 210 10.67 69.61 -20.57
CA ASP H 210 10.41 70.99 -20.27
C ASP H 210 10.05 71.14 -18.78
N SER H 211 9.09 70.35 -18.32
CA SER H 211 8.70 70.35 -16.91
C SER H 211 9.89 70.21 -15.99
N HIS H 212 10.74 69.24 -16.30
CA HIS H 212 11.93 69.00 -15.50
C HIS H 212 12.79 70.27 -15.49
N ARG H 213 13.07 70.81 -16.67
CA ARG H 213 13.90 71.99 -16.77
C ARG H 213 13.34 73.15 -15.94
N LYS H 214 12.06 73.44 -16.09
CA LYS H 214 11.42 74.53 -15.35
C LYS H 214 11.40 74.23 -13.84
N LEU H 215 10.89 73.06 -13.44
CA LEU H 215 10.79 72.75 -12.03
C LEU H 215 12.15 72.82 -11.36
N SER H 216 13.22 72.48 -12.10
CA SER H 216 14.56 72.43 -11.48
C SER H 216 15.06 73.80 -11.08
N HIS H 217 14.51 74.86 -11.67
CA HIS H 217 14.89 76.21 -11.32
C HIS H 217 14.41 76.57 -9.93
N TYR H 218 13.31 75.98 -9.48
CA TYR H 218 12.73 76.32 -8.20
C TYR H 218 12.88 75.19 -7.15
N PHE H 219 13.18 73.97 -7.59
CA PHE H 219 13.32 72.84 -6.66
C PHE H 219 14.65 72.14 -6.84
N SER H 220 15.17 71.60 -5.74
CA SER H 220 16.47 70.92 -5.76
C SER H 220 16.35 69.44 -6.11
N ASP H 221 15.14 68.89 -6.09
CA ASP H 221 14.96 67.51 -6.48
C ASP H 221 13.71 67.43 -7.33
N VAL H 222 13.90 67.08 -8.60
CA VAL H 222 12.83 67.03 -9.58
C VAL H 222 12.92 65.72 -10.36
N GLY H 223 11.84 64.98 -10.39
CA GLY H 223 11.77 63.72 -11.12
C GLY H 223 10.33 63.38 -11.46
N PHE H 224 10.09 62.14 -11.85
CA PHE H 224 8.76 61.67 -12.22
C PHE H 224 8.48 60.30 -11.69
N TYR H 225 7.20 60.03 -11.45
CA TYR H 225 6.75 58.65 -11.24
C TYR H 225 5.67 58.36 -12.22
N GLN H 226 5.18 57.12 -12.25
CA GLN H 226 4.22 56.75 -13.28
C GLN H 226 3.19 55.72 -12.89
N ALA H 227 2.13 55.72 -13.68
CA ALA H 227 1.03 54.79 -13.52
C ALA H 227 0.29 54.76 -14.85
N ALA H 228 -0.36 53.65 -15.15
CA ALA H 228 -1.01 53.48 -16.43
C ALA H 228 -2.49 53.49 -16.19
N ILE H 229 -3.11 54.58 -16.65
CA ILE H 229 -4.55 54.79 -16.52
C ILE H 229 -5.23 54.42 -17.84
N PRO H 230 -6.10 53.38 -17.82
CA PRO H 230 -6.65 52.80 -19.03
C PRO H 230 -7.16 53.84 -20.00
N THR H 231 -7.82 54.83 -19.44
CA THR H 231 -8.61 55.79 -20.17
C THR H 231 -7.84 57.01 -20.65
N TYR H 232 -6.60 57.14 -20.18
CA TYR H 232 -5.65 58.06 -20.82
C TYR H 232 -4.79 57.21 -21.72
N TYR H 233 -5.13 57.25 -23.01
CA TYR H 233 -4.65 56.29 -23.98
C TYR H 233 -3.15 56.44 -24.19
N GLY H 234 -2.45 55.31 -24.33
CA GLY H 234 -1.06 55.32 -24.79
C GLY H 234 -0.01 54.85 -23.82
N GLY H 235 -0.39 53.92 -22.94
CA GLY H 235 0.53 53.41 -21.93
C GLY H 235 0.62 54.27 -20.67
N ILE H 236 1.83 54.37 -20.12
CA ILE H 236 2.02 55.02 -18.84
C ILE H 236 1.94 56.53 -18.92
N MET H 237 1.48 57.12 -17.82
CA MET H 237 1.35 58.54 -17.64
C MET H 237 2.41 58.92 -16.65
N THR H 238 2.78 60.17 -16.67
CA THR H 238 3.91 60.61 -15.89
C THR H 238 3.47 61.69 -14.93
N PHE H 239 3.94 61.60 -13.71
CA PHE H 239 3.60 62.57 -12.69
C PHE H 239 4.86 63.28 -12.26
N ALA H 240 4.85 64.61 -12.37
CA ALA H 240 6.03 65.38 -11.96
C ALA H 240 6.16 65.33 -10.47
N TRP H 241 7.40 65.34 -10.00
CA TRP H 241 7.70 65.28 -8.59
C TRP H 241 8.71 66.33 -8.32
N ALA H 242 8.38 67.27 -7.44
CA ALA H 242 9.32 68.38 -7.15
C ALA H 242 9.32 68.71 -5.67
N THR H 243 10.52 68.85 -5.13
CA THR H 243 10.72 69.07 -3.72
C THR H 243 12.15 69.46 -3.43
N ASP H 244 12.34 70.17 -2.32
CA ASP H 244 13.70 70.49 -1.85
C ASP H 244 14.23 69.38 -0.96
N ASN H 245 13.37 68.44 -0.58
CA ASN H 245 13.76 67.29 0.26
C ASN H 245 14.15 66.12 -0.63
N ASP H 246 15.45 65.97 -0.88
CA ASP H 246 15.89 65.03 -1.90
C ASP H 246 15.87 63.58 -1.42
N ALA H 247 15.47 63.35 -0.16
CA ALA H 247 15.30 61.98 0.39
C ALA H 247 13.99 61.31 0.06
N LEU H 248 12.95 62.13 -0.08
CA LEU H 248 11.58 61.66 -0.12
C LEU H 248 11.29 60.61 -1.17
N ARG H 249 11.99 60.62 -2.30
CA ARG H 249 11.69 59.59 -3.28
C ARG H 249 12.70 58.49 -3.28
N HIS H 250 13.49 58.41 -2.23
CA HIS H 250 14.34 57.26 -2.05
C HIS H 250 14.06 56.57 -0.74
N LEU H 251 12.82 56.66 -0.26
CA LEU H 251 12.45 55.97 0.97
C LEU H 251 12.35 54.49 0.71
N SER H 252 12.76 53.68 1.69
CA SER H 252 12.61 52.24 1.62
C SER H 252 11.16 51.86 1.55
N THR H 253 10.90 50.73 0.93
CA THR H 253 9.49 50.34 0.76
C THR H 253 8.95 49.96 2.16
N GLU H 254 9.86 49.50 3.00
CA GLU H 254 9.54 49.18 4.40
C GLU H 254 8.86 50.34 5.14
N ILE H 255 9.46 51.52 5.05
CA ILE H 255 8.90 52.67 5.75
C ILE H 255 7.53 53.06 5.19
N ILE H 256 7.38 53.02 3.89
CA ILE H 256 6.09 53.39 3.28
C ILE H 256 5.07 52.42 3.83
N GLN H 257 5.43 51.17 3.93
CA GLN H 257 4.50 50.18 4.41
C GLN H 257 4.07 50.48 5.79
N ALA H 258 4.99 50.93 6.60
CA ALA H 258 4.66 51.25 7.96
C ALA H 258 3.67 52.35 8.06
N ARG H 259 3.91 53.40 7.29
CA ARG H 259 3.06 54.54 7.24
C ARG H 259 1.73 54.12 6.70
N PHE H 260 1.74 53.25 5.72
CA PHE H 260 0.54 52.72 5.14
C PHE H 260 -0.29 51.91 6.11
N LEU H 261 0.33 51.21 7.05
CA LEU H 261 -0.46 50.37 7.95
C LEU H 261 -1.44 51.22 8.70
N ALA H 262 -1.06 52.42 9.09
CA ALA H 262 -2.03 53.40 9.48
C ALA H 262 -1.36 54.67 9.10
N SER H 263 -2.08 55.67 8.65
CA SER H 263 -3.52 55.64 8.55
C SER H 263 -3.80 54.61 7.59
N GLY H 264 -4.83 53.87 7.89
CA GLY H 264 -5.15 52.64 7.26
C GLY H 264 -6.00 52.74 6.06
N LEU H 265 -5.42 53.18 4.98
CA LEU H 265 -6.15 53.25 3.77
C LEU H 265 -6.34 51.86 3.33
N LYS H 266 -7.43 51.63 2.65
CA LYS H 266 -7.62 50.43 1.88
C LYS H 266 -7.85 50.95 0.45
N CYS H 267 -6.81 50.90 -0.37
CA CYS H 267 -6.88 51.43 -1.70
C CYS H 267 -7.20 50.28 -2.64
N ARG H 268 -7.36 50.63 -3.91
CA ARG H 268 -7.70 49.68 -4.91
C ARG H 268 -6.69 49.53 -6.01
N TYR H 269 -5.76 50.46 -6.10
CA TYR H 269 -4.60 50.31 -6.98
C TYR H 269 -3.34 50.43 -6.15
N TYR H 270 -3.26 51.51 -5.38
CA TYR H 270 -2.09 51.81 -4.57
C TYR H 270 -1.77 50.74 -3.55
N ASN H 271 -0.48 50.52 -3.40
CA ASN H 271 0.09 49.82 -2.26
C ASN H 271 1.58 50.16 -2.19
N PRO H 272 2.25 49.81 -1.11
CA PRO H 272 3.65 50.28 -1.02
C PRO H 272 4.60 49.72 -2.10
N ALA H 273 4.40 48.47 -2.53
CA ALA H 273 5.17 47.97 -3.68
C ALA H 273 4.95 48.86 -4.90
N ILE H 274 3.71 49.24 -5.15
CA ILE H 274 3.41 50.02 -6.33
C ILE H 274 4.08 51.38 -6.19
N HIS H 275 4.05 51.92 -4.98
CA HIS H 275 4.57 53.23 -4.68
C HIS H 275 6.04 53.25 -5.05
N THR H 276 6.79 52.36 -4.47
CA THR H 276 8.18 52.30 -4.78
C THR H 276 8.39 52.15 -6.29
N ALA H 277 7.67 51.23 -6.91
CA ALA H 277 7.93 50.86 -8.30
C ALA H 277 7.56 51.98 -9.22
N ALA H 278 6.59 52.76 -8.78
CA ALA H 278 6.13 53.90 -9.57
C ALA H 278 7.31 54.75 -10.07
N PHE H 279 8.40 54.81 -9.33
CA PHE H 279 9.52 55.67 -9.67
C PHE H 279 10.51 55.05 -10.68
N ALA H 280 10.35 53.78 -11.02
CA ALA H 280 11.15 53.15 -12.07
C ALA H 280 10.57 53.59 -13.41
N LEU H 281 11.39 54.23 -14.23
CA LEU H 281 10.94 54.78 -15.50
C LEU H 281 11.52 53.98 -16.63
N PRO H 282 10.72 53.76 -17.68
CA PRO H 282 11.19 53.02 -18.82
C PRO H 282 12.34 53.73 -19.46
N GLN H 283 13.17 52.96 -20.16
CA GLN H 283 14.44 53.46 -20.62
C GLN H 283 14.35 54.67 -21.56
N TYR H 284 13.39 54.65 -22.48
CA TYR H 284 13.27 55.75 -23.41
C TYR H 284 13.03 57.06 -22.67
N LEU H 285 12.26 57.03 -21.60
CA LEU H 285 11.99 58.26 -20.95
C LEU H 285 13.26 58.80 -20.42
N GLN H 286 14.04 57.94 -19.78
CA GLN H 286 15.26 58.38 -19.14
C GLN H 286 16.27 58.85 -20.14
N ASP H 287 16.41 58.09 -21.21
CA ASP H 287 17.39 58.44 -22.18
C ASP H 287 16.91 59.79 -22.55
N ALA H 288 15.60 59.96 -22.57
CA ALA H 288 15.03 61.20 -22.99
C ALA H 288 15.55 62.32 -22.14
N LEU H 289 15.71 62.13 -20.86
CA LEU H 289 16.24 63.25 -20.09
C LEU H 289 17.62 62.94 -19.53
S SO4 I . 26.99 -40.95 9.94
O1 SO4 I . 25.80 -40.77 10.70
O2 SO4 I . 27.88 -39.85 10.17
O3 SO4 I . 27.59 -42.18 10.36
O4 SO4 I . 26.64 -40.98 8.56
S SO4 J . 39.35 -20.60 -14.15
O1 SO4 J . 39.15 -19.48 -15.01
O2 SO4 J . 38.11 -20.84 -13.48
O3 SO4 J . 39.69 -21.75 -14.94
O4 SO4 J . 40.40 -20.31 -13.21
S SO4 K . 42.89 -23.75 3.16
O1 SO4 K . 43.09 -22.48 3.83
O2 SO4 K . 41.57 -23.79 2.57
O3 SO4 K . 43.09 -24.85 4.06
O4 SO4 K . 43.90 -23.93 2.16
S SO4 L . 5.89 -24.56 -4.32
O1 SO4 L . 5.12 -24.41 -5.56
O2 SO4 L . 5.22 -25.50 -3.44
O3 SO4 L . 7.23 -25.04 -4.63
O4 SO4 L . 5.99 -23.26 -3.66
S SO4 M . 12.94 -23.68 18.85
O1 SO4 M . 12.03 -24.37 18.00
O2 SO4 M . 14.21 -24.34 18.78
O3 SO4 M . 13.10 -22.30 18.51
O4 SO4 M . 12.48 -23.77 20.19
S SO4 N . 44.64 -15.22 9.11
O1 SO4 N . 45.59 -15.06 8.06
O2 SO4 N . 44.07 -16.54 9.04
O3 SO4 N . 45.33 -15.02 10.33
O4 SO4 N . 43.62 -14.24 8.97
S SO4 O . -25.24 44.21 -2.99
O1 SO4 O . -26.34 43.83 -2.18
O2 SO4 O . -25.63 44.95 -4.16
O3 SO4 O . -24.37 45.03 -2.24
O4 SO4 O . -24.57 43.03 -3.40
S SO4 P . -44.49 16.20 -3.66
O1 SO4 P . -44.63 14.81 -3.37
O2 SO4 P . -44.43 16.94 -2.42
O3 SO4 P . -43.30 16.35 -4.44
O4 SO4 P . -45.60 16.69 -4.44
S SO4 Q . -17.87 43.80 -24.72
O1 SO4 Q . -19.26 43.30 -24.64
O2 SO4 Q . -17.72 45.25 -24.46
O3 SO4 Q . -16.99 43.17 -23.76
O4 SO4 Q . -17.38 43.40 -26.05
S SO4 R . -49.63 27.37 -30.88
O1 SO4 R . -50.69 27.24 -31.84
O2 SO4 R . -49.86 28.59 -30.13
O3 SO4 R . -49.66 26.20 -30.02
O4 SO4 R . -48.34 27.49 -31.52
S SO4 S . -27.30 21.47 -15.30
O1 SO4 S . -28.58 20.82 -15.29
O2 SO4 S . -27.36 22.51 -14.31
O3 SO4 S . -26.22 20.58 -14.94
O4 SO4 S . -27.09 22.07 -16.60
S SO4 T . -10.36 19.38 -13.39
O1 SO4 T . -10.69 18.69 -14.62
O2 SO4 T . -11.48 20.22 -12.96
O3 SO4 T . -10.20 18.41 -12.31
O4 SO4 T . -9.14 20.18 -13.65
S SO4 U . -38.30 25.26 18.05
O1 SO4 U . -39.54 24.54 18.13
O2 SO4 U . -38.35 26.40 18.89
O3 SO4 U . -37.24 24.38 18.46
O4 SO4 U . -38.06 25.66 16.69
S SO4 V . -6.73 32.27 6.78
O1 SO4 V . -7.19 31.04 7.35
O2 SO4 V . -5.97 32.93 7.77
O3 SO4 V . -5.90 32.06 5.66
O4 SO4 V . -7.88 33.03 6.51
S SO4 W . 2.99 7.79 -4.45
O1 SO4 W . 2.10 6.62 -4.41
O2 SO4 W . 4.34 7.34 -4.82
O3 SO4 W . 3.05 8.45 -3.15
O4 SO4 W . 2.55 8.73 -5.48
S SO4 X . -20.33 16.50 40.93
O1 SO4 X . -19.83 15.50 40.01
O2 SO4 X . -20.84 15.85 42.10
O3 SO4 X . -19.23 17.37 41.29
O4 SO4 X . -21.42 17.24 40.31
S SO4 Y . 0.48 -30.67 17.07
O1 SO4 Y . -0.34 -31.34 18.03
O2 SO4 Y . 0.08 -29.30 16.92
O3 SO4 Y . 1.83 -30.78 17.52
O4 SO4 Y . 0.37 -31.33 15.82
S SO4 Z . 11.48 -52.02 -2.10
O1 SO4 Z . 10.41 -51.56 -1.32
O2 SO4 Z . 12.58 -51.18 -2.05
O3 SO4 Z . 11.89 -53.27 -1.58
O4 SO4 Z . 11.07 -52.03 -3.44
S SO4 AA . -21.03 -55.80 10.25
O1 SO4 AA . -21.13 -56.77 9.20
O2 SO4 AA . -21.63 -56.34 11.44
O3 SO4 AA . -19.64 -55.58 10.49
O4 SO4 AA . -21.67 -54.58 9.84
S SO4 BA . -13.71 -22.93 11.62
O1 SO4 BA . -14.20 -23.85 10.60
O2 SO4 BA . -14.52 -23.10 12.80
O3 SO4 BA . -12.35 -23.25 11.99
O4 SO4 BA . -13.75 -21.58 11.10
S SO4 CA . -11.58 -54.81 33.06
O1 SO4 CA . -11.84 -56.01 32.34
O2 SO4 CA . -12.07 -54.95 34.39
O3 SO4 CA . -10.15 -54.61 33.13
O4 SO4 CA . -12.15 -53.68 32.39
S SO4 DA . 18.67 -46.00 20.25
O1 SO4 DA . 18.70 -47.43 20.42
O2 SO4 DA . 17.33 -45.51 20.45
O3 SO4 DA . 19.59 -45.40 21.18
O4 SO4 DA . 19.05 -45.69 18.91
S SO4 EA . -7.33 -73.51 33.49
O1 SO4 EA . -6.37 -74.44 32.95
O2 SO4 EA . -8.58 -74.19 33.64
O3 SO4 EA . -6.89 -73.02 34.77
O4 SO4 EA . -7.52 -72.40 32.58
S SO4 FA . 8.52 -64.76 20.14
O1 SO4 FA . 8.35 -65.85 21.08
O2 SO4 FA . 7.44 -63.83 20.32
O3 SO4 FA . 9.81 -64.16 20.45
O4 SO4 FA . 8.40 -65.22 18.78
S SO4 GA . 2.78 35.36 -3.39
O1 SO4 GA . 2.16 34.91 -4.59
O2 SO4 GA . 1.82 35.30 -2.34
O3 SO4 GA . 3.88 34.52 -3.08
O4 SO4 GA . 3.16 36.70 -3.64
S SO4 HA . -6.90 41.13 -24.27
O1 SO4 HA . -7.80 40.20 -24.90
O2 SO4 HA . -7.58 42.34 -23.88
O3 SO4 HA . -6.41 40.52 -23.08
O4 SO4 HA . -5.78 41.42 -25.14
S SO4 IA . -3.27 39.60 -27.80
O1 SO4 IA . -4.18 38.69 -27.18
O2 SO4 IA . -2.79 40.50 -26.80
O3 SO4 IA . -2.14 38.93 -28.40
O4 SO4 IA . -3.95 40.36 -28.82
S SO4 JA . 14.41 23.38 -9.00
O1 SO4 JA . 14.12 22.13 -9.71
O2 SO4 JA . 13.58 23.52 -7.81
O3 SO4 JA . 15.81 23.42 -8.59
O4 SO4 JA . 14.17 24.51 -9.91
S SO4 KA . 16.11 48.42 -31.93
O1 SO4 KA . 16.53 47.17 -32.50
O2 SO4 KA . 14.73 48.30 -31.49
O3 SO4 KA . 16.92 48.75 -30.79
O4 SO4 KA . 16.22 49.48 -32.89
S SO4 LA . -13.76 52.88 -2.64
O1 SO4 LA . -14.94 52.10 -2.77
O2 SO4 LA . -14.06 54.18 -2.12
O3 SO4 LA . -12.89 52.23 -1.70
O4 SO4 LA . -13.13 52.98 -3.92
S SO4 MA . 17.71 61.49 -10.93
O1 SO4 MA . 18.64 60.48 -11.38
O2 SO4 MA . 16.64 60.90 -10.15
O3 SO4 MA . 18.38 62.50 -10.13
O4 SO4 MA . 17.12 62.13 -12.09
#